data_1LOY
# 
_entry.id   1LOY 
# 
_audit_conform.dict_name       mmcif_pdbx.dic 
_audit_conform.dict_version    5.399 
_audit_conform.dict_location   http://mmcif.pdb.org/dictionaries/ascii/mmcif_pdbx.dic 
# 
loop_
_database_2.database_id 
_database_2.database_code 
_database_2.pdbx_database_accession 
_database_2.pdbx_DOI 
PDB   1LOY         pdb_00001loy 10.2210/pdb1loy/pdb 
RCSB  RCSB016147   ?            ?                   
WWPDB D_1000016147 ?            ?                   
# 
loop_
_pdbx_audit_revision_history.ordinal 
_pdbx_audit_revision_history.data_content_type 
_pdbx_audit_revision_history.major_revision 
_pdbx_audit_revision_history.minor_revision 
_pdbx_audit_revision_history.revision_date 
1 'Structure model' 1 0 2002-08-21 
2 'Structure model' 1 1 2008-04-28 
3 'Structure model' 1 2 2011-07-13 
4 'Structure model' 1 3 2021-10-27 
5 'Structure model' 1 4 2023-08-16 
6 'Structure model' 1 5 2024-11-20 
# 
_pdbx_audit_revision_details.ordinal             1 
_pdbx_audit_revision_details.revision_ordinal    1 
_pdbx_audit_revision_details.data_content_type   'Structure model' 
_pdbx_audit_revision_details.provider            repository 
_pdbx_audit_revision_details.type                'Initial release' 
_pdbx_audit_revision_details.description         ? 
_pdbx_audit_revision_details.details             ? 
# 
loop_
_pdbx_audit_revision_group.ordinal 
_pdbx_audit_revision_group.revision_ordinal 
_pdbx_audit_revision_group.data_content_type 
_pdbx_audit_revision_group.group 
1 2 'Structure model' 'Version format compliance' 
2 3 'Structure model' 'Version format compliance' 
3 4 'Structure model' 'Database references'       
4 4 'Structure model' 'Derived calculations'      
5 5 'Structure model' 'Data collection'           
6 5 'Structure model' 'Refinement description'    
7 6 'Structure model' 'Structure summary'         
# 
loop_
_pdbx_audit_revision_category.ordinal 
_pdbx_audit_revision_category.revision_ordinal 
_pdbx_audit_revision_category.data_content_type 
_pdbx_audit_revision_category.category 
1  4 'Structure model' database_2                    
2  4 'Structure model' pdbx_struct_conn_angle        
3  4 'Structure model' struct_conn                   
4  4 'Structure model' struct_ref_seq_dif            
5  4 'Structure model' struct_site                   
6  5 'Structure model' chem_comp_atom                
7  5 'Structure model' chem_comp_bond                
8  5 'Structure model' pdbx_initial_refinement_model 
9  6 'Structure model' pdbx_entry_details            
10 6 'Structure model' pdbx_modification_feature     
# 
loop_
_pdbx_audit_revision_item.ordinal 
_pdbx_audit_revision_item.revision_ordinal 
_pdbx_audit_revision_item.data_content_type 
_pdbx_audit_revision_item.item 
1  4 'Structure model' '_database_2.pdbx_DOI'                        
2  4 'Structure model' '_database_2.pdbx_database_accession'         
3  4 'Structure model' '_pdbx_struct_conn_angle.ptnr1_auth_comp_id'  
4  4 'Structure model' '_pdbx_struct_conn_angle.ptnr1_auth_seq_id'   
5  4 'Structure model' '_pdbx_struct_conn_angle.ptnr1_label_asym_id' 
6  4 'Structure model' '_pdbx_struct_conn_angle.ptnr1_label_atom_id' 
7  4 'Structure model' '_pdbx_struct_conn_angle.ptnr1_label_comp_id' 
8  4 'Structure model' '_pdbx_struct_conn_angle.ptnr1_label_seq_id'  
9  4 'Structure model' '_pdbx_struct_conn_angle.ptnr3_auth_comp_id'  
10 4 'Structure model' '_pdbx_struct_conn_angle.ptnr3_auth_seq_id'   
11 4 'Structure model' '_pdbx_struct_conn_angle.ptnr3_label_asym_id' 
12 4 'Structure model' '_pdbx_struct_conn_angle.ptnr3_label_atom_id' 
13 4 'Structure model' '_pdbx_struct_conn_angle.ptnr3_label_comp_id' 
14 4 'Structure model' '_pdbx_struct_conn_angle.ptnr3_label_seq_id'  
15 4 'Structure model' '_pdbx_struct_conn_angle.value'               
16 4 'Structure model' '_struct_conn.pdbx_dist_value'                
17 4 'Structure model' '_struct_conn.ptnr1_auth_comp_id'             
18 4 'Structure model' '_struct_conn.ptnr1_auth_seq_id'              
19 4 'Structure model' '_struct_conn.ptnr1_label_asym_id'            
20 4 'Structure model' '_struct_conn.ptnr1_label_atom_id'            
21 4 'Structure model' '_struct_conn.ptnr1_label_comp_id'            
22 4 'Structure model' '_struct_conn.ptnr1_label_seq_id'             
23 4 'Structure model' '_struct_conn.ptnr2_auth_comp_id'             
24 4 'Structure model' '_struct_conn.ptnr2_auth_seq_id'              
25 4 'Structure model' '_struct_conn.ptnr2_label_asym_id'            
26 4 'Structure model' '_struct_conn.ptnr2_label_atom_id'            
27 4 'Structure model' '_struct_conn.ptnr2_label_comp_id'            
28 4 'Structure model' '_struct_conn.ptnr2_label_seq_id'             
29 4 'Structure model' '_struct_ref_seq_dif.details'                 
30 4 'Structure model' '_struct_site.pdbx_auth_asym_id'              
31 4 'Structure model' '_struct_site.pdbx_auth_comp_id'              
32 4 'Structure model' '_struct_site.pdbx_auth_seq_id'               
# 
_pdbx_database_status.status_code                     REL 
_pdbx_database_status.entry_id                        1LOY 
_pdbx_database_status.recvd_initial_deposition_date   2002-05-07 
_pdbx_database_status.deposit_site                    RCSB 
_pdbx_database_status.process_site                    RCSB 
_pdbx_database_status.status_code_sf                  REL 
_pdbx_database_status.SG_entry                        . 
_pdbx_database_status.pdb_format_compatible           Y 
_pdbx_database_status.status_code_mr                  ? 
_pdbx_database_status.status_code_cs                  ? 
_pdbx_database_status.status_code_nmr_data            ? 
_pdbx_database_status.methods_development_category    ? 
# 
loop_
_pdbx_database_related.db_name 
_pdbx_database_related.db_id 
_pdbx_database_related.details 
_pdbx_database_related.content_type 
PDB 1RGA 
;RNase T1 H40A complexed with 3'-GMP
;
unspecified 
PDB 1RLS 
;RNase T1 H40A/E58A complexed with 3'-GMP
;
unspecified 
PDB 1LOV 
;X-ray structure of the E58A mutant of Ribonuclease T1 complexed with 3'-guanosine monophosphate
;
unspecified 
PDB 1LOW 
;X-ray structure of the H40A mutant of Ribonuclease T1 complexed with 3'-guanosine monophosphate
;
unspecified 
# 
loop_
_audit_author.name 
_audit_author.pdbx_ordinal 
'Mignon, P.'    1 
'Steyaert, J.'  2 
'Loris, R.'     3 
'Geerlings, P.' 4 
'Loverix, S.'   5 
# 
_citation.id                        primary 
_citation.title                     
'A nucleophile activation dyad in ribonucleases. A combined X-ray crystallographic/ab initio quantum chemical study' 
_citation.journal_abbrev            J.Biol.Chem. 
_citation.journal_volume            277 
_citation.page_first                36770 
_citation.page_last                 36774 
_citation.year                      2002 
_citation.journal_id_ASTM           JBCHA3 
_citation.country                   US 
_citation.journal_id_ISSN           0021-9258 
_citation.journal_id_CSD            0071 
_citation.book_publisher            ? 
_citation.pdbx_database_id_PubMed   12122018 
_citation.pdbx_database_id_DOI      10.1074/jbc.M206461200 
# 
loop_
_citation_author.citation_id 
_citation_author.name 
_citation_author.ordinal 
_citation_author.identifier_ORCID 
primary 'Mignon, P.'    1 ? 
primary 'Steyaert, J.'  2 ? 
primary 'Loris, R.'     3 ? 
primary 'Geerlings, P.' 4 ? 
primary 'Loverix, S.'   5 ? 
# 
loop_
_entity.id 
_entity.type 
_entity.src_method 
_entity.pdbx_description 
_entity.formula_weight 
_entity.pdbx_number_of_molecules 
_entity.pdbx_ec 
_entity.pdbx_mutation 
_entity.pdbx_fragment 
_entity.details 
1 polymer     man 'Guanyl-specific ribonuclease T1' 10969.589 1  3.1.27.3 H40A/E58A ? ? 
2 non-polymer syn 'CALCIUM ION'                     40.078    1  ?        ?         ? ? 
3 non-polymer syn "GUANOSINE-3'-MONOPHOSPHATE"      363.221   1  ?        ?         ? ? 
4 water       nat water                             18.015    71 ?        ?         ? ? 
# 
_entity_name_com.entity_id   1 
_entity_name_com.name        'RNAse T1' 
# 
_entity_poly.entity_id                      1 
_entity_poly.type                           'polypeptide(L)' 
_entity_poly.nstd_linkage                   no 
_entity_poly.nstd_monomer                   no 
_entity_poly.pdbx_seq_one_letter_code       
;ACDYTCGSNCYSSSDVSTAQAAGYKLHEDGETVGSNSYPAKYNNYEGFDFSVSSPYYAWPILSSGDVYSGGSPGADRVVF
NENNQLAGVITHTGASGNNFVECT
;
_entity_poly.pdbx_seq_one_letter_code_can   
;ACDYTCGSNCYSSSDVSTAQAAGYKLHEDGETVGSNSYPAKYNNYEGFDFSVSSPYYAWPILSSGDVYSGGSPGADRVVF
NENNQLAGVITHTGASGNNFVECT
;
_entity_poly.pdbx_strand_id                 A 
_entity_poly.pdbx_target_identifier         ? 
# 
loop_
_pdbx_entity_nonpoly.entity_id 
_pdbx_entity_nonpoly.name 
_pdbx_entity_nonpoly.comp_id 
2 'CALCIUM ION'                CA  
3 "GUANOSINE-3'-MONOPHOSPHATE" 3GP 
4 water                        HOH 
# 
loop_
_entity_poly_seq.entity_id 
_entity_poly_seq.num 
_entity_poly_seq.mon_id 
_entity_poly_seq.hetero 
1 1   ALA n 
1 2   CYS n 
1 3   ASP n 
1 4   TYR n 
1 5   THR n 
1 6   CYS n 
1 7   GLY n 
1 8   SER n 
1 9   ASN n 
1 10  CYS n 
1 11  TYR n 
1 12  SER n 
1 13  SER n 
1 14  SER n 
1 15  ASP n 
1 16  VAL n 
1 17  SER n 
1 18  THR n 
1 19  ALA n 
1 20  GLN n 
1 21  ALA n 
1 22  ALA n 
1 23  GLY n 
1 24  TYR n 
1 25  LYS n 
1 26  LEU n 
1 27  HIS n 
1 28  GLU n 
1 29  ASP n 
1 30  GLY n 
1 31  GLU n 
1 32  THR n 
1 33  VAL n 
1 34  GLY n 
1 35  SER n 
1 36  ASN n 
1 37  SER n 
1 38  TYR n 
1 39  PRO n 
1 40  ALA n 
1 41  LYS n 
1 42  TYR n 
1 43  ASN n 
1 44  ASN n 
1 45  TYR n 
1 46  GLU n 
1 47  GLY n 
1 48  PHE n 
1 49  ASP n 
1 50  PHE n 
1 51  SER n 
1 52  VAL n 
1 53  SER n 
1 54  SER n 
1 55  PRO n 
1 56  TYR n 
1 57  TYR n 
1 58  ALA n 
1 59  TRP n 
1 60  PRO n 
1 61  ILE n 
1 62  LEU n 
1 63  SER n 
1 64  SER n 
1 65  GLY n 
1 66  ASP n 
1 67  VAL n 
1 68  TYR n 
1 69  SER n 
1 70  GLY n 
1 71  GLY n 
1 72  SER n 
1 73  PRO n 
1 74  GLY n 
1 75  ALA n 
1 76  ASP n 
1 77  ARG n 
1 78  VAL n 
1 79  VAL n 
1 80  PHE n 
1 81  ASN n 
1 82  GLU n 
1 83  ASN n 
1 84  ASN n 
1 85  GLN n 
1 86  LEU n 
1 87  ALA n 
1 88  GLY n 
1 89  VAL n 
1 90  ILE n 
1 91  THR n 
1 92  HIS n 
1 93  THR n 
1 94  GLY n 
1 95  ALA n 
1 96  SER n 
1 97  GLY n 
1 98  ASN n 
1 99  ASN n 
1 100 PHE n 
1 101 VAL n 
1 102 GLU n 
1 103 CYS n 
1 104 THR n 
# 
_entity_src_gen.entity_id                          1 
_entity_src_gen.pdbx_src_id                        1 
_entity_src_gen.pdbx_alt_source_flag               sample 
_entity_src_gen.pdbx_seq_type                      ? 
_entity_src_gen.pdbx_beg_seq_num                   ? 
_entity_src_gen.pdbx_end_seq_num                   ? 
_entity_src_gen.gene_src_common_name               ? 
_entity_src_gen.gene_src_genus                     Aspergillus 
_entity_src_gen.pdbx_gene_src_gene                 ? 
_entity_src_gen.gene_src_species                   ? 
_entity_src_gen.gene_src_strain                    ? 
_entity_src_gen.gene_src_tissue                    ? 
_entity_src_gen.gene_src_tissue_fraction           ? 
_entity_src_gen.gene_src_details                   ? 
_entity_src_gen.pdbx_gene_src_fragment             ? 
_entity_src_gen.pdbx_gene_src_scientific_name      'Aspergillus oryzae' 
_entity_src_gen.pdbx_gene_src_ncbi_taxonomy_id     5062 
_entity_src_gen.pdbx_gene_src_variant              ? 
_entity_src_gen.pdbx_gene_src_cell_line            ? 
_entity_src_gen.pdbx_gene_src_atcc                 ? 
_entity_src_gen.pdbx_gene_src_organ                ? 
_entity_src_gen.pdbx_gene_src_organelle            ? 
_entity_src_gen.pdbx_gene_src_cell                 ? 
_entity_src_gen.pdbx_gene_src_cellular_location    ? 
_entity_src_gen.host_org_common_name               ? 
_entity_src_gen.pdbx_host_org_scientific_name      'Escherichia coli' 
_entity_src_gen.pdbx_host_org_ncbi_taxonomy_id     562 
_entity_src_gen.host_org_genus                     Escherichia 
_entity_src_gen.pdbx_host_org_gene                 ? 
_entity_src_gen.pdbx_host_org_organ                ? 
_entity_src_gen.host_org_species                   ? 
_entity_src_gen.pdbx_host_org_tissue               ? 
_entity_src_gen.pdbx_host_org_tissue_fraction      ? 
_entity_src_gen.pdbx_host_org_strain               WK6 
_entity_src_gen.pdbx_host_org_variant              ? 
_entity_src_gen.pdbx_host_org_cell_line            ? 
_entity_src_gen.pdbx_host_org_atcc                 ? 
_entity_src_gen.pdbx_host_org_culture_collection   ? 
_entity_src_gen.pdbx_host_org_cell                 ? 
_entity_src_gen.pdbx_host_org_organelle            ? 
_entity_src_gen.pdbx_host_org_cellular_location    ? 
_entity_src_gen.pdbx_host_org_vector_type          PLASMID 
_entity_src_gen.pdbx_host_org_vector               ? 
_entity_src_gen.host_org_details                   ? 
_entity_src_gen.expression_system_id               ? 
_entity_src_gen.plasmid_name                       pMC 
_entity_src_gen.plasmid_details                    ? 
_entity_src_gen.pdbx_description                   ? 
# 
loop_
_chem_comp.id 
_chem_comp.type 
_chem_comp.mon_nstd_flag 
_chem_comp.name 
_chem_comp.pdbx_synonyms 
_chem_comp.formula 
_chem_comp.formula_weight 
3GP non-polymer         . "GUANOSINE-3'-MONOPHOSPHATE" ? 'C10 H14 N5 O8 P' 363.221 
ALA 'L-peptide linking' y ALANINE                      ? 'C3 H7 N O2'      89.093  
ARG 'L-peptide linking' y ARGININE                     ? 'C6 H15 N4 O2 1'  175.209 
ASN 'L-peptide linking' y ASPARAGINE                   ? 'C4 H8 N2 O3'     132.118 
ASP 'L-peptide linking' y 'ASPARTIC ACID'              ? 'C4 H7 N O4'      133.103 
CA  non-polymer         . 'CALCIUM ION'                ? 'Ca 2'            40.078  
CYS 'L-peptide linking' y CYSTEINE                     ? 'C3 H7 N O2 S'    121.158 
GLN 'L-peptide linking' y GLUTAMINE                    ? 'C5 H10 N2 O3'    146.144 
GLU 'L-peptide linking' y 'GLUTAMIC ACID'              ? 'C5 H9 N O4'      147.129 
GLY 'peptide linking'   y GLYCINE                      ? 'C2 H5 N O2'      75.067  
HIS 'L-peptide linking' y HISTIDINE                    ? 'C6 H10 N3 O2 1'  156.162 
HOH non-polymer         . WATER                        ? 'H2 O'            18.015  
ILE 'L-peptide linking' y ISOLEUCINE                   ? 'C6 H13 N O2'     131.173 
LEU 'L-peptide linking' y LEUCINE                      ? 'C6 H13 N O2'     131.173 
LYS 'L-peptide linking' y LYSINE                       ? 'C6 H15 N2 O2 1'  147.195 
PHE 'L-peptide linking' y PHENYLALANINE                ? 'C9 H11 N O2'     165.189 
PRO 'L-peptide linking' y PROLINE                      ? 'C5 H9 N O2'      115.130 
SER 'L-peptide linking' y SERINE                       ? 'C3 H7 N O3'      105.093 
THR 'L-peptide linking' y THREONINE                    ? 'C4 H9 N O3'      119.119 
TRP 'L-peptide linking' y TRYPTOPHAN                   ? 'C11 H12 N2 O2'   204.225 
TYR 'L-peptide linking' y TYROSINE                     ? 'C9 H11 N O3'     181.189 
VAL 'L-peptide linking' y VALINE                       ? 'C5 H11 N O2'     117.146 
# 
loop_
_pdbx_poly_seq_scheme.asym_id 
_pdbx_poly_seq_scheme.entity_id 
_pdbx_poly_seq_scheme.seq_id 
_pdbx_poly_seq_scheme.mon_id 
_pdbx_poly_seq_scheme.ndb_seq_num 
_pdbx_poly_seq_scheme.pdb_seq_num 
_pdbx_poly_seq_scheme.auth_seq_num 
_pdbx_poly_seq_scheme.pdb_mon_id 
_pdbx_poly_seq_scheme.auth_mon_id 
_pdbx_poly_seq_scheme.pdb_strand_id 
_pdbx_poly_seq_scheme.pdb_ins_code 
_pdbx_poly_seq_scheme.hetero 
A 1 1   ALA 1   1   1   ALA ALA A . n 
A 1 2   CYS 2   2   2   CYS CYS A . n 
A 1 3   ASP 3   3   3   ASP ASP A . n 
A 1 4   TYR 4   4   4   TYR TYR A . n 
A 1 5   THR 5   5   5   THR THR A . n 
A 1 6   CYS 6   6   6   CYS CYS A . n 
A 1 7   GLY 7   7   7   GLY GLY A . n 
A 1 8   SER 8   8   8   SER SER A . n 
A 1 9   ASN 9   9   9   ASN ASN A . n 
A 1 10  CYS 10  10  10  CYS CYS A . n 
A 1 11  TYR 11  11  11  TYR TYR A . n 
A 1 12  SER 12  12  12  SER SER A . n 
A 1 13  SER 13  13  13  SER SER A . n 
A 1 14  SER 14  14  14  SER SER A . n 
A 1 15  ASP 15  15  15  ASP ASP A . n 
A 1 16  VAL 16  16  16  VAL VAL A . n 
A 1 17  SER 17  17  17  SER SER A . n 
A 1 18  THR 18  18  18  THR THR A . n 
A 1 19  ALA 19  19  19  ALA ALA A . n 
A 1 20  GLN 20  20  20  GLN GLN A . n 
A 1 21  ALA 21  21  21  ALA ALA A . n 
A 1 22  ALA 22  22  22  ALA ALA A . n 
A 1 23  GLY 23  23  23  GLY GLY A . n 
A 1 24  TYR 24  24  24  TYR TYR A . n 
A 1 25  LYS 25  25  25  LYS LYS A . n 
A 1 26  LEU 26  26  26  LEU LEU A . n 
A 1 27  HIS 27  27  27  HIS HIS A . n 
A 1 28  GLU 28  28  28  GLU GLU A . n 
A 1 29  ASP 29  29  29  ASP ASP A . n 
A 1 30  GLY 30  30  30  GLY GLY A . n 
A 1 31  GLU 31  31  31  GLU GLU A . n 
A 1 32  THR 32  32  32  THR THR A . n 
A 1 33  VAL 33  33  33  VAL VAL A . n 
A 1 34  GLY 34  34  34  GLY GLY A . n 
A 1 35  SER 35  35  35  SER SER A . n 
A 1 36  ASN 36  36  36  ASN ASN A . n 
A 1 37  SER 37  37  37  SER SER A . n 
A 1 38  TYR 38  38  38  TYR TYR A . n 
A 1 39  PRO 39  39  39  PRO PRO A . n 
A 1 40  ALA 40  40  40  ALA ALA A . n 
A 1 41  LYS 41  41  41  LYS LYS A . n 
A 1 42  TYR 42  42  42  TYR TYR A . n 
A 1 43  ASN 43  43  43  ASN ASN A . n 
A 1 44  ASN 44  44  44  ASN ASN A . n 
A 1 45  TYR 45  45  45  TYR TYR A . n 
A 1 46  GLU 46  46  46  GLU GLU A . n 
A 1 47  GLY 47  47  47  GLY GLY A . n 
A 1 48  PHE 48  48  48  PHE PHE A . n 
A 1 49  ASP 49  49  49  ASP ASP A . n 
A 1 50  PHE 50  50  50  PHE PHE A . n 
A 1 51  SER 51  51  51  SER SER A . n 
A 1 52  VAL 52  52  52  VAL VAL A . n 
A 1 53  SER 53  53  53  SER SER A . n 
A 1 54  SER 54  54  54  SER SER A . n 
A 1 55  PRO 55  55  55  PRO PRO A . n 
A 1 56  TYR 56  56  56  TYR TYR A . n 
A 1 57  TYR 57  57  57  TYR TYR A . n 
A 1 58  ALA 58  58  58  ALA ALA A . n 
A 1 59  TRP 59  59  59  TRP TRP A . n 
A 1 60  PRO 60  60  60  PRO PRO A . n 
A 1 61  ILE 61  61  61  ILE ILE A . n 
A 1 62  LEU 62  62  62  LEU LEU A . n 
A 1 63  SER 63  63  63  SER SER A . n 
A 1 64  SER 64  64  64  SER SER A . n 
A 1 65  GLY 65  65  65  GLY GLY A . n 
A 1 66  ASP 66  66  66  ASP ASP A . n 
A 1 67  VAL 67  67  67  VAL VAL A . n 
A 1 68  TYR 68  68  68  TYR TYR A . n 
A 1 69  SER 69  69  69  SER SER A . n 
A 1 70  GLY 70  70  70  GLY GLY A . n 
A 1 71  GLY 71  71  71  GLY GLY A . n 
A 1 72  SER 72  72  72  SER SER A . n 
A 1 73  PRO 73  73  73  PRO PRO A . n 
A 1 74  GLY 74  74  74  GLY GLY A . n 
A 1 75  ALA 75  75  75  ALA ALA A . n 
A 1 76  ASP 76  76  76  ASP ASP A . n 
A 1 77  ARG 77  77  77  ARG ARG A . n 
A 1 78  VAL 78  78  78  VAL VAL A . n 
A 1 79  VAL 79  79  79  VAL VAL A . n 
A 1 80  PHE 80  80  80  PHE PHE A . n 
A 1 81  ASN 81  81  81  ASN ASN A . n 
A 1 82  GLU 82  82  82  GLU GLU A . n 
A 1 83  ASN 83  83  83  ASN ASN A . n 
A 1 84  ASN 84  84  84  ASN ASN A . n 
A 1 85  GLN 85  85  85  GLN GLN A . n 
A 1 86  LEU 86  86  86  LEU LEU A . n 
A 1 87  ALA 87  87  87  ALA ALA A . n 
A 1 88  GLY 88  88  88  GLY GLY A . n 
A 1 89  VAL 89  89  89  VAL VAL A . n 
A 1 90  ILE 90  90  90  ILE ILE A . n 
A 1 91  THR 91  91  91  THR THR A . n 
A 1 92  HIS 92  92  92  HIS HIS A . n 
A 1 93  THR 93  93  93  THR THR A . n 
A 1 94  GLY 94  94  94  GLY GLY A . n 
A 1 95  ALA 95  95  95  ALA ALA A . n 
A 1 96  SER 96  96  96  SER SER A . n 
A 1 97  GLY 97  97  97  GLY GLY A . n 
A 1 98  ASN 98  98  98  ASN ASN A . n 
A 1 99  ASN 99  99  99  ASN ASN A . n 
A 1 100 PHE 100 100 100 PHE PHE A . n 
A 1 101 VAL 101 101 101 VAL VAL A . n 
A 1 102 GLU 102 102 102 GLU GLU A . n 
A 1 103 CYS 103 103 103 CYS CYS A . n 
A 1 104 THR 104 104 104 THR THR A . n 
# 
loop_
_pdbx_nonpoly_scheme.asym_id 
_pdbx_nonpoly_scheme.entity_id 
_pdbx_nonpoly_scheme.mon_id 
_pdbx_nonpoly_scheme.ndb_seq_num 
_pdbx_nonpoly_scheme.pdb_seq_num 
_pdbx_nonpoly_scheme.auth_seq_num 
_pdbx_nonpoly_scheme.pdb_mon_id 
_pdbx_nonpoly_scheme.auth_mon_id 
_pdbx_nonpoly_scheme.pdb_strand_id 
_pdbx_nonpoly_scheme.pdb_ins_code 
B 2 CA  1  105 105 CA  CA  A . 
C 3 3GP 1  106 106 3GP GMP A . 
D 4 HOH 1  201 201 HOH HOH A . 
D 4 HOH 2  202 202 HOH HOH A . 
D 4 HOH 3  203 203 HOH HOH A . 
D 4 HOH 4  204 204 HOH HOH A . 
D 4 HOH 5  205 205 HOH HOH A . 
D 4 HOH 6  206 206 HOH HOH A . 
D 4 HOH 7  207 207 HOH HOH A . 
D 4 HOH 8  208 208 HOH HOH A . 
D 4 HOH 9  209 209 HOH HOH A . 
D 4 HOH 10 210 210 HOH HOH A . 
D 4 HOH 11 211 211 HOH HOH A . 
D 4 HOH 12 212 212 HOH HOH A . 
D 4 HOH 13 213 213 HOH HOH A . 
D 4 HOH 14 214 214 HOH HOH A . 
D 4 HOH 15 215 215 HOH HOH A . 
D 4 HOH 16 216 216 HOH HOH A . 
D 4 HOH 17 217 217 HOH HOH A . 
D 4 HOH 18 218 218 HOH HOH A . 
D 4 HOH 19 219 219 HOH HOH A . 
D 4 HOH 20 220 220 HOH HOH A . 
D 4 HOH 21 221 221 HOH HOH A . 
D 4 HOH 22 222 222 HOH HOH A . 
D 4 HOH 23 223 223 HOH HOH A . 
D 4 HOH 24 224 224 HOH HOH A . 
D 4 HOH 25 225 225 HOH HOH A . 
D 4 HOH 26 226 226 HOH HOH A . 
D 4 HOH 27 227 227 HOH HOH A . 
D 4 HOH 28 228 228 HOH HOH A . 
D 4 HOH 29 229 229 HOH HOH A . 
D 4 HOH 30 230 230 HOH HOH A . 
D 4 HOH 31 231 231 HOH HOH A . 
D 4 HOH 32 232 232 HOH HOH A . 
D 4 HOH 33 233 233 HOH HOH A . 
D 4 HOH 34 234 234 HOH HOH A . 
D 4 HOH 35 235 235 HOH HOH A . 
D 4 HOH 36 236 236 HOH HOH A . 
D 4 HOH 37 237 237 HOH HOH A . 
D 4 HOH 38 238 238 HOH HOH A . 
D 4 HOH 39 239 239 HOH HOH A . 
D 4 HOH 40 240 240 HOH HOH A . 
D 4 HOH 41 241 241 HOH HOH A . 
D 4 HOH 42 242 242 HOH HOH A . 
D 4 HOH 43 243 243 HOH HOH A . 
D 4 HOH 44 244 244 HOH HOH A . 
D 4 HOH 45 245 245 HOH HOH A . 
D 4 HOH 46 246 246 HOH HOH A . 
D 4 HOH 47 247 247 HOH HOH A . 
D 4 HOH 48 248 248 HOH HOH A . 
D 4 HOH 49 249 249 HOH HOH A . 
D 4 HOH 50 250 250 HOH HOH A . 
D 4 HOH 51 251 251 HOH HOH A . 
D 4 HOH 52 252 252 HOH HOH A . 
D 4 HOH 53 253 253 HOH HOH A . 
D 4 HOH 54 254 254 HOH HOH A . 
D 4 HOH 55 255 255 HOH HOH A . 
D 4 HOH 56 256 256 HOH HOH A . 
D 4 HOH 57 257 257 HOH HOH A . 
D 4 HOH 58 258 258 HOH HOH A . 
D 4 HOH 59 259 259 HOH HOH A . 
D 4 HOH 60 260 260 HOH HOH A . 
D 4 HOH 61 261 261 HOH HOH A . 
D 4 HOH 62 262 262 HOH HOH A . 
D 4 HOH 63 263 263 HOH HOH A . 
D 4 HOH 64 264 264 HOH HOH A . 
D 4 HOH 65 265 265 HOH HOH A . 
D 4 HOH 66 266 266 HOH HOH A . 
D 4 HOH 67 267 267 HOH HOH A . 
D 4 HOH 68 268 268 HOH HOH A . 
D 4 HOH 69 269 269 HOH HOH A . 
D 4 HOH 70 270 270 HOH HOH A . 
D 4 HOH 71 271 271 HOH HOH A . 
# 
loop_
_pdbx_unobs_or_zero_occ_atoms.id 
_pdbx_unobs_or_zero_occ_atoms.PDB_model_num 
_pdbx_unobs_or_zero_occ_atoms.polymer_flag 
_pdbx_unobs_or_zero_occ_atoms.occupancy_flag 
_pdbx_unobs_or_zero_occ_atoms.auth_asym_id 
_pdbx_unobs_or_zero_occ_atoms.auth_comp_id 
_pdbx_unobs_or_zero_occ_atoms.auth_seq_id 
_pdbx_unobs_or_zero_occ_atoms.PDB_ins_code 
_pdbx_unobs_or_zero_occ_atoms.auth_atom_id 
_pdbx_unobs_or_zero_occ_atoms.label_alt_id 
_pdbx_unobs_or_zero_occ_atoms.label_asym_id 
_pdbx_unobs_or_zero_occ_atoms.label_comp_id 
_pdbx_unobs_or_zero_occ_atoms.label_seq_id 
_pdbx_unobs_or_zero_occ_atoms.label_atom_id 
1 1 Y 0 A LYS 25 ? CD  ? A LYS 25 CD  
2 1 Y 0 A LYS 25 ? CE  ? A LYS 25 CE  
3 1 Y 0 A LYS 25 ? NZ  ? A LYS 25 NZ  
4 1 Y 0 A ASN 36 ? CB  ? A ASN 36 CB  
5 1 Y 0 A ASN 36 ? CG  ? A ASN 36 CG  
6 1 Y 0 A ASN 36 ? OD1 ? A ASN 36 OD1 
7 1 Y 0 A ASN 36 ? ND2 ? A ASN 36 ND2 
8 1 Y 0 A LYS 41 ? CE  ? A LYS 41 CE  
9 1 Y 0 A LYS 41 ? NZ  ? A LYS 41 NZ  
# 
loop_
_software.name 
_software.classification 
_software.version 
_software.citation_id 
_software.pdbx_ordinal 
DENZO     'data reduction' . ? 1 
SCALEPACK 'data scaling'   . ? 2 
CNS       refinement       . ? 3 
CNS       phasing          . ? 4 
# 
_cell.entry_id           1LOY 
_cell.length_a           40.023 
_cell.length_b           44.812 
_cell.length_c           50.105 
_cell.angle_alpha        90.0 
_cell.angle_beta         90.0 
_cell.angle_gamma        90.0 
_cell.pdbx_unique_axis   ? 
_cell.Z_PDB              4 
# 
_symmetry.entry_id                         1LOY 
_symmetry.space_group_name_H-M             'P 21 21 21' 
_symmetry.pdbx_full_space_group_name_H-M   ? 
_symmetry.Int_Tables_number                19 
_symmetry.cell_setting                     ? 
# 
_exptl.entry_id          1LOY 
_exptl.method            'X-RAY DIFFRACTION' 
_exptl.crystals_number   1 
# 
_exptl_crystal.id                    1 
_exptl_crystal.density_meas          ? 
_exptl_crystal.density_percent_sol   39.92 
_exptl_crystal.density_Matthews      2.05 
_exptl_crystal.description           ? 
# 
_exptl_crystal_grow.crystal_id      1 
_exptl_crystal_grow.method          'VAPOR DIFFUSION, HANGING DROP' 
_exptl_crystal_grow.temp            293 
_exptl_crystal_grow.temp_details    ? 
_exptl_crystal_grow.pH              4.2 
_exptl_crystal_grow.pdbx_details    'MPD,CaCl2,sodium acetate, pH 4.2, VAPOR DIFFUSION, HANGING DROP, temperature 293K' 
_exptl_crystal_grow.pdbx_pH_range   ? 
# 
_diffrn.id                     1 
_diffrn.ambient_temp           293 
_diffrn.ambient_temp_details   ? 
_diffrn.crystal_id             1 
# 
_diffrn_detector.diffrn_id              1 
_diffrn_detector.detector               'IMAGE PLATE' 
_diffrn_detector.type                   MARRESEARCH 
_diffrn_detector.pdbx_collection_date   2000-10-30 
_diffrn_detector.details                ? 
# 
_diffrn_radiation.diffrn_id                        1 
_diffrn_radiation.wavelength_id                    1 
_diffrn_radiation.pdbx_monochromatic_or_laue_m_l   M 
_diffrn_radiation.monochromator                    Graphite 
_diffrn_radiation.pdbx_diffrn_protocol             'SINGLE WAVELENGTH' 
_diffrn_radiation.pdbx_scattering_type             x-ray 
# 
_diffrn_radiation_wavelength.id           1 
_diffrn_radiation_wavelength.wavelength   1.5418 
_diffrn_radiation_wavelength.wt           1.0 
# 
_diffrn_source.diffrn_id                   1 
_diffrn_source.source                      'ROTATING ANODE' 
_diffrn_source.type                        'RIGAKU RU200' 
_diffrn_source.pdbx_synchrotron_site       ? 
_diffrn_source.pdbx_synchrotron_beamline   ? 
_diffrn_source.pdbx_wavelength             ? 
_diffrn_source.pdbx_wavelength_list        1.5418 
# 
_reflns.entry_id                     1LOY 
_reflns.observed_criterion_sigma_F   ? 
_reflns.observed_criterion_sigma_I   -3.0 
_reflns.d_resolution_high            1.55 
_reflns.d_resolution_low             33.4 
_reflns.number_all                   12848 
_reflns.number_obs                   12848 
_reflns.percent_possible_obs         94.5 
_reflns.pdbx_Rmerge_I_obs            0.059 
_reflns.pdbx_Rsym_value              ? 
_reflns.pdbx_netI_over_sigmaI        ? 
_reflns.B_iso_Wilson_estimate        18.9 
_reflns.pdbx_redundancy              ? 
_reflns.R_free_details               ? 
_reflns.limit_h_max                  ? 
_reflns.limit_h_min                  ? 
_reflns.limit_k_max                  ? 
_reflns.limit_k_min                  ? 
_reflns.limit_l_max                  ? 
_reflns.limit_l_min                  ? 
_reflns.observed_criterion_F_max     ? 
_reflns.observed_criterion_F_min     ? 
_reflns.pdbx_diffrn_id               1 
_reflns.pdbx_ordinal                 1 
# 
_reflns_shell.d_res_high             1.55 
_reflns_shell.d_res_low              1.61 
_reflns_shell.percent_possible_all   89.9 
_reflns_shell.Rmerge_I_obs           0.457 
_reflns_shell.pdbx_Rsym_value        ? 
_reflns_shell.meanI_over_sigI_obs    ? 
_reflns_shell.pdbx_redundancy        ? 
_reflns_shell.percent_possible_obs   ? 
_reflns_shell.number_unique_all      ? 
_reflns_shell.pdbx_diffrn_id         ? 
_reflns_shell.pdbx_ordinal           1 
# 
_refine.entry_id                                 1LOY 
_refine.ls_d_res_high                            1.55 
_refine.ls_d_res_low                             33.4 
_refine.pdbx_ls_sigma_F                          0.001 
_refine.pdbx_ls_sigma_I                          ? 
_refine.ls_number_reflns_all                     12848 
_refine.ls_number_reflns_obs                     12848 
_refine.ls_number_reflns_R_free                  2682 
_refine.ls_percent_reflns_obs                    ? 
_refine.ls_R_factor_all                          0.195 
_refine.ls_R_factor_obs                          0.195 
_refine.ls_R_factor_R_work                       0.189 
_refine.ls_R_factor_R_free                       0.218 
_refine.ls_redundancy_reflns_obs                 ? 
_refine.pdbx_data_cutoff_high_absF               ? 
_refine.pdbx_data_cutoff_low_absF                ? 
_refine.ls_number_parameters                     ? 
_refine.ls_number_restraints                     ? 
_refine.ls_percent_reflns_R_free                 ? 
_refine.ls_R_factor_R_free_error                 ? 
_refine.ls_R_factor_R_free_error_details         ? 
_refine.pdbx_method_to_determine_struct          'MOLECULAR REPLACEMENT' 
_refine.pdbx_starting_model                      'PDB ENTRY 1RGA' 
_refine.pdbx_ls_cross_valid_method               THROUGHOUT 
_refine.pdbx_R_Free_selection_details            Random 
_refine.pdbx_stereochem_target_val_spec_case     ? 
_refine.pdbx_stereochemistry_target_values       'Engh & Huber' 
_refine.solvent_model_details                    ? 
_refine.solvent_model_param_bsol                 ? 
_refine.solvent_model_param_ksol                 ? 
_refine.occupancy_max                            ? 
_refine.occupancy_min                            ? 
_refine.pdbx_isotropic_thermal_model             ? 
_refine.B_iso_mean                               ? 
_refine.aniso_B[1][1]                            ? 
_refine.aniso_B[1][2]                            ? 
_refine.aniso_B[1][3]                            ? 
_refine.aniso_B[2][2]                            ? 
_refine.aniso_B[2][3]                            ? 
_refine.aniso_B[3][3]                            ? 
_refine.details                                  ? 
_refine.B_iso_min                                ? 
_refine.B_iso_max                                ? 
_refine.correlation_coeff_Fo_to_Fc               ? 
_refine.correlation_coeff_Fo_to_Fc_free          ? 
_refine.pdbx_solvent_vdw_probe_radii             ? 
_refine.pdbx_solvent_ion_probe_radii             ? 
_refine.pdbx_solvent_shrinkage_radii             ? 
_refine.overall_SU_R_Cruickshank_DPI             ? 
_refine.overall_SU_R_free                        ? 
_refine.overall_SU_B                             ? 
_refine.overall_SU_ML                            ? 
_refine.pdbx_overall_ESU_R                       ? 
_refine.pdbx_overall_ESU_R_Free                  ? 
_refine.pdbx_data_cutoff_high_rms_absF           ? 
_refine.pdbx_refine_id                           'X-RAY DIFFRACTION' 
_refine.pdbx_diffrn_id                           1 
_refine.pdbx_TLS_residual_ADP_flag               ? 
_refine.pdbx_overall_phase_error                 ? 
_refine.pdbx_overall_SU_R_free_Cruickshank_DPI   ? 
_refine.pdbx_overall_SU_R_Blow_DPI               ? 
_refine.pdbx_overall_SU_R_free_Blow_DPI          ? 
# 
_refine_hist.pdbx_refine_id                   'X-RAY DIFFRACTION' 
_refine_hist.cycle_id                         LAST 
_refine_hist.pdbx_number_atoms_protein        772 
_refine_hist.pdbx_number_atoms_nucleic_acid   0 
_refine_hist.pdbx_number_atoms_ligand         25 
_refine_hist.number_atoms_solvent             71 
_refine_hist.number_atoms_total               868 
_refine_hist.d_res_high                       1.55 
_refine_hist.d_res_low                        33.4 
# 
loop_
_refine_ls_restr.type 
_refine_ls_restr.dev_ideal 
_refine_ls_restr.dev_ideal_target 
_refine_ls_restr.weight 
_refine_ls_restr.number 
_refine_ls_restr.pdbx_refine_id 
_refine_ls_restr.pdbx_restraint_function 
c_bond_d  0.005115 ? ? ? 'X-RAY DIFFRACTION' ? 
c_angle_d 1.41597  ? ? ? 'X-RAY DIFFRACTION' ? 
# 
_struct.entry_id                  1LOY 
_struct.title                     
;X-ray structure of the H40A/E58A mutant of Ribonuclease T1 complexed with 3'-guanosine monophosphate
;
_struct.pdbx_model_details        ? 
_struct.pdbx_CASP_flag            ? 
_struct.pdbx_model_type_details   ? 
# 
_struct_keywords.entry_id        1LOY 
_struct_keywords.pdbx_keywords   HYDROLASE 
_struct_keywords.text            'RNase, catalytic dyad, nucleophile activation, ab initio calculations, HYDROLASE' 
# 
loop_
_struct_asym.id 
_struct_asym.pdbx_blank_PDB_chainid_flag 
_struct_asym.pdbx_modified 
_struct_asym.entity_id 
_struct_asym.details 
A N N 1 ? 
B N N 2 ? 
C N N 3 ? 
D N N 4 ? 
# 
_struct_ref.id                         1 
_struct_ref.db_name                    UNP 
_struct_ref.db_code                    RNT1_ASPOR 
_struct_ref.entity_id                  1 
_struct_ref.pdbx_seq_one_letter_code   
;ACDYTCGSNCYSSSDVSTAQAAGYQLHEDGETVGSNSYPHKYNNYEGFDFSVSSPYYEWPILSSGDVYSGGSPGADRVVF
NENNQLAGVITHTGASGNNFVECT
;
_struct_ref.pdbx_align_begin           27 
_struct_ref.pdbx_db_accession          P00651 
_struct_ref.pdbx_db_isoform            ? 
# 
_struct_ref_seq.align_id                      1 
_struct_ref_seq.ref_id                        1 
_struct_ref_seq.pdbx_PDB_id_code              1LOY 
_struct_ref_seq.pdbx_strand_id                A 
_struct_ref_seq.seq_align_beg                 1 
_struct_ref_seq.pdbx_seq_align_beg_ins_code   ? 
_struct_ref_seq.seq_align_end                 104 
_struct_ref_seq.pdbx_seq_align_end_ins_code   ? 
_struct_ref_seq.pdbx_db_accession             P00651 
_struct_ref_seq.db_align_beg                  27 
_struct_ref_seq.pdbx_db_align_beg_ins_code    ? 
_struct_ref_seq.db_align_end                  130 
_struct_ref_seq.pdbx_db_align_end_ins_code    ? 
_struct_ref_seq.pdbx_auth_seq_align_beg       1 
_struct_ref_seq.pdbx_auth_seq_align_end       104 
# 
loop_
_struct_ref_seq_dif.align_id 
_struct_ref_seq_dif.pdbx_pdb_id_code 
_struct_ref_seq_dif.mon_id 
_struct_ref_seq_dif.pdbx_pdb_strand_id 
_struct_ref_seq_dif.seq_num 
_struct_ref_seq_dif.pdbx_pdb_ins_code 
_struct_ref_seq_dif.pdbx_seq_db_name 
_struct_ref_seq_dif.pdbx_seq_db_accession_code 
_struct_ref_seq_dif.db_mon_id 
_struct_ref_seq_dif.pdbx_seq_db_seq_num 
_struct_ref_seq_dif.details 
_struct_ref_seq_dif.pdbx_auth_seq_num 
_struct_ref_seq_dif.pdbx_ordinal 
1 1LOY LYS A 25 ? UNP P00651 GLN 51 'SEE REMARK 999'      25 1 
1 1LOY ALA A 40 ? UNP P00651 HIS 66 'engineered mutation' 40 2 
1 1LOY ALA A 58 ? UNP P00651 GLU 84 'engineered mutation' 58 3 
# 
_pdbx_struct_assembly.id                   1 
_pdbx_struct_assembly.details              author_defined_assembly 
_pdbx_struct_assembly.method_details       ? 
_pdbx_struct_assembly.oligomeric_details   monomeric 
_pdbx_struct_assembly.oligomeric_count     1 
# 
_pdbx_struct_assembly_gen.assembly_id       1 
_pdbx_struct_assembly_gen.oper_expression   1 
_pdbx_struct_assembly_gen.asym_id_list      A,B,C,D 
# 
_pdbx_struct_oper_list.id                   1 
_pdbx_struct_oper_list.type                 'identity operation' 
_pdbx_struct_oper_list.name                 1_555 
_pdbx_struct_oper_list.symmetry_operation   x,y,z 
_pdbx_struct_oper_list.matrix[1][1]         1.0000000000 
_pdbx_struct_oper_list.matrix[1][2]         0.0000000000 
_pdbx_struct_oper_list.matrix[1][3]         0.0000000000 
_pdbx_struct_oper_list.vector[1]            0.0000000000 
_pdbx_struct_oper_list.matrix[2][1]         0.0000000000 
_pdbx_struct_oper_list.matrix[2][2]         1.0000000000 
_pdbx_struct_oper_list.matrix[2][3]         0.0000000000 
_pdbx_struct_oper_list.vector[2]            0.0000000000 
_pdbx_struct_oper_list.matrix[3][1]         0.0000000000 
_pdbx_struct_oper_list.matrix[3][2]         0.0000000000 
_pdbx_struct_oper_list.matrix[3][3]         1.0000000000 
_pdbx_struct_oper_list.vector[3]            0.0000000000 
# 
_struct_conf.conf_type_id            HELX_P 
_struct_conf.id                      HELX_P1 
_struct_conf.pdbx_PDB_helix_id       1 
_struct_conf.beg_label_comp_id       SER 
_struct_conf.beg_label_asym_id       A 
_struct_conf.beg_label_seq_id        12 
_struct_conf.pdbx_beg_PDB_ins_code   ? 
_struct_conf.end_label_comp_id       GLY 
_struct_conf.end_label_asym_id       A 
_struct_conf.end_label_seq_id        30 
_struct_conf.pdbx_end_PDB_ins_code   ? 
_struct_conf.beg_auth_comp_id        SER 
_struct_conf.beg_auth_asym_id        A 
_struct_conf.beg_auth_seq_id         12 
_struct_conf.end_auth_comp_id        GLY 
_struct_conf.end_auth_asym_id        A 
_struct_conf.end_auth_seq_id         30 
_struct_conf.pdbx_PDB_helix_class    1 
_struct_conf.details                 ? 
_struct_conf.pdbx_PDB_helix_length   19 
# 
_struct_conf_type.id          HELX_P 
_struct_conf_type.criteria    ? 
_struct_conf_type.reference   ? 
# 
loop_
_struct_conn.id 
_struct_conn.conn_type_id 
_struct_conn.pdbx_leaving_atom_flag 
_struct_conn.pdbx_PDB_id 
_struct_conn.ptnr1_label_asym_id 
_struct_conn.ptnr1_label_comp_id 
_struct_conn.ptnr1_label_seq_id 
_struct_conn.ptnr1_label_atom_id 
_struct_conn.pdbx_ptnr1_label_alt_id 
_struct_conn.pdbx_ptnr1_PDB_ins_code 
_struct_conn.pdbx_ptnr1_standard_comp_id 
_struct_conn.ptnr1_symmetry 
_struct_conn.ptnr2_label_asym_id 
_struct_conn.ptnr2_label_comp_id 
_struct_conn.ptnr2_label_seq_id 
_struct_conn.ptnr2_label_atom_id 
_struct_conn.pdbx_ptnr2_label_alt_id 
_struct_conn.pdbx_ptnr2_PDB_ins_code 
_struct_conn.ptnr1_auth_asym_id 
_struct_conn.ptnr1_auth_comp_id 
_struct_conn.ptnr1_auth_seq_id 
_struct_conn.ptnr2_auth_asym_id 
_struct_conn.ptnr2_auth_comp_id 
_struct_conn.ptnr2_auth_seq_id 
_struct_conn.ptnr2_symmetry 
_struct_conn.pdbx_ptnr3_label_atom_id 
_struct_conn.pdbx_ptnr3_label_seq_id 
_struct_conn.pdbx_ptnr3_label_comp_id 
_struct_conn.pdbx_ptnr3_label_asym_id 
_struct_conn.pdbx_ptnr3_label_alt_id 
_struct_conn.pdbx_ptnr3_PDB_ins_code 
_struct_conn.details 
_struct_conn.pdbx_dist_value 
_struct_conn.pdbx_value_order 
_struct_conn.pdbx_role 
disulf1 disulf ? ? A CYS 2  SG  ? ? ? 1_555 A CYS 10  SG ? ? A CYS 2   A CYS 10  1_555 ? ? ? ? ? ? ? 2.025 ? ? 
disulf2 disulf ? ? A CYS 6  SG  ? ? ? 1_555 A CYS 103 SG ? ? A CYS 6   A CYS 103 1_555 ? ? ? ? ? ? ? 2.029 ? ? 
metalc1 metalc ? ? A ASP 15 OD1 ? ? ? 1_555 B CA  .   CA ? ? A ASP 15  A CA  105 1_555 ? ? ? ? ? ? ? 2.587 ? ? 
metalc2 metalc ? ? A ASP 15 OD2 ? ? ? 1_555 B CA  .   CA ? ? A ASP 15  A CA  105 1_555 ? ? ? ? ? ? ? 2.423 ? ? 
metalc3 metalc ? ? B CA  .  CA  ? ? ? 1_555 D HOH .   O  ? ? A CA  105 A HOH 216 1_555 ? ? ? ? ? ? ? 2.333 ? ? 
metalc4 metalc ? ? B CA  .  CA  ? ? ? 1_555 D HOH .   O  ? ? A CA  105 A HOH 217 1_555 ? ? ? ? ? ? ? 2.515 ? ? 
metalc5 metalc ? ? B CA  .  CA  ? ? ? 1_555 D HOH .   O  ? ? A CA  105 A HOH 218 1_555 ? ? ? ? ? ? ? 2.414 ? ? 
metalc6 metalc ? ? B CA  .  CA  ? ? ? 1_555 D HOH .   O  ? ? A CA  105 A HOH 219 1_555 ? ? ? ? ? ? ? 2.580 ? ? 
metalc7 metalc ? ? B CA  .  CA  ? ? ? 1_555 D HOH .   O  ? ? A CA  105 A HOH 222 1_555 ? ? ? ? ? ? ? 2.451 ? ? 
# 
loop_
_struct_conn_type.id 
_struct_conn_type.criteria 
_struct_conn_type.reference 
disulf ? ? 
metalc ? ? 
# 
loop_
_pdbx_struct_conn_angle.id 
_pdbx_struct_conn_angle.ptnr1_label_atom_id 
_pdbx_struct_conn_angle.ptnr1_label_alt_id 
_pdbx_struct_conn_angle.ptnr1_label_asym_id 
_pdbx_struct_conn_angle.ptnr1_label_comp_id 
_pdbx_struct_conn_angle.ptnr1_label_seq_id 
_pdbx_struct_conn_angle.ptnr1_auth_atom_id 
_pdbx_struct_conn_angle.ptnr1_auth_asym_id 
_pdbx_struct_conn_angle.ptnr1_auth_comp_id 
_pdbx_struct_conn_angle.ptnr1_auth_seq_id 
_pdbx_struct_conn_angle.ptnr1_PDB_ins_code 
_pdbx_struct_conn_angle.ptnr1_symmetry 
_pdbx_struct_conn_angle.ptnr2_label_atom_id 
_pdbx_struct_conn_angle.ptnr2_label_alt_id 
_pdbx_struct_conn_angle.ptnr2_label_asym_id 
_pdbx_struct_conn_angle.ptnr2_label_comp_id 
_pdbx_struct_conn_angle.ptnr2_label_seq_id 
_pdbx_struct_conn_angle.ptnr2_auth_atom_id 
_pdbx_struct_conn_angle.ptnr2_auth_asym_id 
_pdbx_struct_conn_angle.ptnr2_auth_comp_id 
_pdbx_struct_conn_angle.ptnr2_auth_seq_id 
_pdbx_struct_conn_angle.ptnr2_PDB_ins_code 
_pdbx_struct_conn_angle.ptnr2_symmetry 
_pdbx_struct_conn_angle.ptnr3_label_atom_id 
_pdbx_struct_conn_angle.ptnr3_label_alt_id 
_pdbx_struct_conn_angle.ptnr3_label_asym_id 
_pdbx_struct_conn_angle.ptnr3_label_comp_id 
_pdbx_struct_conn_angle.ptnr3_label_seq_id 
_pdbx_struct_conn_angle.ptnr3_auth_atom_id 
_pdbx_struct_conn_angle.ptnr3_auth_asym_id 
_pdbx_struct_conn_angle.ptnr3_auth_comp_id 
_pdbx_struct_conn_angle.ptnr3_auth_seq_id 
_pdbx_struct_conn_angle.ptnr3_PDB_ins_code 
_pdbx_struct_conn_angle.ptnr3_symmetry 
_pdbx_struct_conn_angle.value 
_pdbx_struct_conn_angle.value_esd 
1  OD1 ? A ASP 15 ? A ASP 15  ? 1_555 CA ? B CA . ? A CA 105 ? 1_555 OD2 ? A ASP 15 ? A ASP 15  ? 1_555 51.8  ? 
2  OD1 ? A ASP 15 ? A ASP 15  ? 1_555 CA ? B CA . ? A CA 105 ? 1_555 O   ? D HOH .  ? A HOH 216 ? 1_555 134.5 ? 
3  OD2 ? A ASP 15 ? A ASP 15  ? 1_555 CA ? B CA . ? A CA 105 ? 1_555 O   ? D HOH .  ? A HOH 216 ? 1_555 83.4  ? 
4  OD1 ? A ASP 15 ? A ASP 15  ? 1_555 CA ? B CA . ? A CA 105 ? 1_555 O   ? D HOH .  ? A HOH 217 ? 1_555 141.2 ? 
5  OD2 ? A ASP 15 ? A ASP 15  ? 1_555 CA ? B CA . ? A CA 105 ? 1_555 O   ? D HOH .  ? A HOH 217 ? 1_555 146.6 ? 
6  O   ? D HOH .  ? A HOH 216 ? 1_555 CA ? B CA . ? A CA 105 ? 1_555 O   ? D HOH .  ? A HOH 217 ? 1_555 80.1  ? 
7  OD1 ? A ASP 15 ? A ASP 15  ? 1_555 CA ? B CA . ? A CA 105 ? 1_555 O   ? D HOH .  ? A HOH 218 ? 1_555 73.7  ? 
8  OD2 ? A ASP 15 ? A ASP 15  ? 1_555 CA ? B CA . ? A CA 105 ? 1_555 O   ? D HOH .  ? A HOH 218 ? 1_555 125.2 ? 
9  O   ? D HOH .  ? A HOH 216 ? 1_555 CA ? B CA . ? A CA 105 ? 1_555 O   ? D HOH .  ? A HOH 218 ? 1_555 151.4 ? 
10 O   ? D HOH .  ? A HOH 217 ? 1_555 CA ? B CA . ? A CA 105 ? 1_555 O   ? D HOH .  ? A HOH 218 ? 1_555 75.4  ? 
11 OD1 ? A ASP 15 ? A ASP 15  ? 1_555 CA ? B CA . ? A CA 105 ? 1_555 O   ? D HOH .  ? A HOH 219 ? 1_555 81.5  ? 
12 OD2 ? A ASP 15 ? A ASP 15  ? 1_555 CA ? B CA . ? A CA 105 ? 1_555 O   ? D HOH .  ? A HOH 219 ? 1_555 83.3  ? 
13 O   ? D HOH .  ? A HOH 216 ? 1_555 CA ? B CA . ? A CA 105 ? 1_555 O   ? D HOH .  ? A HOH 219 ? 1_555 86.7  ? 
14 O   ? D HOH .  ? A HOH 217 ? 1_555 CA ? B CA . ? A CA 105 ? 1_555 O   ? D HOH .  ? A HOH 219 ? 1_555 124.2 ? 
15 O   ? D HOH .  ? A HOH 218 ? 1_555 CA ? B CA . ? A CA 105 ? 1_555 O   ? D HOH .  ? A HOH 219 ? 1_555 95.0  ? 
16 OD1 ? A ASP 15 ? A ASP 15  ? 1_555 CA ? B CA . ? A CA 105 ? 1_555 O   ? D HOH .  ? A HOH 222 ? 1_555 80.8  ? 
17 OD2 ? A ASP 15 ? A ASP 15  ? 1_555 CA ? B CA . ? A CA 105 ? 1_555 O   ? D HOH .  ? A HOH 222 ? 1_555 76.6  ? 
18 O   ? D HOH .  ? A HOH 216 ? 1_555 CA ? B CA . ? A CA 105 ? 1_555 O   ? D HOH .  ? A HOH 222 ? 1_555 97.4  ? 
19 O   ? D HOH .  ? A HOH 217 ? 1_555 CA ? B CA . ? A CA 105 ? 1_555 O   ? D HOH .  ? A HOH 222 ? 1_555 77.0  ? 
20 O   ? D HOH .  ? A HOH 218 ? 1_555 CA ? B CA . ? A CA 105 ? 1_555 O   ? D HOH .  ? A HOH 222 ? 1_555 91.2  ? 
21 O   ? D HOH .  ? A HOH 219 ? 1_555 CA ? B CA . ? A CA 105 ? 1_555 O   ? D HOH .  ? A HOH 222 ? 1_555 158.8 ? 
# 
loop_
_pdbx_modification_feature.ordinal 
_pdbx_modification_feature.label_comp_id 
_pdbx_modification_feature.label_asym_id 
_pdbx_modification_feature.label_seq_id 
_pdbx_modification_feature.label_alt_id 
_pdbx_modification_feature.modified_residue_label_comp_id 
_pdbx_modification_feature.modified_residue_label_asym_id 
_pdbx_modification_feature.modified_residue_label_seq_id 
_pdbx_modification_feature.modified_residue_label_alt_id 
_pdbx_modification_feature.auth_comp_id 
_pdbx_modification_feature.auth_asym_id 
_pdbx_modification_feature.auth_seq_id 
_pdbx_modification_feature.PDB_ins_code 
_pdbx_modification_feature.symmetry 
_pdbx_modification_feature.modified_residue_auth_comp_id 
_pdbx_modification_feature.modified_residue_auth_asym_id 
_pdbx_modification_feature.modified_residue_auth_seq_id 
_pdbx_modification_feature.modified_residue_PDB_ins_code 
_pdbx_modification_feature.modified_residue_symmetry 
_pdbx_modification_feature.comp_id_linking_atom 
_pdbx_modification_feature.modified_residue_id_linking_atom 
_pdbx_modification_feature.modified_residue_id 
_pdbx_modification_feature.ref_pcm_id 
_pdbx_modification_feature.ref_comp_id 
_pdbx_modification_feature.type 
_pdbx_modification_feature.category 
1 CYS A 2 ? CYS A 10  ? CYS A 2 ? 1_555 CYS A 10  ? 1_555 SG SG . . . None 'Disulfide bridge' 
2 CYS A 6 ? CYS A 103 ? CYS A 6 ? 1_555 CYS A 103 ? 1_555 SG SG . . . None 'Disulfide bridge' 
# 
loop_
_struct_mon_prot_cis.pdbx_id 
_struct_mon_prot_cis.label_comp_id 
_struct_mon_prot_cis.label_seq_id 
_struct_mon_prot_cis.label_asym_id 
_struct_mon_prot_cis.label_alt_id 
_struct_mon_prot_cis.pdbx_PDB_ins_code 
_struct_mon_prot_cis.auth_comp_id 
_struct_mon_prot_cis.auth_seq_id 
_struct_mon_prot_cis.auth_asym_id 
_struct_mon_prot_cis.pdbx_label_comp_id_2 
_struct_mon_prot_cis.pdbx_label_seq_id_2 
_struct_mon_prot_cis.pdbx_label_asym_id_2 
_struct_mon_prot_cis.pdbx_PDB_ins_code_2 
_struct_mon_prot_cis.pdbx_auth_comp_id_2 
_struct_mon_prot_cis.pdbx_auth_seq_id_2 
_struct_mon_prot_cis.pdbx_auth_asym_id_2 
_struct_mon_prot_cis.pdbx_PDB_model_num 
_struct_mon_prot_cis.pdbx_omega_angle 
1 TYR 38 A . ? TYR 38 A PRO 39 A ? PRO 39 A 1 -0.28 
2 SER 54 A . ? SER 54 A PRO 55 A ? PRO 55 A 1 -0.17 
# 
loop_
_struct_sheet.id 
_struct_sheet.type 
_struct_sheet.number_strands 
_struct_sheet.details 
A ? 2 ? 
B ? 5 ? 
# 
loop_
_struct_sheet_order.sheet_id 
_struct_sheet_order.range_id_1 
_struct_sheet_order.range_id_2 
_struct_sheet_order.offset 
_struct_sheet_order.sense 
A 1 2 ? anti-parallel 
B 1 2 ? anti-parallel 
B 2 3 ? anti-parallel 
B 3 4 ? anti-parallel 
B 4 5 ? anti-parallel 
# 
loop_
_struct_sheet_range.sheet_id 
_struct_sheet_range.id 
_struct_sheet_range.beg_label_comp_id 
_struct_sheet_range.beg_label_asym_id 
_struct_sheet_range.beg_label_seq_id 
_struct_sheet_range.pdbx_beg_PDB_ins_code 
_struct_sheet_range.end_label_comp_id 
_struct_sheet_range.end_label_asym_id 
_struct_sheet_range.end_label_seq_id 
_struct_sheet_range.pdbx_end_PDB_ins_code 
_struct_sheet_range.beg_auth_comp_id 
_struct_sheet_range.beg_auth_asym_id 
_struct_sheet_range.beg_auth_seq_id 
_struct_sheet_range.end_auth_comp_id 
_struct_sheet_range.end_auth_asym_id 
_struct_sheet_range.end_auth_seq_id 
A 1 TYR A 4   ? CYS A 6   ? TYR A 4   CYS A 6   
A 2 ASN A 9   ? TYR A 11  ? ASN A 9   TYR A 11  
B 1 ALA A 40  ? TYR A 42  ? ALA A 40  TYR A 42  
B 2 TYR A 56  ? PRO A 60  ? TYR A 56  PRO A 60  
B 3 ASP A 76  ? ASN A 81  ? ASP A 76  ASN A 81  
B 4 LEU A 86  ? THR A 91  ? LEU A 86  THR A 91  
B 5 VAL A 101 ? GLU A 102 ? VAL A 101 GLU A 102 
# 
loop_
_pdbx_struct_sheet_hbond.sheet_id 
_pdbx_struct_sheet_hbond.range_id_1 
_pdbx_struct_sheet_hbond.range_id_2 
_pdbx_struct_sheet_hbond.range_1_label_atom_id 
_pdbx_struct_sheet_hbond.range_1_label_comp_id 
_pdbx_struct_sheet_hbond.range_1_label_asym_id 
_pdbx_struct_sheet_hbond.range_1_label_seq_id 
_pdbx_struct_sheet_hbond.range_1_PDB_ins_code 
_pdbx_struct_sheet_hbond.range_1_auth_atom_id 
_pdbx_struct_sheet_hbond.range_1_auth_comp_id 
_pdbx_struct_sheet_hbond.range_1_auth_asym_id 
_pdbx_struct_sheet_hbond.range_1_auth_seq_id 
_pdbx_struct_sheet_hbond.range_2_label_atom_id 
_pdbx_struct_sheet_hbond.range_2_label_comp_id 
_pdbx_struct_sheet_hbond.range_2_label_asym_id 
_pdbx_struct_sheet_hbond.range_2_label_seq_id 
_pdbx_struct_sheet_hbond.range_2_PDB_ins_code 
_pdbx_struct_sheet_hbond.range_2_auth_atom_id 
_pdbx_struct_sheet_hbond.range_2_auth_comp_id 
_pdbx_struct_sheet_hbond.range_2_auth_asym_id 
_pdbx_struct_sheet_hbond.range_2_auth_seq_id 
A 1 2 N TYR A 4  ? N TYR A 4  O TYR A 11  ? O TYR A 11  
B 1 2 N ALA A 40 ? N ALA A 40 O ALA A 58  ? O ALA A 58  
B 2 3 N TRP A 59 ? N TRP A 59 O VAL A 78  ? O VAL A 78  
B 3 4 N VAL A 79 ? N VAL A 79 O ALA A 87  ? O ALA A 87  
B 4 5 N THR A 91 ? N THR A 91 O VAL A 101 ? O VAL A 101 
# 
loop_
_struct_site.id 
_struct_site.pdbx_evidence_code 
_struct_site.pdbx_auth_asym_id 
_struct_site.pdbx_auth_comp_id 
_struct_site.pdbx_auth_seq_id 
_struct_site.pdbx_auth_ins_code 
_struct_site.pdbx_num_residues 
_struct_site.details 
AC1 Software A CA  105 ? 6  'BINDING SITE FOR RESIDUE CA A 105'  
AC2 Software A 3GP 106 ? 12 'BINDING SITE FOR RESIDUE 3GP A 106' 
# 
loop_
_struct_site_gen.id 
_struct_site_gen.site_id 
_struct_site_gen.pdbx_num_res 
_struct_site_gen.label_comp_id 
_struct_site_gen.label_asym_id 
_struct_site_gen.label_seq_id 
_struct_site_gen.pdbx_auth_ins_code 
_struct_site_gen.auth_comp_id 
_struct_site_gen.auth_asym_id 
_struct_site_gen.auth_seq_id 
_struct_site_gen.label_atom_id 
_struct_site_gen.label_alt_id 
_struct_site_gen.symmetry 
_struct_site_gen.details 
1  AC1 6  ASP A 15  ? ASP A 15  . ? 1_555 ? 
2  AC1 6  HOH D .   ? HOH A 216 . ? 1_555 ? 
3  AC1 6  HOH D .   ? HOH A 217 . ? 1_555 ? 
4  AC1 6  HOH D .   ? HOH A 218 . ? 1_555 ? 
5  AC1 6  HOH D .   ? HOH A 219 . ? 1_555 ? 
6  AC1 6  HOH D .   ? HOH A 222 . ? 1_555 ? 
7  AC2 12 LYS A 41  ? LYS A 41  . ? 1_555 ? 
8  AC2 12 TYR A 42  ? TYR A 42  . ? 1_555 ? 
9  AC2 12 ASN A 43  ? ASN A 43  . ? 1_555 ? 
10 AC2 12 ASN A 44  ? ASN A 44  . ? 1_555 ? 
11 AC2 12 TYR A 45  ? TYR A 45  . ? 1_555 ? 
12 AC2 12 GLU A 46  ? GLU A 46  . ? 1_555 ? 
13 AC2 12 ASP A 49  ? ASP A 49  . ? 3_655 ? 
14 AC2 12 HIS A 92  ? HIS A 92  . ? 1_555 ? 
15 AC2 12 ASN A 98  ? ASN A 98  . ? 1_555 ? 
16 AC2 12 PHE A 100 ? PHE A 100 . ? 1_555 ? 
17 AC2 12 HOH D .   ? HOH A 203 . ? 1_555 ? 
18 AC2 12 HOH D .   ? HOH A 244 . ? 1_555 ? 
# 
_pdbx_entry_details.entry_id                   1LOY 
_pdbx_entry_details.compound_details           ? 
_pdbx_entry_details.source_details             ? 
_pdbx_entry_details.nonpolymer_details         ? 
_pdbx_entry_details.sequence_details           ? 
_pdbx_entry_details.has_ligand_of_interest     ? 
_pdbx_entry_details.has_protein_modification   Y 
# 
_pdbx_database_remark.id     999 
_pdbx_database_remark.text   
; 
The isozyme of RNase T1 used here contains a lysine at position 25.
;
# 
loop_
_chem_comp_atom.comp_id 
_chem_comp_atom.atom_id 
_chem_comp_atom.type_symbol 
_chem_comp_atom.pdbx_aromatic_flag 
_chem_comp_atom.pdbx_stereo_config 
_chem_comp_atom.pdbx_ordinal 
3GP P      P  N N 1   
3GP O1P    O  N N 2   
3GP O2P    O  N N 3   
3GP O3P    O  N N 4   
3GP "O5'"  O  N N 5   
3GP "C5'"  C  N N 6   
3GP "C4'"  C  N R 7   
3GP "O4'"  O  N N 8   
3GP "C3'"  C  N S 9   
3GP "O3'"  O  N N 10  
3GP "C2'"  C  N R 11  
3GP "O2'"  O  N N 12  
3GP "C1'"  C  N R 13  
3GP N9     N  Y N 14  
3GP C8     C  Y N 15  
3GP N7     N  Y N 16  
3GP C5     C  Y N 17  
3GP C6     C  N N 18  
3GP O6     O  N N 19  
3GP N1     N  N N 20  
3GP C2     C  N N 21  
3GP N2     N  N N 22  
3GP N3     N  N N 23  
3GP C4     C  Y N 24  
3GP HOP2   H  N N 25  
3GP HOP3   H  N N 26  
3GP "HO5'" H  N N 27  
3GP "H5'1" H  N N 28  
3GP "H5'2" H  N N 29  
3GP "H4'"  H  N N 30  
3GP "H3'"  H  N N 31  
3GP "H2'"  H  N N 32  
3GP "HO2'" H  N N 33  
3GP "H1'"  H  N N 34  
3GP H8     H  N N 35  
3GP HN1    H  N N 36  
3GP HN21   H  N N 37  
3GP HN22   H  N N 38  
ALA N      N  N N 39  
ALA CA     C  N S 40  
ALA C      C  N N 41  
ALA O      O  N N 42  
ALA CB     C  N N 43  
ALA OXT    O  N N 44  
ALA H      H  N N 45  
ALA H2     H  N N 46  
ALA HA     H  N N 47  
ALA HB1    H  N N 48  
ALA HB2    H  N N 49  
ALA HB3    H  N N 50  
ALA HXT    H  N N 51  
ARG N      N  N N 52  
ARG CA     C  N S 53  
ARG C      C  N N 54  
ARG O      O  N N 55  
ARG CB     C  N N 56  
ARG CG     C  N N 57  
ARG CD     C  N N 58  
ARG NE     N  N N 59  
ARG CZ     C  N N 60  
ARG NH1    N  N N 61  
ARG NH2    N  N N 62  
ARG OXT    O  N N 63  
ARG H      H  N N 64  
ARG H2     H  N N 65  
ARG HA     H  N N 66  
ARG HB2    H  N N 67  
ARG HB3    H  N N 68  
ARG HG2    H  N N 69  
ARG HG3    H  N N 70  
ARG HD2    H  N N 71  
ARG HD3    H  N N 72  
ARG HE     H  N N 73  
ARG HH11   H  N N 74  
ARG HH12   H  N N 75  
ARG HH21   H  N N 76  
ARG HH22   H  N N 77  
ARG HXT    H  N N 78  
ASN N      N  N N 79  
ASN CA     C  N S 80  
ASN C      C  N N 81  
ASN O      O  N N 82  
ASN CB     C  N N 83  
ASN CG     C  N N 84  
ASN OD1    O  N N 85  
ASN ND2    N  N N 86  
ASN OXT    O  N N 87  
ASN H      H  N N 88  
ASN H2     H  N N 89  
ASN HA     H  N N 90  
ASN HB2    H  N N 91  
ASN HB3    H  N N 92  
ASN HD21   H  N N 93  
ASN HD22   H  N N 94  
ASN HXT    H  N N 95  
ASP N      N  N N 96  
ASP CA     C  N S 97  
ASP C      C  N N 98  
ASP O      O  N N 99  
ASP CB     C  N N 100 
ASP CG     C  N N 101 
ASP OD1    O  N N 102 
ASP OD2    O  N N 103 
ASP OXT    O  N N 104 
ASP H      H  N N 105 
ASP H2     H  N N 106 
ASP HA     H  N N 107 
ASP HB2    H  N N 108 
ASP HB3    H  N N 109 
ASP HD2    H  N N 110 
ASP HXT    H  N N 111 
CA  CA     CA N N 112 
CYS N      N  N N 113 
CYS CA     C  N R 114 
CYS C      C  N N 115 
CYS O      O  N N 116 
CYS CB     C  N N 117 
CYS SG     S  N N 118 
CYS OXT    O  N N 119 
CYS H      H  N N 120 
CYS H2     H  N N 121 
CYS HA     H  N N 122 
CYS HB2    H  N N 123 
CYS HB3    H  N N 124 
CYS HG     H  N N 125 
CYS HXT    H  N N 126 
GLN N      N  N N 127 
GLN CA     C  N S 128 
GLN C      C  N N 129 
GLN O      O  N N 130 
GLN CB     C  N N 131 
GLN CG     C  N N 132 
GLN CD     C  N N 133 
GLN OE1    O  N N 134 
GLN NE2    N  N N 135 
GLN OXT    O  N N 136 
GLN H      H  N N 137 
GLN H2     H  N N 138 
GLN HA     H  N N 139 
GLN HB2    H  N N 140 
GLN HB3    H  N N 141 
GLN HG2    H  N N 142 
GLN HG3    H  N N 143 
GLN HE21   H  N N 144 
GLN HE22   H  N N 145 
GLN HXT    H  N N 146 
GLU N      N  N N 147 
GLU CA     C  N S 148 
GLU C      C  N N 149 
GLU O      O  N N 150 
GLU CB     C  N N 151 
GLU CG     C  N N 152 
GLU CD     C  N N 153 
GLU OE1    O  N N 154 
GLU OE2    O  N N 155 
GLU OXT    O  N N 156 
GLU H      H  N N 157 
GLU H2     H  N N 158 
GLU HA     H  N N 159 
GLU HB2    H  N N 160 
GLU HB3    H  N N 161 
GLU HG2    H  N N 162 
GLU HG3    H  N N 163 
GLU HE2    H  N N 164 
GLU HXT    H  N N 165 
GLY N      N  N N 166 
GLY CA     C  N N 167 
GLY C      C  N N 168 
GLY O      O  N N 169 
GLY OXT    O  N N 170 
GLY H      H  N N 171 
GLY H2     H  N N 172 
GLY HA2    H  N N 173 
GLY HA3    H  N N 174 
GLY HXT    H  N N 175 
HIS N      N  N N 176 
HIS CA     C  N S 177 
HIS C      C  N N 178 
HIS O      O  N N 179 
HIS CB     C  N N 180 
HIS CG     C  Y N 181 
HIS ND1    N  Y N 182 
HIS CD2    C  Y N 183 
HIS CE1    C  Y N 184 
HIS NE2    N  Y N 185 
HIS OXT    O  N N 186 
HIS H      H  N N 187 
HIS H2     H  N N 188 
HIS HA     H  N N 189 
HIS HB2    H  N N 190 
HIS HB3    H  N N 191 
HIS HD1    H  N N 192 
HIS HD2    H  N N 193 
HIS HE1    H  N N 194 
HIS HE2    H  N N 195 
HIS HXT    H  N N 196 
HOH O      O  N N 197 
HOH H1     H  N N 198 
HOH H2     H  N N 199 
ILE N      N  N N 200 
ILE CA     C  N S 201 
ILE C      C  N N 202 
ILE O      O  N N 203 
ILE CB     C  N S 204 
ILE CG1    C  N N 205 
ILE CG2    C  N N 206 
ILE CD1    C  N N 207 
ILE OXT    O  N N 208 
ILE H      H  N N 209 
ILE H2     H  N N 210 
ILE HA     H  N N 211 
ILE HB     H  N N 212 
ILE HG12   H  N N 213 
ILE HG13   H  N N 214 
ILE HG21   H  N N 215 
ILE HG22   H  N N 216 
ILE HG23   H  N N 217 
ILE HD11   H  N N 218 
ILE HD12   H  N N 219 
ILE HD13   H  N N 220 
ILE HXT    H  N N 221 
LEU N      N  N N 222 
LEU CA     C  N S 223 
LEU C      C  N N 224 
LEU O      O  N N 225 
LEU CB     C  N N 226 
LEU CG     C  N N 227 
LEU CD1    C  N N 228 
LEU CD2    C  N N 229 
LEU OXT    O  N N 230 
LEU H      H  N N 231 
LEU H2     H  N N 232 
LEU HA     H  N N 233 
LEU HB2    H  N N 234 
LEU HB3    H  N N 235 
LEU HG     H  N N 236 
LEU HD11   H  N N 237 
LEU HD12   H  N N 238 
LEU HD13   H  N N 239 
LEU HD21   H  N N 240 
LEU HD22   H  N N 241 
LEU HD23   H  N N 242 
LEU HXT    H  N N 243 
LYS N      N  N N 244 
LYS CA     C  N S 245 
LYS C      C  N N 246 
LYS O      O  N N 247 
LYS CB     C  N N 248 
LYS CG     C  N N 249 
LYS CD     C  N N 250 
LYS CE     C  N N 251 
LYS NZ     N  N N 252 
LYS OXT    O  N N 253 
LYS H      H  N N 254 
LYS H2     H  N N 255 
LYS HA     H  N N 256 
LYS HB2    H  N N 257 
LYS HB3    H  N N 258 
LYS HG2    H  N N 259 
LYS HG3    H  N N 260 
LYS HD2    H  N N 261 
LYS HD3    H  N N 262 
LYS HE2    H  N N 263 
LYS HE3    H  N N 264 
LYS HZ1    H  N N 265 
LYS HZ2    H  N N 266 
LYS HZ3    H  N N 267 
LYS HXT    H  N N 268 
PHE N      N  N N 269 
PHE CA     C  N S 270 
PHE C      C  N N 271 
PHE O      O  N N 272 
PHE CB     C  N N 273 
PHE CG     C  Y N 274 
PHE CD1    C  Y N 275 
PHE CD2    C  Y N 276 
PHE CE1    C  Y N 277 
PHE CE2    C  Y N 278 
PHE CZ     C  Y N 279 
PHE OXT    O  N N 280 
PHE H      H  N N 281 
PHE H2     H  N N 282 
PHE HA     H  N N 283 
PHE HB2    H  N N 284 
PHE HB3    H  N N 285 
PHE HD1    H  N N 286 
PHE HD2    H  N N 287 
PHE HE1    H  N N 288 
PHE HE2    H  N N 289 
PHE HZ     H  N N 290 
PHE HXT    H  N N 291 
PRO N      N  N N 292 
PRO CA     C  N S 293 
PRO C      C  N N 294 
PRO O      O  N N 295 
PRO CB     C  N N 296 
PRO CG     C  N N 297 
PRO CD     C  N N 298 
PRO OXT    O  N N 299 
PRO H      H  N N 300 
PRO HA     H  N N 301 
PRO HB2    H  N N 302 
PRO HB3    H  N N 303 
PRO HG2    H  N N 304 
PRO HG3    H  N N 305 
PRO HD2    H  N N 306 
PRO HD3    H  N N 307 
PRO HXT    H  N N 308 
SER N      N  N N 309 
SER CA     C  N S 310 
SER C      C  N N 311 
SER O      O  N N 312 
SER CB     C  N N 313 
SER OG     O  N N 314 
SER OXT    O  N N 315 
SER H      H  N N 316 
SER H2     H  N N 317 
SER HA     H  N N 318 
SER HB2    H  N N 319 
SER HB3    H  N N 320 
SER HG     H  N N 321 
SER HXT    H  N N 322 
THR N      N  N N 323 
THR CA     C  N S 324 
THR C      C  N N 325 
THR O      O  N N 326 
THR CB     C  N R 327 
THR OG1    O  N N 328 
THR CG2    C  N N 329 
THR OXT    O  N N 330 
THR H      H  N N 331 
THR H2     H  N N 332 
THR HA     H  N N 333 
THR HB     H  N N 334 
THR HG1    H  N N 335 
THR HG21   H  N N 336 
THR HG22   H  N N 337 
THR HG23   H  N N 338 
THR HXT    H  N N 339 
TRP N      N  N N 340 
TRP CA     C  N S 341 
TRP C      C  N N 342 
TRP O      O  N N 343 
TRP CB     C  N N 344 
TRP CG     C  Y N 345 
TRP CD1    C  Y N 346 
TRP CD2    C  Y N 347 
TRP NE1    N  Y N 348 
TRP CE2    C  Y N 349 
TRP CE3    C  Y N 350 
TRP CZ2    C  Y N 351 
TRP CZ3    C  Y N 352 
TRP CH2    C  Y N 353 
TRP OXT    O  N N 354 
TRP H      H  N N 355 
TRP H2     H  N N 356 
TRP HA     H  N N 357 
TRP HB2    H  N N 358 
TRP HB3    H  N N 359 
TRP HD1    H  N N 360 
TRP HE1    H  N N 361 
TRP HE3    H  N N 362 
TRP HZ2    H  N N 363 
TRP HZ3    H  N N 364 
TRP HH2    H  N N 365 
TRP HXT    H  N N 366 
TYR N      N  N N 367 
TYR CA     C  N S 368 
TYR C      C  N N 369 
TYR O      O  N N 370 
TYR CB     C  N N 371 
TYR CG     C  Y N 372 
TYR CD1    C  Y N 373 
TYR CD2    C  Y N 374 
TYR CE1    C  Y N 375 
TYR CE2    C  Y N 376 
TYR CZ     C  Y N 377 
TYR OH     O  N N 378 
TYR OXT    O  N N 379 
TYR H      H  N N 380 
TYR H2     H  N N 381 
TYR HA     H  N N 382 
TYR HB2    H  N N 383 
TYR HB3    H  N N 384 
TYR HD1    H  N N 385 
TYR HD2    H  N N 386 
TYR HE1    H  N N 387 
TYR HE2    H  N N 388 
TYR HH     H  N N 389 
TYR HXT    H  N N 390 
VAL N      N  N N 391 
VAL CA     C  N S 392 
VAL C      C  N N 393 
VAL O      O  N N 394 
VAL CB     C  N N 395 
VAL CG1    C  N N 396 
VAL CG2    C  N N 397 
VAL OXT    O  N N 398 
VAL H      H  N N 399 
VAL H2     H  N N 400 
VAL HA     H  N N 401 
VAL HB     H  N N 402 
VAL HG11   H  N N 403 
VAL HG12   H  N N 404 
VAL HG13   H  N N 405 
VAL HG21   H  N N 406 
VAL HG22   H  N N 407 
VAL HG23   H  N N 408 
VAL HXT    H  N N 409 
# 
loop_
_chem_comp_bond.comp_id 
_chem_comp_bond.atom_id_1 
_chem_comp_bond.atom_id_2 
_chem_comp_bond.value_order 
_chem_comp_bond.pdbx_aromatic_flag 
_chem_comp_bond.pdbx_stereo_config 
_chem_comp_bond.pdbx_ordinal 
3GP P     O1P    doub N N 1   
3GP P     O2P    sing N N 2   
3GP P     O3P    sing N N 3   
3GP P     "O3'"  sing N N 4   
3GP O2P   HOP2   sing N N 5   
3GP O3P   HOP3   sing N N 6   
3GP "O5'" "C5'"  sing N N 7   
3GP "O5'" "HO5'" sing N N 8   
3GP "C5'" "C4'"  sing N N 9   
3GP "C5'" "H5'1" sing N N 10  
3GP "C5'" "H5'2" sing N N 11  
3GP "C4'" "O4'"  sing N N 12  
3GP "C4'" "C3'"  sing N N 13  
3GP "C4'" "H4'"  sing N N 14  
3GP "O4'" "C1'"  sing N N 15  
3GP "C3'" "O3'"  sing N N 16  
3GP "C3'" "C2'"  sing N N 17  
3GP "C3'" "H3'"  sing N N 18  
3GP "C2'" "O2'"  sing N N 19  
3GP "C2'" "C1'"  sing N N 20  
3GP "C2'" "H2'"  sing N N 21  
3GP "O2'" "HO2'" sing N N 22  
3GP "C1'" N9     sing N N 23  
3GP "C1'" "H1'"  sing N N 24  
3GP N9    C8     sing Y N 25  
3GP N9    C4     sing Y N 26  
3GP C8    N7     doub Y N 27  
3GP C8    H8     sing N N 28  
3GP N7    C5     sing Y N 29  
3GP C5    C6     sing N N 30  
3GP C5    C4     doub Y N 31  
3GP C6    O6     doub N N 32  
3GP C6    N1     sing N N 33  
3GP N1    C2     sing N N 34  
3GP N1    HN1    sing N N 35  
3GP C2    N2     sing N N 36  
3GP C2    N3     doub N N 37  
3GP N2    HN21   sing N N 38  
3GP N2    HN22   sing N N 39  
3GP N3    C4     sing N N 40  
ALA N     CA     sing N N 41  
ALA N     H      sing N N 42  
ALA N     H2     sing N N 43  
ALA CA    C      sing N N 44  
ALA CA    CB     sing N N 45  
ALA CA    HA     sing N N 46  
ALA C     O      doub N N 47  
ALA C     OXT    sing N N 48  
ALA CB    HB1    sing N N 49  
ALA CB    HB2    sing N N 50  
ALA CB    HB3    sing N N 51  
ALA OXT   HXT    sing N N 52  
ARG N     CA     sing N N 53  
ARG N     H      sing N N 54  
ARG N     H2     sing N N 55  
ARG CA    C      sing N N 56  
ARG CA    CB     sing N N 57  
ARG CA    HA     sing N N 58  
ARG C     O      doub N N 59  
ARG C     OXT    sing N N 60  
ARG CB    CG     sing N N 61  
ARG CB    HB2    sing N N 62  
ARG CB    HB3    sing N N 63  
ARG CG    CD     sing N N 64  
ARG CG    HG2    sing N N 65  
ARG CG    HG3    sing N N 66  
ARG CD    NE     sing N N 67  
ARG CD    HD2    sing N N 68  
ARG CD    HD3    sing N N 69  
ARG NE    CZ     sing N N 70  
ARG NE    HE     sing N N 71  
ARG CZ    NH1    sing N N 72  
ARG CZ    NH2    doub N N 73  
ARG NH1   HH11   sing N N 74  
ARG NH1   HH12   sing N N 75  
ARG NH2   HH21   sing N N 76  
ARG NH2   HH22   sing N N 77  
ARG OXT   HXT    sing N N 78  
ASN N     CA     sing N N 79  
ASN N     H      sing N N 80  
ASN N     H2     sing N N 81  
ASN CA    C      sing N N 82  
ASN CA    CB     sing N N 83  
ASN CA    HA     sing N N 84  
ASN C     O      doub N N 85  
ASN C     OXT    sing N N 86  
ASN CB    CG     sing N N 87  
ASN CB    HB2    sing N N 88  
ASN CB    HB3    sing N N 89  
ASN CG    OD1    doub N N 90  
ASN CG    ND2    sing N N 91  
ASN ND2   HD21   sing N N 92  
ASN ND2   HD22   sing N N 93  
ASN OXT   HXT    sing N N 94  
ASP N     CA     sing N N 95  
ASP N     H      sing N N 96  
ASP N     H2     sing N N 97  
ASP CA    C      sing N N 98  
ASP CA    CB     sing N N 99  
ASP CA    HA     sing N N 100 
ASP C     O      doub N N 101 
ASP C     OXT    sing N N 102 
ASP CB    CG     sing N N 103 
ASP CB    HB2    sing N N 104 
ASP CB    HB3    sing N N 105 
ASP CG    OD1    doub N N 106 
ASP CG    OD2    sing N N 107 
ASP OD2   HD2    sing N N 108 
ASP OXT   HXT    sing N N 109 
CYS N     CA     sing N N 110 
CYS N     H      sing N N 111 
CYS N     H2     sing N N 112 
CYS CA    C      sing N N 113 
CYS CA    CB     sing N N 114 
CYS CA    HA     sing N N 115 
CYS C     O      doub N N 116 
CYS C     OXT    sing N N 117 
CYS CB    SG     sing N N 118 
CYS CB    HB2    sing N N 119 
CYS CB    HB3    sing N N 120 
CYS SG    HG     sing N N 121 
CYS OXT   HXT    sing N N 122 
GLN N     CA     sing N N 123 
GLN N     H      sing N N 124 
GLN N     H2     sing N N 125 
GLN CA    C      sing N N 126 
GLN CA    CB     sing N N 127 
GLN CA    HA     sing N N 128 
GLN C     O      doub N N 129 
GLN C     OXT    sing N N 130 
GLN CB    CG     sing N N 131 
GLN CB    HB2    sing N N 132 
GLN CB    HB3    sing N N 133 
GLN CG    CD     sing N N 134 
GLN CG    HG2    sing N N 135 
GLN CG    HG3    sing N N 136 
GLN CD    OE1    doub N N 137 
GLN CD    NE2    sing N N 138 
GLN NE2   HE21   sing N N 139 
GLN NE2   HE22   sing N N 140 
GLN OXT   HXT    sing N N 141 
GLU N     CA     sing N N 142 
GLU N     H      sing N N 143 
GLU N     H2     sing N N 144 
GLU CA    C      sing N N 145 
GLU CA    CB     sing N N 146 
GLU CA    HA     sing N N 147 
GLU C     O      doub N N 148 
GLU C     OXT    sing N N 149 
GLU CB    CG     sing N N 150 
GLU CB    HB2    sing N N 151 
GLU CB    HB3    sing N N 152 
GLU CG    CD     sing N N 153 
GLU CG    HG2    sing N N 154 
GLU CG    HG3    sing N N 155 
GLU CD    OE1    doub N N 156 
GLU CD    OE2    sing N N 157 
GLU OE2   HE2    sing N N 158 
GLU OXT   HXT    sing N N 159 
GLY N     CA     sing N N 160 
GLY N     H      sing N N 161 
GLY N     H2     sing N N 162 
GLY CA    C      sing N N 163 
GLY CA    HA2    sing N N 164 
GLY CA    HA3    sing N N 165 
GLY C     O      doub N N 166 
GLY C     OXT    sing N N 167 
GLY OXT   HXT    sing N N 168 
HIS N     CA     sing N N 169 
HIS N     H      sing N N 170 
HIS N     H2     sing N N 171 
HIS CA    C      sing N N 172 
HIS CA    CB     sing N N 173 
HIS CA    HA     sing N N 174 
HIS C     O      doub N N 175 
HIS C     OXT    sing N N 176 
HIS CB    CG     sing N N 177 
HIS CB    HB2    sing N N 178 
HIS CB    HB3    sing N N 179 
HIS CG    ND1    sing Y N 180 
HIS CG    CD2    doub Y N 181 
HIS ND1   CE1    doub Y N 182 
HIS ND1   HD1    sing N N 183 
HIS CD2   NE2    sing Y N 184 
HIS CD2   HD2    sing N N 185 
HIS CE1   NE2    sing Y N 186 
HIS CE1   HE1    sing N N 187 
HIS NE2   HE2    sing N N 188 
HIS OXT   HXT    sing N N 189 
HOH O     H1     sing N N 190 
HOH O     H2     sing N N 191 
ILE N     CA     sing N N 192 
ILE N     H      sing N N 193 
ILE N     H2     sing N N 194 
ILE CA    C      sing N N 195 
ILE CA    CB     sing N N 196 
ILE CA    HA     sing N N 197 
ILE C     O      doub N N 198 
ILE C     OXT    sing N N 199 
ILE CB    CG1    sing N N 200 
ILE CB    CG2    sing N N 201 
ILE CB    HB     sing N N 202 
ILE CG1   CD1    sing N N 203 
ILE CG1   HG12   sing N N 204 
ILE CG1   HG13   sing N N 205 
ILE CG2   HG21   sing N N 206 
ILE CG2   HG22   sing N N 207 
ILE CG2   HG23   sing N N 208 
ILE CD1   HD11   sing N N 209 
ILE CD1   HD12   sing N N 210 
ILE CD1   HD13   sing N N 211 
ILE OXT   HXT    sing N N 212 
LEU N     CA     sing N N 213 
LEU N     H      sing N N 214 
LEU N     H2     sing N N 215 
LEU CA    C      sing N N 216 
LEU CA    CB     sing N N 217 
LEU CA    HA     sing N N 218 
LEU C     O      doub N N 219 
LEU C     OXT    sing N N 220 
LEU CB    CG     sing N N 221 
LEU CB    HB2    sing N N 222 
LEU CB    HB3    sing N N 223 
LEU CG    CD1    sing N N 224 
LEU CG    CD2    sing N N 225 
LEU CG    HG     sing N N 226 
LEU CD1   HD11   sing N N 227 
LEU CD1   HD12   sing N N 228 
LEU CD1   HD13   sing N N 229 
LEU CD2   HD21   sing N N 230 
LEU CD2   HD22   sing N N 231 
LEU CD2   HD23   sing N N 232 
LEU OXT   HXT    sing N N 233 
LYS N     CA     sing N N 234 
LYS N     H      sing N N 235 
LYS N     H2     sing N N 236 
LYS CA    C      sing N N 237 
LYS CA    CB     sing N N 238 
LYS CA    HA     sing N N 239 
LYS C     O      doub N N 240 
LYS C     OXT    sing N N 241 
LYS CB    CG     sing N N 242 
LYS CB    HB2    sing N N 243 
LYS CB    HB3    sing N N 244 
LYS CG    CD     sing N N 245 
LYS CG    HG2    sing N N 246 
LYS CG    HG3    sing N N 247 
LYS CD    CE     sing N N 248 
LYS CD    HD2    sing N N 249 
LYS CD    HD3    sing N N 250 
LYS CE    NZ     sing N N 251 
LYS CE    HE2    sing N N 252 
LYS CE    HE3    sing N N 253 
LYS NZ    HZ1    sing N N 254 
LYS NZ    HZ2    sing N N 255 
LYS NZ    HZ3    sing N N 256 
LYS OXT   HXT    sing N N 257 
PHE N     CA     sing N N 258 
PHE N     H      sing N N 259 
PHE N     H2     sing N N 260 
PHE CA    C      sing N N 261 
PHE CA    CB     sing N N 262 
PHE CA    HA     sing N N 263 
PHE C     O      doub N N 264 
PHE C     OXT    sing N N 265 
PHE CB    CG     sing N N 266 
PHE CB    HB2    sing N N 267 
PHE CB    HB3    sing N N 268 
PHE CG    CD1    doub Y N 269 
PHE CG    CD2    sing Y N 270 
PHE CD1   CE1    sing Y N 271 
PHE CD1   HD1    sing N N 272 
PHE CD2   CE2    doub Y N 273 
PHE CD2   HD2    sing N N 274 
PHE CE1   CZ     doub Y N 275 
PHE CE1   HE1    sing N N 276 
PHE CE2   CZ     sing Y N 277 
PHE CE2   HE2    sing N N 278 
PHE CZ    HZ     sing N N 279 
PHE OXT   HXT    sing N N 280 
PRO N     CA     sing N N 281 
PRO N     CD     sing N N 282 
PRO N     H      sing N N 283 
PRO CA    C      sing N N 284 
PRO CA    CB     sing N N 285 
PRO CA    HA     sing N N 286 
PRO C     O      doub N N 287 
PRO C     OXT    sing N N 288 
PRO CB    CG     sing N N 289 
PRO CB    HB2    sing N N 290 
PRO CB    HB3    sing N N 291 
PRO CG    CD     sing N N 292 
PRO CG    HG2    sing N N 293 
PRO CG    HG3    sing N N 294 
PRO CD    HD2    sing N N 295 
PRO CD    HD3    sing N N 296 
PRO OXT   HXT    sing N N 297 
SER N     CA     sing N N 298 
SER N     H      sing N N 299 
SER N     H2     sing N N 300 
SER CA    C      sing N N 301 
SER CA    CB     sing N N 302 
SER CA    HA     sing N N 303 
SER C     O      doub N N 304 
SER C     OXT    sing N N 305 
SER CB    OG     sing N N 306 
SER CB    HB2    sing N N 307 
SER CB    HB3    sing N N 308 
SER OG    HG     sing N N 309 
SER OXT   HXT    sing N N 310 
THR N     CA     sing N N 311 
THR N     H      sing N N 312 
THR N     H2     sing N N 313 
THR CA    C      sing N N 314 
THR CA    CB     sing N N 315 
THR CA    HA     sing N N 316 
THR C     O      doub N N 317 
THR C     OXT    sing N N 318 
THR CB    OG1    sing N N 319 
THR CB    CG2    sing N N 320 
THR CB    HB     sing N N 321 
THR OG1   HG1    sing N N 322 
THR CG2   HG21   sing N N 323 
THR CG2   HG22   sing N N 324 
THR CG2   HG23   sing N N 325 
THR OXT   HXT    sing N N 326 
TRP N     CA     sing N N 327 
TRP N     H      sing N N 328 
TRP N     H2     sing N N 329 
TRP CA    C      sing N N 330 
TRP CA    CB     sing N N 331 
TRP CA    HA     sing N N 332 
TRP C     O      doub N N 333 
TRP C     OXT    sing N N 334 
TRP CB    CG     sing N N 335 
TRP CB    HB2    sing N N 336 
TRP CB    HB3    sing N N 337 
TRP CG    CD1    doub Y N 338 
TRP CG    CD2    sing Y N 339 
TRP CD1   NE1    sing Y N 340 
TRP CD1   HD1    sing N N 341 
TRP CD2   CE2    doub Y N 342 
TRP CD2   CE3    sing Y N 343 
TRP NE1   CE2    sing Y N 344 
TRP NE1   HE1    sing N N 345 
TRP CE2   CZ2    sing Y N 346 
TRP CE3   CZ3    doub Y N 347 
TRP CE3   HE3    sing N N 348 
TRP CZ2   CH2    doub Y N 349 
TRP CZ2   HZ2    sing N N 350 
TRP CZ3   CH2    sing Y N 351 
TRP CZ3   HZ3    sing N N 352 
TRP CH2   HH2    sing N N 353 
TRP OXT   HXT    sing N N 354 
TYR N     CA     sing N N 355 
TYR N     H      sing N N 356 
TYR N     H2     sing N N 357 
TYR CA    C      sing N N 358 
TYR CA    CB     sing N N 359 
TYR CA    HA     sing N N 360 
TYR C     O      doub N N 361 
TYR C     OXT    sing N N 362 
TYR CB    CG     sing N N 363 
TYR CB    HB2    sing N N 364 
TYR CB    HB3    sing N N 365 
TYR CG    CD1    doub Y N 366 
TYR CG    CD2    sing Y N 367 
TYR CD1   CE1    sing Y N 368 
TYR CD1   HD1    sing N N 369 
TYR CD2   CE2    doub Y N 370 
TYR CD2   HD2    sing N N 371 
TYR CE1   CZ     doub Y N 372 
TYR CE1   HE1    sing N N 373 
TYR CE2   CZ     sing Y N 374 
TYR CE2   HE2    sing N N 375 
TYR CZ    OH     sing N N 376 
TYR OH    HH     sing N N 377 
TYR OXT   HXT    sing N N 378 
VAL N     CA     sing N N 379 
VAL N     H      sing N N 380 
VAL N     H2     sing N N 381 
VAL CA    C      sing N N 382 
VAL CA    CB     sing N N 383 
VAL CA    HA     sing N N 384 
VAL C     O      doub N N 385 
VAL C     OXT    sing N N 386 
VAL CB    CG1    sing N N 387 
VAL CB    CG2    sing N N 388 
VAL CB    HB     sing N N 389 
VAL CG1   HG11   sing N N 390 
VAL CG1   HG12   sing N N 391 
VAL CG1   HG13   sing N N 392 
VAL CG2   HG21   sing N N 393 
VAL CG2   HG22   sing N N 394 
VAL CG2   HG23   sing N N 395 
VAL OXT   HXT    sing N N 396 
# 
_pdbx_initial_refinement_model.id               1 
_pdbx_initial_refinement_model.entity_id_list   ? 
_pdbx_initial_refinement_model.type             'experimental model' 
_pdbx_initial_refinement_model.source_name      PDB 
_pdbx_initial_refinement_model.accession_code   1RGA 
_pdbx_initial_refinement_model.details          'PDB ENTRY 1RGA' 
# 
_atom_sites.entry_id                    1LOY 
_atom_sites.fract_transf_matrix[1][1]   0.01082454 
_atom_sites.fract_transf_matrix[1][2]   0.00429110 
_atom_sites.fract_transf_matrix[1][3]   0.02210692 
_atom_sites.fract_transf_matrix[2][1]   -0.01468734 
_atom_sites.fract_transf_matrix[2][2]   -0.01362011 
_atom_sites.fract_transf_matrix[2][3]   0.00983533 
_atom_sites.fract_transf_matrix[3][1]   0.01228856 
_atom_sites.fract_transf_matrix[3][2]   -0.01543323 
_atom_sites.fract_transf_matrix[3][3]   -0.00302134 
_atom_sites.fract_transf_vector[1]      0.276031 
_atom_sites.fract_transf_vector[2]      0.320427 
_atom_sites.fract_transf_vector[3]      0.258109 
# 
loop_
_atom_type.symbol 
C  
CA 
N  
O  
P  
S  
# 
loop_
_atom_site.group_PDB 
_atom_site.id 
_atom_site.type_symbol 
_atom_site.label_atom_id 
_atom_site.label_alt_id 
_atom_site.label_comp_id 
_atom_site.label_asym_id 
_atom_site.label_entity_id 
_atom_site.label_seq_id 
_atom_site.pdbx_PDB_ins_code 
_atom_site.Cartn_x 
_atom_site.Cartn_y 
_atom_site.Cartn_z 
_atom_site.occupancy 
_atom_site.B_iso_or_equiv 
_atom_site.pdbx_formal_charge 
_atom_site.auth_seq_id 
_atom_site.auth_comp_id 
_atom_site.auth_asym_id 
_atom_site.auth_atom_id 
_atom_site.pdbx_PDB_model_num 
ATOM   1   N  N     . ALA A 1 1   ? 13.854  -8.888  -12.751 1.00 21.88 ? 1   ALA A N     1 
ATOM   2   C  CA    . ALA A 1 1   ? 14.198  -8.056  -11.563 1.00 19.74 ? 1   ALA A CA    1 
ATOM   3   C  C     . ALA A 1 1   ? 12.920  -7.498  -10.949 1.00 18.91 ? 1   ALA A C     1 
ATOM   4   O  O     . ALA A 1 1   ? 11.879  -7.462  -11.601 1.00 19.87 ? 1   ALA A O     1 
ATOM   5   C  CB    . ALA A 1 1   ? 15.123  -6.918  -11.976 1.00 22.43 ? 1   ALA A CB    1 
ATOM   6   N  N     . CYS A 1 2   ? 13.001  -7.080  -9.688  1.00 18.28 ? 2   CYS A N     1 
ATOM   7   C  CA    . CYS A 1 2   ? 11.846  -6.527  -8.985  1.00 18.03 ? 2   CYS A CA    1 
ATOM   8   C  C     . CYS A 1 2   ? 11.775  -5.020  -9.169  1.00 20.17 ? 2   CYS A C     1 
ATOM   9   O  O     . CYS A 1 2   ? 12.791  -4.335  -9.073  1.00 23.67 ? 2   CYS A O     1 
ATOM   10  C  CB    . CYS A 1 2   ? 11.957  -6.806  -7.488  1.00 22.26 ? 2   CYS A CB    1 
ATOM   11  S  SG    . CYS A 1 2   ? 12.282  -8.536  -7.062  1.00 18.14 ? 2   CYS A SG    1 
ATOM   12  N  N     . ASP A 1 3   ? 10.581  -4.498  -9.428  1.00 18.14 ? 3   ASP A N     1 
ATOM   13  C  CA    . ASP A 1 3   ? 10.435  -3.056  -9.554  1.00 15.66 ? 3   ASP A CA    1 
ATOM   14  C  C     . ASP A 1 3   ? 10.382  -2.522  -8.124  1.00 17.35 ? 3   ASP A C     1 
ATOM   15  O  O     . ASP A 1 3   ? 10.805  -1.402  -7.843  1.00 20.04 ? 3   ASP A O     1 
ATOM   16  C  CB    . ASP A 1 3   ? 9.161   -2.691  -10.321 1.00 18.95 ? 3   ASP A CB    1 
ATOM   17  C  CG    . ASP A 1 3   ? 9.262   -3.024  -11.797 1.00 20.49 ? 3   ASP A CG    1 
ATOM   18  O  OD1   . ASP A 1 3   ? 10.226  -2.551  -12.434 1.00 27.87 ? 3   ASP A OD1   1 
ATOM   19  O  OD2   . ASP A 1 3   ? 8.384   -3.746  -12.322 1.00 23.66 ? 3   ASP A OD2   1 
ATOM   20  N  N     . TYR A 1 4   ? 9.865   -3.359  -7.227  1.00 17.60 ? 4   TYR A N     1 
ATOM   21  C  CA    . TYR A 1 4   ? 9.756   -3.031  -5.809  1.00 18.44 ? 4   TYR A CA    1 
ATOM   22  C  C     . TYR A 1 4   ? 10.103  -4.263  -4.990  1.00 17.09 ? 4   TYR A C     1 
ATOM   23  O  O     . TYR A 1 4   ? 9.588   -5.355  -5.244  1.00 18.77 ? 4   TYR A O     1 
ATOM   24  C  CB    . TYR A 1 4   ? 8.332   -2.593  -5.465  1.00 15.31 ? 4   TYR A CB    1 
ATOM   25  C  CG    . TYR A 1 4   ? 7.895   -1.340  -6.173  1.00 17.97 ? 4   TYR A CG    1 
ATOM   26  C  CD1   . TYR A 1 4   ? 8.320   -0.085  -5.742  1.00 18.70 ? 4   TYR A CD1   1 
ATOM   27  C  CD2   . TYR A 1 4   ? 7.077   -1.410  -7.297  1.00 15.05 ? 4   TYR A CD2   1 
ATOM   28  C  CE1   . TYR A 1 4   ? 7.936   1.074   -6.415  1.00 18.35 ? 4   TYR A CE1   1 
ATOM   29  C  CE2   . TYR A 1 4   ? 6.689   -0.260  -7.979  1.00 19.07 ? 4   TYR A CE2   1 
ATOM   30  C  CZ    . TYR A 1 4   ? 7.119   0.976   -7.534  1.00 20.54 ? 4   TYR A CZ    1 
ATOM   31  O  OH    . TYR A 1 4   ? 6.727   2.108   -8.208  1.00 29.12 ? 4   TYR A OH    1 
ATOM   32  N  N     . THR A 1 5   ? 10.977  -4.090  -4.006  1.00 15.65 ? 5   THR A N     1 
ATOM   33  C  CA    . THR A 1 5   ? 11.370  -5.194  -3.151  1.00 15.00 ? 5   THR A CA    1 
ATOM   34  C  C     . THR A 1 5   ? 11.010  -4.851  -1.711  1.00 15.07 ? 5   THR A C     1 
ATOM   35  O  O     . THR A 1 5   ? 11.531  -3.888  -1.148  1.00 17.00 ? 5   THR A O     1 
ATOM   36  C  CB    . THR A 1 5   ? 12.885  -5.465  -3.255  1.00 21.69 ? 5   THR A CB    1 
ATOM   37  O  OG1   . THR A 1 5   ? 13.225  -5.731  -4.621  1.00 17.33 ? 5   THR A OG1   1 
ATOM   38  C  CG2   . THR A 1 5   ? 13.269  -6.672  -2.404  1.00 22.96 ? 5   THR A CG2   1 
ATOM   39  N  N     . CYS A 1 6   ? 10.105  -5.638  -1.135  1.00 14.75 ? 6   CYS A N     1 
ATOM   40  C  CA    . CYS A 1 6   ? 9.655   -5.445  0.241   1.00 15.14 ? 6   CYS A CA    1 
ATOM   41  C  C     . CYS A 1 6   ? 10.069  -6.689  1.015   1.00 15.29 ? 6   CYS A C     1 
ATOM   42  O  O     . CYS A 1 6   ? 9.360   -7.694  1.005   1.00 14.83 ? 6   CYS A O     1 
ATOM   43  C  CB    . CYS A 1 6   ? 8.129   -5.318  0.289   1.00 13.32 ? 6   CYS A CB    1 
ATOM   44  S  SG    . CYS A 1 6   ? 7.387   -3.997  -0.723  1.00 14.14 ? 6   CYS A SG    1 
ATOM   45  N  N     . GLY A 1 7   ? 11.208  -6.624  1.694   1.00 18.05 ? 7   GLY A N     1 
ATOM   46  C  CA    . GLY A 1 7   ? 11.672  -7.789  2.421   1.00 20.21 ? 7   GLY A CA    1 
ATOM   47  C  C     . GLY A 1 7   ? 12.039  -8.834  1.383   1.00 17.84 ? 7   GLY A C     1 
ATOM   48  O  O     . GLY A 1 7   ? 12.871  -8.573  0.519   1.00 20.15 ? 7   GLY A O     1 
ATOM   49  N  N     . SER A 1 8   ? 11.418  -10.007 1.448   1.00 17.33 ? 8   SER A N     1 
ATOM   50  C  CA    . SER A 1 8   ? 11.704  -11.049 0.470   1.00 20.90 ? 8   SER A CA    1 
ATOM   51  C  C     . SER A 1 8   ? 10.664  -11.029 -0.645  1.00 15.58 ? 8   SER A C     1 
ATOM   52  O  O     . SER A 1 8   ? 10.748  -11.812 -1.596  1.00 18.34 ? 8   SER A O     1 
ATOM   53  C  CB    . SER A 1 8   ? 11.723  -12.434 1.131   1.00 23.80 ? 8   SER A CB    1 
ATOM   54  O  OG    . SER A 1 8   ? 10.440  -12.808 1.605   1.00 29.46 ? 8   SER A OG    1 
ATOM   55  N  N     . ASN A 1 9   ? 9.686   -10.132 -0.543  1.00 18.47 ? 9   ASN A N     1 
ATOM   56  C  CA    . ASN A 1 9   ? 8.648   -10.056 -1.566  1.00 16.96 ? 9   ASN A CA    1 
ATOM   57  C  C     . ASN A 1 9   ? 9.038   -9.179  -2.753  1.00 15.74 ? 9   ASN A C     1 
ATOM   58  O  O     . ASN A 1 9   ? 9.516   -8.053  -2.598  1.00 18.59 ? 9   ASN A O     1 
ATOM   59  C  CB    . ASN A 1 9   ? 7.320   -9.587  -0.963  1.00 12.30 ? 9   ASN A CB    1 
ATOM   60  C  CG    . ASN A 1 9   ? 6.815   -10.521 0.124   1.00 17.31 ? 9   ASN A CG    1 
ATOM   61  O  OD1   . ASN A 1 9   ? 7.038   -11.734 0.073   1.00 17.90 ? 9   ASN A OD1   1 
ATOM   62  N  ND2   . ASN A 1 9   ? 6.112   -9.965  1.100   1.00 15.95 ? 9   ASN A ND2   1 
ATOM   63  N  N     . CYS A 1 10  ? 8.813   -9.727  -3.943  1.00 14.42 ? 10  CYS A N     1 
ATOM   64  C  CA    . CYS A 1 10  ? 9.153   -9.089  -5.210  1.00 15.90 ? 10  CYS A CA    1 
ATOM   65  C  C     . CYS A 1 10  ? 7.890   -8.648  -5.948  1.00 14.15 ? 10  CYS A C     1 
ATOM   66  O  O     . CYS A 1 10  ? 6.997   -9.458  -6.185  1.00 18.37 ? 10  CYS A O     1 
ATOM   67  C  CB    . CYS A 1 10  ? 9.901   -10.110 -6.064  1.00 12.11 ? 10  CYS A CB    1 
ATOM   68  S  SG    . CYS A 1 10  ? 10.594  -9.501  -7.627  1.00 17.91 ? 10  CYS A SG    1 
ATOM   69  N  N     . TYR A 1 11  ? 7.826   -7.372  -6.319  1.00 14.75 ? 11  TYR A N     1 
ATOM   70  C  CA    . TYR A 1 11  ? 6.668   -6.829  -7.030  1.00 14.13 ? 11  TYR A CA    1 
ATOM   71  C  C     . TYR A 1 11  ? 7.042   -6.112  -8.318  1.00 18.81 ? 11  TYR A C     1 
ATOM   72  O  O     . TYR A 1 11  ? 8.051   -5.410  -8.381  1.00 16.98 ? 11  TYR A O     1 
ATOM   73  C  CB    . TYR A 1 11  ? 5.908   -5.833  -6.146  1.00 16.22 ? 11  TYR A CB    1 
ATOM   74  C  CG    . TYR A 1 11  ? 5.350   -6.419  -4.875  1.00 13.58 ? 11  TYR A CG    1 
ATOM   75  C  CD1   . TYR A 1 11  ? 4.357   -7.399  -4.916  1.00 12.17 ? 11  TYR A CD1   1 
ATOM   76  C  CD2   . TYR A 1 11  ? 5.829   -6.014  -3.629  1.00 12.21 ? 11  TYR A CD2   1 
ATOM   77  C  CE1   . TYR A 1 11  ? 3.859   -7.965  -3.747  1.00 15.82 ? 11  TYR A CE1   1 
ATOM   78  C  CE2   . TYR A 1 11  ? 5.336   -6.575  -2.454  1.00 12.29 ? 11  TYR A CE2   1 
ATOM   79  C  CZ    . TYR A 1 11  ? 4.357   -7.548  -2.523  1.00 14.32 ? 11  TYR A CZ    1 
ATOM   80  O  OH    . TYR A 1 11  ? 3.890   -8.126  -1.368  1.00 14.76 ? 11  TYR A OH    1 
ATOM   81  N  N     . SER A 1 12  ? 6.217   -6.284  -9.342  1.00 15.94 ? 12  SER A N     1 
ATOM   82  C  CA    . SER A 1 12  ? 6.432   -5.605  -10.613 1.00 15.82 ? 12  SER A CA    1 
ATOM   83  C  C     . SER A 1 12  ? 5.471   -4.424  -10.621 1.00 19.05 ? 12  SER A C     1 
ATOM   84  O  O     . SER A 1 12  ? 4.555   -4.355  -9.800  1.00 17.35 ? 12  SER A O     1 
ATOM   85  C  CB    . SER A 1 12  ? 6.095   -6.525  -11.784 1.00 14.65 ? 12  SER A CB    1 
ATOM   86  O  OG    . SER A 1 12  ? 4.715   -6.857  -11.788 1.00 17.30 ? 12  SER A OG    1 
ATOM   87  N  N     . SER A 1 13  ? 5.669   -3.495  -11.547 1.00 15.56 ? 13  SER A N     1 
ATOM   88  C  CA    . SER A 1 13  ? 4.786   -2.344  -11.635 1.00 16.57 ? 13  SER A CA    1 
ATOM   89  C  C     . SER A 1 13  ? 3.343   -2.794  -11.862 1.00 17.36 ? 13  SER A C     1 
ATOM   90  O  O     . SER A 1 13  ? 2.404   -2.163  -11.372 1.00 17.66 ? 13  SER A O     1 
ATOM   91  C  CB    . SER A 1 13  ? 5.232   -1.423  -12.770 1.00 22.06 ? 13  SER A CB    1 
ATOM   92  O  OG    . SER A 1 13  ? 6.554   -0.962  -12.544 1.00 31.79 ? 13  SER A OG    1 
ATOM   93  N  N     . SER A 1 14  ? 3.162   -3.882  -12.605 1.00 16.72 ? 14  SER A N     1 
ATOM   94  C  CA    . SER A 1 14  ? 1.820   -4.388  -12.870 1.00 15.83 ? 14  SER A CA    1 
ATOM   95  C  C     . SER A 1 14  ? 1.141   -4.864  -11.582 1.00 17.21 ? 14  SER A C     1 
ATOM   96  O  O     . SER A 1 14  ? -0.063  -4.691  -11.417 1.00 16.63 ? 14  SER A O     1 
ATOM   97  C  CB    . SER A 1 14  ? 1.858   -5.519  -13.909 1.00 19.22 ? 14  SER A CB    1 
ATOM   98  O  OG    . SER A 1 14  ? 2.699   -6.583  -13.510 1.00 20.84 ? 14  SER A OG    1 
ATOM   99  N  N     . ASP A 1 15  ? 1.912   -5.457  -10.670 1.00 15.02 ? 15  ASP A N     1 
ATOM   100 C  CA    . ASP A 1 15  ? 1.349   -5.920  -9.401  1.00 14.44 ? 15  ASP A CA    1 
ATOM   101 C  C     . ASP A 1 15  ? 0.830   -4.717  -8.621  1.00 15.47 ? 15  ASP A C     1 
ATOM   102 O  O     . ASP A 1 15  ? -0.246  -4.756  -8.028  1.00 15.20 ? 15  ASP A O     1 
ATOM   103 C  CB    . ASP A 1 15  ? 2.403   -6.615  -8.525  1.00 13.54 ? 15  ASP A CB    1 
ATOM   104 C  CG    . ASP A 1 15  ? 2.887   -7.932  -9.095  1.00 18.26 ? 15  ASP A CG    1 
ATOM   105 O  OD1   . ASP A 1 15  ? 2.058   -8.728  -9.581  1.00 17.29 ? 15  ASP A OD1   1 
ATOM   106 O  OD2   . ASP A 1 15  ? 4.108   -8.187  -9.023  1.00 19.09 ? 15  ASP A OD2   1 
ATOM   107 N  N     . VAL A 1 16  ? 1.617   -3.649  -8.620  1.00 13.90 ? 16  VAL A N     1 
ATOM   108 C  CA    . VAL A 1 16  ? 1.263   -2.436  -7.901  1.00 14.28 ? 16  VAL A CA    1 
ATOM   109 C  C     . VAL A 1 16  ? 0.038   -1.744  -8.498  1.00 16.29 ? 16  VAL A C     1 
ATOM   110 O  O     . VAL A 1 16  ? -0.851  -1.308  -7.759  1.00 17.76 ? 16  VAL A O     1 
ATOM   111 C  CB    . VAL A 1 16  ? 2.472   -1.471  -7.861  1.00 13.96 ? 16  VAL A CB    1 
ATOM   112 C  CG1   . VAL A 1 16  ? 2.087   -0.150  -7.205  1.00 16.81 ? 16  VAL A CG1   1 
ATOM   113 C  CG2   . VAL A 1 16  ? 3.612   -2.116  -7.083  1.00 15.32 ? 16  VAL A CG2   1 
ATOM   114 N  N     . SER A 1 17  ? -0.019  -1.657  -9.825  1.00 15.36 ? 17  SER A N     1 
ATOM   115 C  CA    . SER A 1 17  ? -1.157  -1.019  -10.488 1.00 16.86 ? 17  SER A CA    1 
ATOM   116 C  C     . SER A 1 17  ? -2.463  -1.747  -10.204 1.00 19.05 ? 17  SER A C     1 
ATOM   117 O  O     . SER A 1 17  ? -3.503  -1.117  -9.996  1.00 20.16 ? 17  SER A O     1 
ATOM   118 C  CB    . SER A 1 17  ? -0.930  -0.955  -11.998 1.00 21.04 ? 17  SER A CB    1 
ATOM   119 O  OG    . SER A 1 17  ? 0.187   -0.142  -12.299 1.00 36.73 ? 17  SER A OG    1 
ATOM   120 N  N     . THR A 1 18  ? -2.410  -3.073  -10.203 1.00 17.93 ? 18  THR A N     1 
ATOM   121 C  CA    . THR A 1 18  ? -3.590  -3.886  -9.941  1.00 16.70 ? 18  THR A CA    1 
ATOM   122 C  C     . THR A 1 18  ? -4.083  -3.664  -8.513  1.00 18.10 ? 18  THR A C     1 
ATOM   123 O  O     . THR A 1 18  ? -5.277  -3.483  -8.285  1.00 20.22 ? 18  THR A O     1 
ATOM   124 C  CB    . THR A 1 18  ? -3.286  -5.382  -10.145 1.00 20.87 ? 18  THR A CB    1 
ATOM   125 O  OG1   . THR A 1 18  ? -2.925  -5.608  -11.512 1.00 23.65 ? 18  THR A OG1   1 
ATOM   126 C  CG2   . THR A 1 18  ? -4.502  -6.232  -9.802  1.00 24.21 ? 18  THR A CG2   1 
ATOM   127 N  N     . ALA A 1 19  ? -3.160  -3.678  -7.557  1.00 16.15 ? 19  ALA A N     1 
ATOM   128 C  CA    . ALA A 1 19  ? -3.521  -3.461  -6.160  1.00 16.19 ? 19  ALA A CA    1 
ATOM   129 C  C     . ALA A 1 19  ? -4.065  -2.044  -5.949  1.00 16.79 ? 19  ALA A C     1 
ATOM   130 O  O     . ALA A 1 19  ? -5.067  -1.851  -5.265  1.00 17.24 ? 19  ALA A O     1 
ATOM   131 C  CB    . ALA A 1 19  ? -2.307  -3.695  -5.261  1.00 14.19 ? 19  ALA A CB    1 
ATOM   132 N  N     . GLN A 1 20  ? -3.400  -1.054  -6.537  1.00 15.15 ? 20  GLN A N     1 
ATOM   133 C  CA    . GLN A 1 20  ? -3.822  0.336   -6.400  1.00 15.52 ? 20  GLN A CA    1 
ATOM   134 C  C     . GLN A 1 20  ? -5.221  0.571   -6.967  1.00 17.41 ? 20  GLN A C     1 
ATOM   135 O  O     . GLN A 1 20  ? -6.016  1.308   -6.382  1.00 16.83 ? 20  GLN A O     1 
ATOM   136 C  CB    . GLN A 1 20  ? -2.814  1.267   -7.091  1.00 14.65 ? 20  GLN A CB    1 
ATOM   137 C  CG    . GLN A 1 20  ? -3.227  2.738   -7.092  1.00 22.00 ? 20  GLN A CG    1 
ATOM   138 C  CD    . GLN A 1 20  ? -2.198  3.642   -7.751  1.00 26.84 ? 20  GLN A CD    1 
ATOM   139 O  OE1   . GLN A 1 20  ? -2.446  4.827   -7.968  1.00 29.04 ? 20  GLN A OE1   1 
ATOM   140 N  NE2   . GLN A 1 20  ? -1.035  3.088   -8.062  1.00 23.59 ? 20  GLN A NE2   1 
ATOM   141 N  N     . ALA A 1 21  ? -5.518  -0.054  -8.100  1.00 17.87 ? 21  ALA A N     1 
ATOM   142 C  CA    . ALA A 1 21  ? -6.829  0.099   -8.731  1.00 19.55 ? 21  ALA A CA    1 
ATOM   143 C  C     . ALA A 1 21  ? -7.952  -0.426  -7.834  1.00 21.07 ? 21  ALA A C     1 
ATOM   144 O  O     . ALA A 1 21  ? -9.026  0.171   -7.750  1.00 18.49 ? 21  ALA A O     1 
ATOM   145 C  CB    . ALA A 1 21  ? -6.846  -0.629  -10.068 1.00 20.51 ? 21  ALA A CB    1 
ATOM   146 N  N     . ALA A 1 22  ? -7.699  -1.553  -7.174  1.00 18.36 ? 22  ALA A N     1 
ATOM   147 C  CA    . ALA A 1 22  ? -8.678  -2.156  -6.279  1.00 18.27 ? 22  ALA A CA    1 
ATOM   148 C  C     . ALA A 1 22  ? -8.917  -1.254  -5.070  1.00 18.96 ? 22  ALA A C     1 
ATOM   149 O  O     . ALA A 1 22  ? -10.059 -0.988  -4.692  1.00 19.47 ? 22  ALA A O     1 
ATOM   150 C  CB    . ALA A 1 22  ? -8.188  -3.529  -5.820  1.00 20.87 ? 22  ALA A CB    1 
ATOM   151 N  N     . GLY A 1 23  ? -7.828  -0.787  -4.469  1.00 17.70 ? 23  GLY A N     1 
ATOM   152 C  CA    . GLY A 1 23  ? -7.932  0.074   -3.308  1.00 14.31 ? 23  GLY A CA    1 
ATOM   153 C  C     . GLY A 1 23  ? -8.611  1.391   -3.607  1.00 16.54 ? 23  GLY A C     1 
ATOM   154 O  O     . GLY A 1 23  ? -9.391  1.897   -2.797  1.00 16.48 ? 23  GLY A O     1 
ATOM   155 N  N     . TYR A 1 24  ? -8.314  1.966   -4.766  1.00 14.29 ? 24  TYR A N     1 
ATOM   156 C  CA    . TYR A 1 24  ? -8.918  3.240   -5.117  1.00 16.69 ? 24  TYR A CA    1 
ATOM   157 C  C     . TYR A 1 24  ? -10.410 3.077   -5.341  1.00 20.09 ? 24  TYR A C     1 
ATOM   158 O  O     . TYR A 1 24  ? -11.197 3.945   -4.970  1.00 18.76 ? 24  TYR A O     1 
ATOM   159 C  CB    . TYR A 1 24  ? -8.282  3.816   -6.379  1.00 18.26 ? 24  TYR A CB    1 
ATOM   160 C  CG    . TYR A 1 24  ? -8.707  5.240   -6.642  1.00 19.68 ? 24  TYR A CG    1 
ATOM   161 C  CD1   . TYR A 1 24  ? -8.281  6.278   -5.811  1.00 18.82 ? 24  TYR A CD1   1 
ATOM   162 C  CD2   . TYR A 1 24  ? -9.553  5.551   -7.705  1.00 18.48 ? 24  TYR A CD2   1 
ATOM   163 C  CE1   . TYR A 1 24  ? -8.685  7.589   -6.033  1.00 25.61 ? 24  TYR A CE1   1 
ATOM   164 C  CE2   . TYR A 1 24  ? -9.964  6.861   -7.938  1.00 21.02 ? 24  TYR A CE2   1 
ATOM   165 C  CZ    . TYR A 1 24  ? -9.526  7.871   -7.098  1.00 25.26 ? 24  TYR A CZ    1 
ATOM   166 O  OH    . TYR A 1 24  ? -9.926  9.168   -7.324  1.00 31.83 ? 24  TYR A OH    1 
ATOM   167 N  N     . LYS A 1 25  ? -10.803 1.966   -5.953  1.00 16.65 ? 25  LYS A N     1 
ATOM   168 C  CA    . LYS A 1 25  ? -12.213 1.724   -6.202  1.00 17.54 ? 25  LYS A CA    1 
ATOM   169 C  C     . LYS A 1 25  ? -13.010 1.730   -4.895  1.00 22.05 ? 25  LYS A C     1 
ATOM   170 O  O     . LYS A 1 25  ? -14.050 2.380   -4.801  1.00 22.65 ? 25  LYS A O     1 
ATOM   171 C  CB    . LYS A 1 25  ? -12.392 0.392   -6.926  1.00 21.34 ? 25  LYS A CB    1 
ATOM   172 C  CG    . LYS A 1 25  ? -13.836 0.043   -7.262  1.00 25.96 ? 25  LYS A CG    1 
ATOM   173 C  CD    . LYS A 1 25  ? -14.514 1.100   -8.133  0.00 23.42 ? 25  LYS A CD    1 
ATOM   174 C  CE    . LYS A 1 25  ? -13.857 1.260   -9.508  0.00 22.99 ? 25  LYS A CE    1 
ATOM   175 N  NZ    . LYS A 1 25  ? -12.466 1.806   -9.515  0.00 21.92 ? 25  LYS A NZ    1 
ATOM   176 N  N     . LEU A 1 26  ? -12.526 1.005   -3.891  1.00 21.33 ? 26  LEU A N     1 
ATOM   177 C  CA    . LEU A 1 26  ? -13.200 0.963   -2.600  1.00 18.04 ? 26  LEU A CA    1 
ATOM   178 C  C     . LEU A 1 26  ? -13.219 2.345   -1.963  1.00 21.58 ? 26  LEU A C     1 
ATOM   179 O  O     . LEU A 1 26  ? -14.197 2.723   -1.317  1.00 20.60 ? 26  LEU A O     1 
ATOM   180 C  CB    . LEU A 1 26  ? -12.507 -0.024  -1.657  1.00 18.51 ? 26  LEU A CB    1 
ATOM   181 C  CG    . LEU A 1 26  ? -12.655 -1.497  -2.026  1.00 28.46 ? 26  LEU A CG    1 
ATOM   182 C  CD1   . LEU A 1 26  ? -11.942 -2.348  -0.994  1.00 33.48 ? 26  LEU A CD1   1 
ATOM   183 C  CD2   . LEU A 1 26  ? -14.132 -1.863  -2.081  1.00 28.16 ? 26  LEU A CD2   1 
ATOM   184 N  N     . HIS A 1 27  ? -12.138 3.098   -2.143  1.00 17.75 ? 27  HIS A N     1 
ATOM   185 C  CA    . HIS A 1 27  ? -12.060 4.439   -1.580  1.00 20.34 ? 27  HIS A CA    1 
ATOM   186 C  C     . HIS A 1 27  ? -13.158 5.336   -2.138  1.00 23.08 ? 27  HIS A C     1 
ATOM   187 O  O     . HIS A 1 27  ? -13.792 6.091   -1.396  1.00 23.05 ? 27  HIS A O     1 
ATOM   188 C  CB    . HIS A 1 27  ? -10.697 5.074   -1.871  1.00 18.65 ? 27  HIS A CB    1 
ATOM   189 C  CG    . HIS A 1 27  ? -10.612 6.509   -1.457  1.00 17.20 ? 27  HIS A CG    1 
ATOM   190 N  ND1   . HIS A 1 27  ? -10.712 6.910   -0.142  1.00 24.76 ? 27  HIS A ND1   1 
ATOM   191 C  CD2   . HIS A 1 27  ? -10.492 7.644   -2.189  1.00 23.12 ? 27  HIS A CD2   1 
ATOM   192 C  CE1   . HIS A 1 27  ? -10.660 8.230   -0.081  1.00 26.22 ? 27  HIS A CE1   1 
ATOM   193 N  NE2   . HIS A 1 27  ? -10.527 8.698   -1.307  1.00 22.98 ? 27  HIS A NE2   1 
ATOM   194 N  N     . GLU A 1 28  ? -13.377 5.258   -3.445  1.00 19.48 ? 28  GLU A N     1 
ATOM   195 C  CA    . GLU A 1 28  ? -14.403 6.070   -4.082  1.00 24.94 ? 28  GLU A CA    1 
ATOM   196 C  C     . GLU A 1 28  ? -15.818 5.651   -3.692  1.00 26.51 ? 28  GLU A C     1 
ATOM   197 O  O     . GLU A 1 28  ? -16.746 6.453   -3.759  1.00 29.97 ? 28  GLU A O     1 
ATOM   198 C  CB    . GLU A 1 28  ? -14.247 6.025   -5.600  1.00 26.27 ? 28  GLU A CB    1 
ATOM   199 C  CG    . GLU A 1 28  ? -12.980 6.692   -6.110  1.00 36.20 ? 28  GLU A CG    1 
ATOM   200 C  CD    . GLU A 1 28  ? -12.828 8.119   -5.602  1.00 42.69 ? 28  GLU A CD    1 
ATOM   201 O  OE1   . GLU A 1 28  ? -12.643 8.300   -4.382  1.00 48.42 ? 28  GLU A OE1   1 
ATOM   202 O  OE2   . GLU A 1 28  ? -12.900 9.062   -6.421  1.00 51.51 ? 28  GLU A OE2   1 
ATOM   203 N  N     . ASP A 1 29  ? -15.985 4.399   -3.278  1.00 26.59 ? 29  ASP A N     1 
ATOM   204 C  CA    . ASP A 1 29  ? -17.302 3.914   -2.875  1.00 30.96 ? 29  ASP A CA    1 
ATOM   205 C  C     . ASP A 1 29  ? -17.509 4.008   -1.364  1.00 28.80 ? 29  ASP A C     1 
ATOM   206 O  O     . ASP A 1 29  ? -18.579 3.675   -0.859  1.00 34.50 ? 29  ASP A O     1 
ATOM   207 C  CB    . ASP A 1 29  ? -17.511 2.473   -3.346  1.00 31.68 ? 29  ASP A CB    1 
ATOM   208 C  CG    . ASP A 1 29  ? -17.528 2.354   -4.857  1.00 38.44 ? 29  ASP A CG    1 
ATOM   209 O  OD1   . ASP A 1 29  ? -18.322 3.069   -5.502  1.00 46.77 ? 29  ASP A OD1   1 
ATOM   210 O  OD2   . ASP A 1 29  ? -16.751 1.543   -5.401  1.00 47.30 ? 29  ASP A OD2   1 
ATOM   211 N  N     . GLY A 1 30  ? -16.484 4.477   -0.658  1.00 27.96 ? 30  GLY A N     1 
ATOM   212 C  CA    . GLY A 1 30  ? -16.566 4.613   0.785   1.00 25.69 ? 30  GLY A CA    1 
ATOM   213 C  C     . GLY A 1 30  ? -16.717 3.292   1.519   1.00 26.57 ? 30  GLY A C     1 
ATOM   214 O  O     . GLY A 1 30  ? -17.224 3.262   2.641   1.00 24.70 ? 30  GLY A O     1 
ATOM   215 N  N     . GLU A 1 31  ? -16.277 2.202   0.893   1.00 22.43 ? 31  GLU A N     1 
ATOM   216 C  CA    . GLU A 1 31  ? -16.367 0.877   1.506   1.00 22.76 ? 31  GLU A CA    1 
ATOM   217 C  C     . GLU A 1 31  ? -14.998 0.463   2.034   1.00 22.74 ? 31  GLU A C     1 
ATOM   218 O  O     . GLU A 1 31  ? -13.970 0.881   1.504   1.00 21.52 ? 31  GLU A O     1 
ATOM   219 C  CB    . GLU A 1 31  ? -16.839 -0.163  0.481   1.00 24.52 ? 31  GLU A CB    1 
ATOM   220 C  CG    . GLU A 1 31  ? -18.201 0.127   -0.129  1.00 28.11 ? 31  GLU A CG    1 
ATOM   221 C  CD    . GLU A 1 31  ? -19.326 0.059   0.882   1.00 29.10 ? 31  GLU A CD    1 
ATOM   222 O  OE1   . GLU A 1 31  ? -19.741 -1.061  1.257   1.00 27.25 ? 31  GLU A OE1   1 
ATOM   223 O  OE2   . GLU A 1 31  ? -19.787 1.136   1.315   1.00 26.86 ? 31  GLU A OE2   1 
ATOM   224 N  N     . THR A 1 32  ? -14.989 -0.353  3.083   1.00 20.19 ? 32  THR A N     1 
ATOM   225 C  CA    . THR A 1 32  ? -13.741 -0.830  3.665   1.00 16.95 ? 32  THR A CA    1 
ATOM   226 C  C     . THR A 1 32  ? -13.808 -2.323  3.934   1.00 25.21 ? 32  THR A C     1 
ATOM   227 O  O     . THR A 1 32  ? -14.891 -2.893  4.084   1.00 27.12 ? 32  THR A O     1 
ATOM   228 C  CB    . THR A 1 32  ? -13.425 -0.126  4.994   1.00 23.65 ? 32  THR A CB    1 
ATOM   229 O  OG1   . THR A 1 32  ? -14.499 -0.350  5.918   1.00 24.79 ? 32  THR A OG1   1 
ATOM   230 C  CG2   . THR A 1 32  ? -13.233 1.368   4.775   1.00 23.08 ? 32  THR A CG2   1 
ATOM   231 N  N     . VAL A 1 33  ? -12.639 -2.952  3.985   1.00 18.65 ? 33  VAL A N     1 
ATOM   232 C  CA    . VAL A 1 33  ? -12.548 -4.381  4.254   1.00 20.62 ? 33  VAL A CA    1 
ATOM   233 C  C     . VAL A 1 33  ? -11.405 -4.668  5.219   1.00 19.88 ? 33  VAL A C     1 
ATOM   234 O  O     . VAL A 1 33  ? -10.415 -3.937  5.267   1.00 20.24 ? 33  VAL A O     1 
ATOM   235 C  CB    . VAL A 1 33  ? -12.317 -5.195  2.958   1.00 24.37 ? 33  VAL A CB    1 
ATOM   236 C  CG1   . VAL A 1 33  ? -13.514 -5.043  2.029   1.00 28.11 ? 33  VAL A CG1   1 
ATOM   237 C  CG2   . VAL A 1 33  ? -11.048 -4.728  2.265   1.00 21.55 ? 33  VAL A CG2   1 
ATOM   238 N  N     . GLY A 1 34  ? -11.551 -5.733  5.999   1.00 16.83 ? 34  GLY A N     1 
ATOM   239 C  CA    . GLY A 1 34  ? -10.505 -6.092  6.941   1.00 19.45 ? 34  GLY A CA    1 
ATOM   240 C  C     . GLY A 1 34  ? -10.669 -5.434  8.297   1.00 22.74 ? 34  GLY A C     1 
ATOM   241 O  O     . GLY A 1 34  ? -11.411 -4.466  8.436   1.00 24.38 ? 34  GLY A O     1 
ATOM   242 N  N     . SER A 1 35  ? -9.967  -5.955  9.295   1.00 26.36 ? 35  SER A N     1 
ATOM   243 C  CA    . SER A 1 35  ? -10.057 -5.420  10.646  1.00 24.77 ? 35  SER A CA    1 
ATOM   244 C  C     . SER A 1 35  ? -9.499  -4.004  10.756  1.00 24.68 ? 35  SER A C     1 
ATOM   245 O  O     . SER A 1 35  ? -9.940  -3.229  11.606  1.00 23.77 ? 35  SER A O     1 
ATOM   246 C  CB    . SER A 1 35  ? -9.334  -6.348  11.627  1.00 29.11 ? 35  SER A CB    1 
ATOM   247 O  OG    . SER A 1 35  ? -9.972  -7.614  11.685  1.00 34.16 ? 35  SER A OG    1 
ATOM   248 N  N     . ASN A 1 36  ? -8.536  -3.663  9.897   1.00 20.91 ? 36  ASN A N     1 
ATOM   249 C  CA    . ASN A 1 36  ? -7.938  -2.330  9.921   1.00 23.02 ? 36  ASN A CA    1 
ATOM   250 C  C     . ASN A 1 36  ? -8.633  -1.360  8.968   1.00 20.36 ? 36  ASN A C     1 
ATOM   251 O  O     . ASN A 1 36  ? -8.127  -0.269  8.702   1.00 25.11 ? 36  ASN A O     1 
ATOM   252 C  CB    . ASN A 1 36  ? -6.444  -2.390  9.583   0.00 28.69 ? 36  ASN A CB    1 
ATOM   253 C  CG    . ASN A 1 36  ? -5.689  -3.381  10.444  0.00 34.18 ? 36  ASN A CG    1 
ATOM   254 O  OD1   . ASN A 1 36  ? -6.130  -3.728  11.540  0.00 35.76 ? 36  ASN A OD1   1 
ATOM   255 N  ND2   . ASN A 1 36  ? -4.518  -3.803  9.976   0.00 35.97 ? 36  ASN A ND2   1 
ATOM   256 N  N     . SER A 1 37  ? -9.785  -1.768  8.449   1.00 17.17 ? 37  SER A N     1 
ATOM   257 C  CA    . SER A 1 37  ? -10.579 -0.945  7.544   1.00 18.18 ? 37  SER A CA    1 
ATOM   258 C  C     . SER A 1 37  ? -9.814  -0.315  6.384   1.00 19.71 ? 37  SER A C     1 
ATOM   259 O  O     . SER A 1 37  ? -9.706  0.906   6.291   1.00 18.99 ? 37  SER A O     1 
ATOM   260 C  CB    . SER A 1 37  ? -11.308 0.152   8.330   1.00 22.07 ? 37  SER A CB    1 
ATOM   261 O  OG    . SER A 1 37  ? -12.222 -0.417  9.258   1.00 26.31 ? 37  SER A OG    1 
ATOM   262 N  N     . TYR A 1 38  ? -9.300  -1.157  5.494   1.00 16.04 ? 38  TYR A N     1 
ATOM   263 C  CA    . TYR A 1 38  ? -8.579  -0.687  4.315   1.00 14.37 ? 38  TYR A CA    1 
ATOM   264 C  C     . TYR A 1 38  ? -9.578  -0.426  3.191   1.00 16.67 ? 38  TYR A C     1 
ATOM   265 O  O     . TYR A 1 38  ? -10.596 -1.107  3.093   1.00 15.89 ? 38  TYR A O     1 
ATOM   266 C  CB    . TYR A 1 38  ? -7.571  -1.744  3.864   1.00 14.37 ? 38  TYR A CB    1 
ATOM   267 C  CG    . TYR A 1 38  ? -6.443  -1.956  4.840   1.00 12.66 ? 38  TYR A CG    1 
ATOM   268 C  CD1   . TYR A 1 38  ? -5.473  -0.975  5.025   1.00 18.50 ? 38  TYR A CD1   1 
ATOM   269 C  CD2   . TYR A 1 38  ? -6.361  -3.122  5.594   1.00 16.34 ? 38  TYR A CD2   1 
ATOM   270 C  CE1   . TYR A 1 38  ? -4.443  -1.149  5.941   1.00 23.07 ? 38  TYR A CE1   1 
ATOM   271 C  CE2   . TYR A 1 38  ? -5.333  -3.307  6.517   1.00 20.20 ? 38  TYR A CE2   1 
ATOM   272 C  CZ    . TYR A 1 38  ? -4.378  -2.314  6.681   1.00 20.30 ? 38  TYR A CZ    1 
ATOM   273 O  OH    . TYR A 1 38  ? -3.350  -2.484  7.581   1.00 28.15 ? 38  TYR A OH    1 
ATOM   274 N  N     . PRO A 1 39  ? -9.312  0.575   2.335   1.00 15.17 ? 39  PRO A N     1 
ATOM   275 C  CA    . PRO A 1 39  ? -8.160  1.486   2.334   1.00 14.35 ? 39  PRO A CA    1 
ATOM   276 C  C     . PRO A 1 39  ? -8.215  2.433   3.530   1.00 16.71 ? 39  PRO A C     1 
ATOM   277 O  O     . PRO A 1 39  ? -9.256  3.016   3.822   1.00 20.56 ? 39  PRO A O     1 
ATOM   278 C  CB    . PRO A 1 39  ? -8.318  2.214   1.001   1.00 14.52 ? 39  PRO A CB    1 
ATOM   279 C  CG    . PRO A 1 39  ? -9.819  2.296   0.876   1.00 25.55 ? 39  PRO A CG    1 
ATOM   280 C  CD    . PRO A 1 39  ? -10.171 0.857   1.171   1.00 17.19 ? 39  PRO A CD    1 
ATOM   281 N  N     . ALA A 1 40  ? -7.086  2.591   4.213   1.00 15.58 ? 40  ALA A N     1 
ATOM   282 C  CA    . ALA A 1 40  ? -7.033  3.448   5.387   1.00 13.75 ? 40  ALA A CA    1 
ATOM   283 C  C     . ALA A 1 40  ? -6.188  4.698   5.195   1.00 13.74 ? 40  ALA A C     1 
ATOM   284 O  O     . ALA A 1 40  ? -5.217  4.700   4.449   1.00 18.40 ? 40  ALA A O     1 
ATOM   285 C  CB    . ALA A 1 40  ? -6.514  2.653   6.576   1.00 20.32 ? 40  ALA A CB    1 
ATOM   286 N  N     . LYS A 1 41  ? -6.574  5.763   5.887   1.00 17.43 ? 41  LYS A N     1 
ATOM   287 C  CA    . LYS A 1 41  ? -5.855  7.031   5.845   1.00 17.15 ? 41  LYS A CA    1 
ATOM   288 C  C     . LYS A 1 41  ? -4.407  6.764   6.257   1.00 18.10 ? 41  LYS A C     1 
ATOM   289 O  O     . LYS A 1 41  ? -4.162  6.040   7.220   1.00 19.31 ? 41  LYS A O     1 
ATOM   290 C  CB    . LYS A 1 41  ? -6.499  8.000   6.845   1.00 24.62 ? 41  LYS A CB    1 
ATOM   291 C  CG    . LYS A 1 41  ? -5.849  9.376   6.978   1.00 33.81 ? 41  LYS A CG    1 
ATOM   292 C  CD    . LYS A 1 41  ? -6.208  10.316  5.827   1.00 35.28 ? 41  LYS A CD    1 
ATOM   293 C  CE    . LYS A 1 41  ? -5.784  9.753   4.492   0.00 29.81 ? 41  LYS A CE    1 
ATOM   294 N  NZ    . LYS A 1 41  ? -6.150  10.618  3.359   0.00 27.50 ? 41  LYS A NZ    1 
ATOM   295 N  N     . TYR A 1 42  ? -3.454  7.342   5.528   1.00 15.62 ? 42  TYR A N     1 
ATOM   296 C  CA    . TYR A 1 42  ? -2.037  7.182   5.843   1.00 16.64 ? 42  TYR A CA    1 
ATOM   297 C  C     . TYR A 1 42  ? -1.502  8.580   6.149   1.00 17.24 ? 42  TYR A C     1 
ATOM   298 O  O     . TYR A 1 42  ? -1.396  9.417   5.254   1.00 20.39 ? 42  TYR A O     1 
ATOM   299 C  CB    . TYR A 1 42  ? -1.282  6.576   4.651   1.00 17.59 ? 42  TYR A CB    1 
ATOM   300 C  CG    . TYR A 1 42  ? 0.180   6.350   4.948   1.00 15.29 ? 42  TYR A CG    1 
ATOM   301 C  CD1   . TYR A 1 42  ? 0.580   5.392   5.878   1.00 16.13 ? 42  TYR A CD1   1 
ATOM   302 C  CD2   . TYR A 1 42  ? 1.159   7.148   4.358   1.00 16.66 ? 42  TYR A CD2   1 
ATOM   303 C  CE1   . TYR A 1 42  ? 1.921   5.239   6.218   1.00 18.02 ? 42  TYR A CE1   1 
ATOM   304 C  CE2   . TYR A 1 42  ? 2.499   7.002   4.693   1.00 15.65 ? 42  TYR A CE2   1 
ATOM   305 C  CZ    . TYR A 1 42  ? 2.870   6.051   5.625   1.00 16.64 ? 42  TYR A CZ    1 
ATOM   306 O  OH    . TYR A 1 42  ? 4.186   5.932   5.985   1.00 22.79 ? 42  TYR A OH    1 
ATOM   307 N  N     . ASN A 1 43  ? -1.154  8.822   7.409   1.00 14.64 ? 43  ASN A N     1 
ATOM   308 C  CA    . ASN A 1 43  ? -0.693  10.145  7.835   1.00 15.29 ? 43  ASN A CA    1 
ATOM   309 C  C     . ASN A 1 43  ? 0.761   10.473  7.553   1.00 19.24 ? 43  ASN A C     1 
ATOM   310 O  O     . ASN A 1 43  ? 1.177   11.618  7.703   1.00 20.90 ? 43  ASN A O     1 
ATOM   311 C  CB    . ASN A 1 43  ? -0.964  10.347  9.328   1.00 21.28 ? 43  ASN A CB    1 
ATOM   312 C  CG    . ASN A 1 43  ? -2.438  10.301  9.662   1.00 26.43 ? 43  ASN A CG    1 
ATOM   313 O  OD1   . ASN A 1 43  ? -3.233  11.053  9.095   1.00 31.62 ? 43  ASN A OD1   1 
ATOM   314 N  ND2   . ASN A 1 43  ? -2.814  9.422   10.588  1.00 37.52 ? 43  ASN A ND2   1 
ATOM   315 N  N     . ASN A 1 44  ? 1.528   9.469   7.150   1.00 16.02 ? 44  ASN A N     1 
ATOM   316 C  CA    . ASN A 1 44  ? 2.942   9.633   6.844   1.00 18.53 ? 44  ASN A CA    1 
ATOM   317 C  C     . ASN A 1 44  ? 3.741   10.141  8.054   1.00 18.54 ? 44  ASN A C     1 
ATOM   318 O  O     . ASN A 1 44  ? 4.457   11.145  7.964   1.00 21.17 ? 44  ASN A O     1 
ATOM   319 C  CB    . ASN A 1 44  ? 3.095   10.566  5.634   1.00 20.40 ? 44  ASN A CB    1 
ATOM   320 C  CG    . ASN A 1 44  ? 4.512   10.623  5.118   1.00 19.28 ? 44  ASN A CG    1 
ATOM   321 O  OD1   . ASN A 1 44  ? 5.242   9.636   5.176   1.00 21.45 ? 44  ASN A OD1   1 
ATOM   322 N  ND2   . ASN A 1 44  ? 4.895   11.766  4.571   1.00 21.21 ? 44  ASN A ND2   1 
ATOM   323 N  N     . TYR A 1 45  ? 3.611   9.446   9.186   1.00 19.17 ? 45  TYR A N     1 
ATOM   324 C  CA    . TYR A 1 45  ? 4.353   9.813   10.393  1.00 17.99 ? 45  TYR A CA    1 
ATOM   325 C  C     . TYR A 1 45  ? 5.845   9.648   10.090  1.00 20.72 ? 45  TYR A C     1 
ATOM   326 O  O     . TYR A 1 45  ? 6.682   10.373  10.625  1.00 24.07 ? 45  TYR A O     1 
ATOM   327 C  CB    . TYR A 1 45  ? 4.035   8.896   11.583  1.00 19.35 ? 45  TYR A CB    1 
ATOM   328 C  CG    . TYR A 1 45  ? 2.591   8.779   12.022  1.00 22.97 ? 45  TYR A CG    1 
ATOM   329 C  CD1   . TYR A 1 45  ? 1.770   9.900   12.147  1.00 26.41 ? 45  TYR A CD1   1 
ATOM   330 C  CD2   . TYR A 1 45  ? 2.068   7.539   12.394  1.00 23.25 ? 45  TYR A CD2   1 
ATOM   331 C  CE1   . TYR A 1 45  ? 0.465   9.785   12.636  1.00 25.33 ? 45  TYR A CE1   1 
ATOM   332 C  CE2   . TYR A 1 45  ? 0.774   7.415   12.881  1.00 25.99 ? 45  TYR A CE2   1 
ATOM   333 C  CZ    . TYR A 1 45  ? -0.021  8.537   13.001  1.00 28.55 ? 45  TYR A CZ    1 
ATOM   334 O  OH    . TYR A 1 45  ? -1.293  8.395   13.498  1.00 26.48 ? 45  TYR A OH    1 
ATOM   335 N  N     . GLU A 1 46  ? 6.165   8.669   9.246   1.00 20.15 ? 46  GLU A N     1 
ATOM   336 C  CA    . GLU A 1 46  ? 7.549   8.390   8.871   1.00 21.86 ? 46  GLU A CA    1 
ATOM   337 C  C     . GLU A 1 46  ? 8.202   9.566   8.155   1.00 20.64 ? 46  GLU A C     1 
ATOM   338 O  O     . GLU A 1 46  ? 9.428   9.698   8.144   1.00 19.54 ? 46  GLU A O     1 
ATOM   339 C  CB    . GLU A 1 46  ? 7.628   7.158   7.955   1.00 16.42 ? 46  GLU A CB    1 
ATOM   340 C  CG    . GLU A 1 46  ? 7.458   5.788   8.608   1.00 19.51 ? 46  GLU A CG    1 
ATOM   341 C  CD    . GLU A 1 46  ? 6.065   5.507   9.127   1.00 19.61 ? 46  GLU A CD    1 
ATOM   342 O  OE1   . GLU A 1 46  ? 5.106   6.191   8.707   1.00 19.63 ? 46  GLU A OE1   1 
ATOM   343 O  OE2   . GLU A 1 46  ? 5.927   4.565   9.938   1.00 19.14 ? 46  GLU A OE2   1 
ATOM   344 N  N     . GLY A 1 47  ? 7.382   10.414  7.549   1.00 17.89 ? 47  GLY A N     1 
ATOM   345 C  CA    . GLY A 1 47  ? 7.917   11.556  6.837   1.00 21.78 ? 47  GLY A CA    1 
ATOM   346 C  C     . GLY A 1 47  ? 8.591   11.185  5.530   1.00 23.35 ? 47  GLY A C     1 
ATOM   347 O  O     . GLY A 1 47  ? 9.626   11.754  5.182   1.00 19.90 ? 47  GLY A O     1 
ATOM   348 N  N     . PHE A 1 48  ? 8.025   10.220  4.808   1.00 17.84 ? 48  PHE A N     1 
ATOM   349 C  CA    . PHE A 1 48  ? 8.581   9.819   3.521   1.00 16.04 ? 48  PHE A CA    1 
ATOM   350 C  C     . PHE A 1 48  ? 8.479   10.986  2.550   1.00 16.56 ? 48  PHE A C     1 
ATOM   351 O  O     . PHE A 1 48  ? 7.552   11.788  2.624   1.00 21.71 ? 48  PHE A O     1 
ATOM   352 C  CB    . PHE A 1 48  ? 7.828   8.622   2.934   1.00 17.37 ? 48  PHE A CB    1 
ATOM   353 C  CG    . PHE A 1 48  ? 8.004   7.349   3.708   1.00 16.99 ? 48  PHE A CG    1 
ATOM   354 C  CD1   . PHE A 1 48  ? 9.276   6.839   3.961   1.00 18.89 ? 48  PHE A CD1   1 
ATOM   355 C  CD2   . PHE A 1 48  ? 6.899   6.647   4.174   1.00 16.57 ? 48  PHE A CD2   1 
ATOM   356 C  CE1   . PHE A 1 48  ? 9.443   5.648   4.665   1.00 22.66 ? 48  PHE A CE1   1 
ATOM   357 C  CE2   . PHE A 1 48  ? 7.054   5.454   4.879   1.00 18.12 ? 48  PHE A CE2   1 
ATOM   358 C  CZ    . PHE A 1 48  ? 8.323   4.952   5.127   1.00 19.04 ? 48  PHE A CZ    1 
ATOM   359 N  N     . ASP A 1 49  ? 9.430   11.061  1.629   1.00 21.58 ? 49  ASP A N     1 
ATOM   360 C  CA    . ASP A 1 49  ? 9.469   12.130  0.640   1.00 21.73 ? 49  ASP A CA    1 
ATOM   361 C  C     . ASP A 1 49  ? 8.664   11.784  -0.614  1.00 27.15 ? 49  ASP A C     1 
ATOM   362 O  O     . ASP A 1 49  ? 9.231   11.528  -1.675  1.00 29.61 ? 49  ASP A O     1 
ATOM   363 C  CB    . ASP A 1 49  ? 10.935  12.422  0.287   1.00 21.36 ? 49  ASP A CB    1 
ATOM   364 C  CG    . ASP A 1 49  ? 11.090  13.520  -0.745  1.00 28.15 ? 49  ASP A CG    1 
ATOM   365 O  OD1   . ASP A 1 49  ? 10.435  14.570  -0.594  1.00 36.33 ? 49  ASP A OD1   1 
ATOM   366 O  OD2   . ASP A 1 49  ? 11.886  13.337  -1.694  1.00 28.79 ? 49  ASP A OD2   1 
ATOM   367 N  N     . PHE A 1 50  ? 7.337   11.768  -0.488  1.00 26.07 ? 50  PHE A N     1 
ATOM   368 C  CA    . PHE A 1 50  ? 6.476   11.459  -1.629  1.00 26.22 ? 50  PHE A CA    1 
ATOM   369 C  C     . PHE A 1 50  ? 6.366   12.665  -2.557  1.00 27.15 ? 50  PHE A C     1 
ATOM   370 O  O     . PHE A 1 50  ? 6.238   13.800  -2.099  1.00 31.02 ? 50  PHE A O     1 
ATOM   371 C  CB    . PHE A 1 50  ? 5.068   11.056  -1.171  1.00 26.38 ? 50  PHE A CB    1 
ATOM   372 C  CG    . PHE A 1 50  ? 5.030   9.824   -0.304  1.00 27.15 ? 50  PHE A CG    1 
ATOM   373 C  CD1   . PHE A 1 50  ? 5.697   8.663   -0.684  1.00 26.83 ? 50  PHE A CD1   1 
ATOM   374 C  CD2   . PHE A 1 50  ? 4.279   9.810   0.867   1.00 25.90 ? 50  PHE A CD2   1 
ATOM   375 C  CE1   . PHE A 1 50  ? 5.617   7.504   0.089   1.00 27.05 ? 50  PHE A CE1   1 
ATOM   376 C  CE2   . PHE A 1 50  ? 4.190   8.657   1.648   1.00 28.24 ? 50  PHE A CE2   1 
ATOM   377 C  CZ    . PHE A 1 50  ? 4.860   7.501   1.257   1.00 24.17 ? 50  PHE A CZ    1 
ATOM   378 N  N     . SER A 1 51  ? 6.400   12.410  -3.861  1.00 29.23 ? 51  SER A N     1 
ATOM   379 C  CA    . SER A 1 51  ? 6.318   13.474  -4.857  1.00 34.00 ? 51  SER A CA    1 
ATOM   380 C  C     . SER A 1 51  ? 4.895   13.957  -5.126  1.00 35.93 ? 51  SER A C     1 
ATOM   381 O  O     . SER A 1 51  ? 4.698   15.058  -5.640  1.00 38.04 ? 51  SER A O     1 
ATOM   382 C  CB    . SER A 1 51  ? 6.955   13.010  -6.169  1.00 34.51 ? 51  SER A CB    1 
ATOM   383 O  OG    . SER A 1 51  ? 8.316   12.666  -5.974  1.00 45.77 ? 51  SER A OG    1 
ATOM   384 N  N     . VAL A 1 52  ? 3.902   13.138  -4.791  1.00 28.75 ? 52  VAL A N     1 
ATOM   385 C  CA    . VAL A 1 52  ? 2.512   13.529  -5.005  1.00 27.87 ? 52  VAL A CA    1 
ATOM   386 C  C     . VAL A 1 52  ? 1.914   14.084  -3.717  1.00 25.01 ? 52  VAL A C     1 
ATOM   387 O  O     . VAL A 1 52  ? 2.410   13.810  -2.622  1.00 27.54 ? 52  VAL A O     1 
ATOM   388 C  CB    . VAL A 1 52  ? 1.658   12.347  -5.511  1.00 24.17 ? 52  VAL A CB    1 
ATOM   389 C  CG1   . VAL A 1 52  ? 2.191   11.865  -6.852  1.00 26.27 ? 52  VAL A CG1   1 
ATOM   390 C  CG2   . VAL A 1 52  ? 1.660   11.218  -4.498  1.00 30.11 ? 52  VAL A CG2   1 
ATOM   391 N  N     . SER A 1 53  ? 0.846   14.862  -3.850  1.00 28.59 ? 53  SER A N     1 
ATOM   392 C  CA    . SER A 1 53  ? 0.208   15.485  -2.699  1.00 26.00 ? 53  SER A CA    1 
ATOM   393 C  C     . SER A 1 53  ? -0.723  14.584  -1.898  1.00 26.14 ? 53  SER A C     1 
ATOM   394 O  O     . SER A 1 53  ? -1.277  13.609  -2.409  1.00 23.74 ? 53  SER A O     1 
ATOM   395 C  CB    . SER A 1 53  ? -0.562  16.732  -3.145  1.00 35.99 ? 53  SER A CB    1 
ATOM   396 O  OG    . SER A 1 53  ? -1.569  16.401  -4.085  1.00 41.70 ? 53  SER A OG    1 
ATOM   397 N  N     . SER A 1 54  ? -0.875  14.930  -0.625  1.00 27.95 ? 54  SER A N     1 
ATOM   398 C  CA    . SER A 1 54  ? -1.750  14.203  0.276   1.00 27.66 ? 54  SER A CA    1 
ATOM   399 C  C     . SER A 1 54  ? -3.156  14.738  0.018   1.00 26.99 ? 54  SER A C     1 
ATOM   400 O  O     . SER A 1 54  ? -3.330  15.686  -0.750  1.00 30.40 ? 54  SER A O     1 
ATOM   401 C  CB    . SER A 1 54  ? -1.335  14.463  1.726   1.00 28.07 ? 54  SER A CB    1 
ATOM   402 O  OG    . SER A 1 54  ? -1.403  15.843  2.036   1.00 37.45 ? 54  SER A OG    1 
ATOM   403 N  N     . PRO A 1 55  ? -4.180  14.140  0.639   1.00 24.00 ? 55  PRO A N     1 
ATOM   404 C  CA    . PRO A 1 55  ? -4.179  13.005  1.564   1.00 23.56 ? 55  PRO A CA    1 
ATOM   405 C  C     . PRO A 1 55  ? -3.709  11.701  0.911   1.00 18.35 ? 55  PRO A C     1 
ATOM   406 O  O     . PRO A 1 55  ? -3.833  11.525  -0.299  1.00 20.11 ? 55  PRO A O     1 
ATOM   407 C  CB    . PRO A 1 55  ? -5.644  12.940  2.001   1.00 24.32 ? 55  PRO A CB    1 
ATOM   408 C  CG    . PRO A 1 55  ? -6.109  14.381  1.839   1.00 31.04 ? 55  PRO A CG    1 
ATOM   409 C  CD    . PRO A 1 55  ? -5.558  14.623  0.466   1.00 26.43 ? 55  PRO A CD    1 
ATOM   410 N  N     . TYR A 1 56  ? -3.168  10.797  1.726   1.00 16.15 ? 56  TYR A N     1 
ATOM   411 C  CA    . TYR A 1 56  ? -2.687  9.505   1.248   1.00 14.74 ? 56  TYR A CA    1 
ATOM   412 C  C     . TYR A 1 56  ? -3.524  8.402   1.885   1.00 15.71 ? 56  TYR A C     1 
ATOM   413 O  O     . TYR A 1 56  ? -4.042  8.572   2.978   1.00 18.38 ? 56  TYR A O     1 
ATOM   414 C  CB    . TYR A 1 56  ? -1.229  9.284   1.650   1.00 17.77 ? 56  TYR A CB    1 
ATOM   415 C  CG    . TYR A 1 56  ? -0.269  10.363  1.212   1.00 18.10 ? 56  TYR A CG    1 
ATOM   416 C  CD1   . TYR A 1 56  ? -0.055  10.635  -0.141  1.00 17.33 ? 56  TYR A CD1   1 
ATOM   417 C  CD2   . TYR A 1 56  ? 0.434   11.109  2.155   1.00 22.06 ? 56  TYR A CD2   1 
ATOM   418 C  CE1   . TYR A 1 56  ? 0.843   11.630  -0.541  1.00 21.65 ? 56  TYR A CE1   1 
ATOM   419 C  CE2   . TYR A 1 56  ? 1.329   12.102  1.769   1.00 22.89 ? 56  TYR A CE2   1 
ATOM   420 C  CZ    . TYR A 1 56  ? 1.530   12.357  0.421   1.00 26.41 ? 56  TYR A CZ    1 
ATOM   421 O  OH    . TYR A 1 56  ? 2.418   13.336  0.041   1.00 27.02 ? 56  TYR A OH    1 
ATOM   422 N  N     . TYR A 1 57  ? -3.634  7.273   1.196   1.00 15.45 ? 57  TYR A N     1 
ATOM   423 C  CA    . TYR A 1 57  ? -4.381  6.114   1.683   1.00 12.69 ? 57  TYR A CA    1 
ATOM   424 C  C     . TYR A 1 57  ? -3.516  4.886   1.454   1.00 14.54 ? 57  TYR A C     1 
ATOM   425 O  O     . TYR A 1 57  ? -2.848  4.782   0.426   1.00 16.44 ? 57  TYR A O     1 
ATOM   426 C  CB    . TYR A 1 57  ? -5.687  5.965   0.904   1.00 14.18 ? 57  TYR A CB    1 
ATOM   427 C  CG    . TYR A 1 57  ? -6.589  7.158   1.060   1.00 14.93 ? 57  TYR A CG    1 
ATOM   428 C  CD1   . TYR A 1 57  ? -7.344  7.339   2.218   1.00 17.97 ? 57  TYR A CD1   1 
ATOM   429 C  CD2   . TYR A 1 57  ? -6.621  8.157   0.089   1.00 16.88 ? 57  TYR A CD2   1 
ATOM   430 C  CE1   . TYR A 1 57  ? -8.105  8.491   2.406   1.00 22.33 ? 57  TYR A CE1   1 
ATOM   431 C  CE2   . TYR A 1 57  ? -7.379  9.314   0.268   1.00 22.30 ? 57  TYR A CE2   1 
ATOM   432 C  CZ    . TYR A 1 57  ? -8.115  9.474   1.427   1.00 26.93 ? 57  TYR A CZ    1 
ATOM   433 O  OH    . TYR A 1 57  ? -8.858  10.621  1.605   1.00 28.09 ? 57  TYR A OH    1 
ATOM   434 N  N     . ALA A 1 58  ? -3.528  3.970   2.419   1.00 15.69 ? 58  ALA A N     1 
ATOM   435 C  CA    . ALA A 1 58  ? -2.749  2.742   2.322   1.00 13.47 ? 58  ALA A CA    1 
ATOM   436 C  C     . ALA A 1 58  ? -3.676  1.565   2.028   1.00 13.35 ? 58  ALA A C     1 
ATOM   437 O  O     . ALA A 1 58  ? -4.778  1.476   2.565   1.00 14.89 ? 58  ALA A O     1 
ATOM   438 C  CB    . ALA A 1 58  ? -1.993  2.496   3.620   1.00 11.62 ? 58  ALA A CB    1 
ATOM   439 N  N     . TRP A 1 59  ? -3.210  0.667   1.171   1.00 12.91 ? 59  TRP A N     1 
ATOM   440 C  CA    . TRP A 1 59  ? -3.962  -0.520  0.768   1.00 11.17 ? 59  TRP A CA    1 
ATOM   441 C  C     . TRP A 1 59  ? -2.974  -1.683  0.679   1.00 13.69 ? 59  TRP A C     1 
ATOM   442 O  O     . TRP A 1 59  ? -1.886  -1.539  0.125   1.00 13.51 ? 59  TRP A O     1 
ATOM   443 C  CB    . TRP A 1 59  ? -4.641  -0.253  -0.581  1.00 13.56 ? 59  TRP A CB    1 
ATOM   444 C  CG    . TRP A 1 59  ? -5.301  -1.441  -1.216  1.00 15.01 ? 59  TRP A CG    1 
ATOM   445 C  CD1   . TRP A 1 59  ? -4.806  -2.213  -2.233  1.00 14.27 ? 59  TRP A CD1   1 
ATOM   446 C  CD2   . TRP A 1 59  ? -6.559  -2.019  -0.852  1.00 13.04 ? 59  TRP A CD2   1 
ATOM   447 N  NE1   . TRP A 1 59  ? -5.676  -3.233  -2.524  1.00 15.70 ? 59  TRP A NE1   1 
ATOM   448 C  CE2   . TRP A 1 59  ? -6.762  -3.140  -1.691  1.00 16.68 ? 59  TRP A CE2   1 
ATOM   449 C  CE3   . TRP A 1 59  ? -7.535  -1.700  0.101   1.00 14.40 ? 59  TRP A CE3   1 
ATOM   450 C  CZ2   . TRP A 1 59  ? -7.902  -3.945  -1.605  1.00 16.54 ? 59  TRP A CZ2   1 
ATOM   451 C  CZ3   . TRP A 1 59  ? -8.670  -2.501  0.186   1.00 13.67 ? 59  TRP A CZ3   1 
ATOM   452 C  CH2   . TRP A 1 59  ? -8.842  -3.613  -0.663  1.00 17.86 ? 59  TRP A CH2   1 
ATOM   453 N  N     . PRO A 1 60  ? -3.332  -2.852  1.230   1.00 9.94  ? 60  PRO A N     1 
ATOM   454 C  CA    . PRO A 1 60  ? -2.419  -3.996  1.181   1.00 9.48  ? 60  PRO A CA    1 
ATOM   455 C  C     . PRO A 1 60  ? -2.147  -4.536  -0.214  1.00 10.82 ? 60  PRO A C     1 
ATOM   456 O  O     . PRO A 1 60  ? -3.047  -4.605  -1.052  1.00 15.46 ? 60  PRO A O     1 
ATOM   457 C  CB    . PRO A 1 60  ? -3.136  -5.041  2.047   1.00 12.39 ? 60  PRO A CB    1 
ATOM   458 C  CG    . PRO A 1 60  ? -4.016  -4.189  2.961   1.00 15.76 ? 60  PRO A CG    1 
ATOM   459 C  CD    . PRO A 1 60  ? -4.564  -3.228  1.941   1.00 12.93 ? 60  PRO A CD    1 
ATOM   460 N  N     . ILE A 1 61  ? -0.888  -4.889  -0.461  1.00 9.93  ? 61  ILE A N     1 
ATOM   461 C  CA    . ILE A 1 61  ? -0.493  -5.519  -1.713  1.00 10.91 ? 61  ILE A CA    1 
ATOM   462 C  C     . ILE A 1 61  ? 0.013   -6.880  -1.224  1.00 14.33 ? 61  ILE A C     1 
ATOM   463 O  O     . ILE A 1 61  ? 0.834   -6.949  -0.307  1.00 14.84 ? 61  ILE A O     1 
ATOM   464 C  CB    . ILE A 1 61  ? 0.610   -4.728  -2.463  1.00 10.08 ? 61  ILE A CB    1 
ATOM   465 C  CG1   . ILE A 1 61  ? 0.965   -5.460  -3.763  1.00 14.38 ? 61  ILE A CG1   1 
ATOM   466 C  CG2   . ILE A 1 61  ? 1.851   -4.557  -1.590  1.00 15.18 ? 61  ILE A CG2   1 
ATOM   467 C  CD1   . ILE A 1 61  ? 1.931   -4.701  -4.665  1.00 17.05 ? 61  ILE A CD1   1 
ATOM   468 N  N     . LEU A 1 62  ? -0.494  -7.955  -1.818  1.00 13.25 ? 62  LEU A N     1 
ATOM   469 C  CA    . LEU A 1 62  ? -0.141  -9.307  -1.392  1.00 16.82 ? 62  LEU A CA    1 
ATOM   470 C  C     . LEU A 1 62  ? 0.896   -10.018 -2.260  1.00 16.86 ? 62  LEU A C     1 
ATOM   471 O  O     . LEU A 1 62  ? 0.833   -9.973  -3.486  1.00 16.79 ? 62  LEU A O     1 
ATOM   472 C  CB    . LEU A 1 62  ? -1.414  -10.157 -1.328  1.00 16.87 ? 62  LEU A CB    1 
ATOM   473 C  CG    . LEU A 1 62  ? -2.598  -9.570  -0.552  1.00 18.78 ? 62  LEU A CG    1 
ATOM   474 C  CD1   . LEU A 1 62  ? -3.801  -10.486 -0.699  1.00 20.37 ? 62  LEU A CD1   1 
ATOM   475 C  CD2   . LEU A 1 62  ? -2.240  -9.382  0.913   1.00 20.75 ? 62  LEU A CD2   1 
ATOM   476 N  N     . SER A 1 63  ? 1.840   -10.689 -1.605  1.00 18.22 ? 63  SER A N     1 
ATOM   477 C  CA    . SER A 1 63  ? 2.898   -11.416 -2.295  1.00 18.91 ? 63  SER A CA    1 
ATOM   478 C  C     . SER A 1 63  ? 2.380   -12.642 -3.044  1.00 25.48 ? 63  SER A C     1 
ATOM   479 O  O     . SER A 1 63  ? 3.123   -13.282 -3.788  1.00 32.20 ? 63  SER A O     1 
ATOM   480 C  CB    . SER A 1 63  ? 3.974   -11.841 -1.293  1.00 25.16 ? 63  SER A CB    1 
ATOM   481 O  OG    . SER A 1 63  ? 3.415   -12.628 -0.255  1.00 27.04 ? 63  SER A OG    1 
ATOM   482 N  N     . SER A 1 64  ? 1.107   -12.967 -2.850  1.00 23.91 ? 64  SER A N     1 
ATOM   483 C  CA    . SER A 1 64  ? 0.500   -14.113 -3.517  1.00 26.26 ? 64  SER A CA    1 
ATOM   484 C  C     . SER A 1 64  ? -0.012  -13.705 -4.896  1.00 28.61 ? 64  SER A C     1 
ATOM   485 O  O     . SER A 1 64  ? -0.350  -14.555 -5.719  1.00 31.03 ? 64  SER A O     1 
ATOM   486 C  CB    . SER A 1 64  ? -0.664  -14.649 -2.689  1.00 25.06 ? 64  SER A CB    1 
ATOM   487 O  OG    . SER A 1 64  ? -1.685  -13.673 -2.576  1.00 25.05 ? 64  SER A OG    1 
ATOM   488 N  N     . GLY A 1 65  ? -0.077  -12.399 -5.137  1.00 25.04 ? 65  GLY A N     1 
ATOM   489 C  CA    . GLY A 1 65  ? -0.555  -11.908 -6.416  1.00 24.10 ? 65  GLY A CA    1 
ATOM   490 C  C     . GLY A 1 65  ? -2.040  -11.599 -6.404  1.00 25.43 ? 65  GLY A C     1 
ATOM   491 O  O     . GLY A 1 65  ? -2.537  -10.878 -7.270  1.00 29.74 ? 65  GLY A O     1 
ATOM   492 N  N     . ASP A 1 66  ? -2.753  -12.143 -5.422  1.00 23.60 ? 66  ASP A N     1 
ATOM   493 C  CA    . ASP A 1 66  ? -4.189  -11.908 -5.305  1.00 24.31 ? 66  ASP A CA    1 
ATOM   494 C  C     . ASP A 1 66  ? -4.456  -10.514 -4.761  1.00 23.89 ? 66  ASP A C     1 
ATOM   495 O  O     . ASP A 1 66  ? -3.594  -9.910  -4.122  1.00 20.80 ? 66  ASP A O     1 
ATOM   496 C  CB    . ASP A 1 66  ? -4.831  -12.931 -4.362  1.00 31.81 ? 66  ASP A CB    1 
ATOM   497 C  CG    . ASP A 1 66  ? -4.689  -14.355 -4.856  1.00 39.64 ? 66  ASP A CG    1 
ATOM   498 O  OD1   . ASP A 1 66  ? -5.149  -14.644 -5.981  1.00 39.79 ? 66  ASP A OD1   1 
ATOM   499 O  OD2   . ASP A 1 66  ? -4.125  -15.187 -4.115  1.00 42.51 ? 66  ASP A OD2   1 
ATOM   500 N  N     . VAL A 1 67  ? -5.655  -10.007 -5.016  1.00 19.51 ? 67  VAL A N     1 
ATOM   501 C  CA    . VAL A 1 67  ? -6.047  -8.691  -4.530  1.00 18.10 ? 67  VAL A CA    1 
ATOM   502 C  C     . VAL A 1 67  ? -6.634  -8.856  -3.130  1.00 18.91 ? 67  VAL A C     1 
ATOM   503 O  O     . VAL A 1 67  ? -7.398  -9.790  -2.872  1.00 20.68 ? 67  VAL A O     1 
ATOM   504 C  CB    . VAL A 1 67  ? -7.105  -8.043  -5.452  1.00 20.57 ? 67  VAL A CB    1 
ATOM   505 C  CG1   . VAL A 1 67  ? -7.553  -6.712  -4.877  1.00 24.04 ? 67  VAL A CG1   1 
ATOM   506 C  CG2   . VAL A 1 67  ? -6.524  -7.842  -6.845  1.00 25.39 ? 67  VAL A CG2   1 
ATOM   507 N  N     . TYR A 1 68  ? -6.275  -7.948  -2.229  1.00 18.93 ? 68  TYR A N     1 
ATOM   508 C  CA    . TYR A 1 68  ? -6.760  -8.003  -0.856  1.00 17.10 ? 68  TYR A CA    1 
ATOM   509 C  C     . TYR A 1 68  ? -8.284  -7.941  -0.788  1.00 19.35 ? 68  TYR A C     1 
ATOM   510 O  O     . TYR A 1 68  ? -8.908  -7.081  -1.407  1.00 19.67 ? 68  TYR A O     1 
ATOM   511 C  CB    . TYR A 1 68  ? -6.175  -6.846  -0.046  1.00 20.82 ? 68  TYR A CB    1 
ATOM   512 C  CG    . TYR A 1 68  ? -6.513  -6.908  1.425   1.00 15.79 ? 68  TYR A CG    1 
ATOM   513 C  CD1   . TYR A 1 68  ? -5.999  -7.920  2.234   1.00 17.16 ? 68  TYR A CD1   1 
ATOM   514 C  CD2   . TYR A 1 68  ? -7.357  -5.966  2.002   1.00 17.96 ? 68  TYR A CD2   1 
ATOM   515 C  CE1   . TYR A 1 68  ? -6.320  -7.988  3.590   1.00 14.37 ? 68  TYR A CE1   1 
ATOM   516 C  CE2   . TYR A 1 68  ? -7.682  -6.023  3.344   1.00 14.49 ? 68  TYR A CE2   1 
ATOM   517 C  CZ    . TYR A 1 68  ? -7.164  -7.034  4.133   1.00 16.18 ? 68  TYR A CZ    1 
ATOM   518 O  OH    . TYR A 1 68  ? -7.488  -7.077  5.467   1.00 19.15 ? 68  TYR A OH    1 
ATOM   519 N  N     . SER A 1 69  ? -8.880  -8.849  -0.025  1.00 21.08 ? 69  SER A N     1 
ATOM   520 C  CA    . SER A 1 69  ? -10.331 -8.881  0.113   1.00 24.55 ? 69  SER A CA    1 
ATOM   521 C  C     . SER A 1 69  ? -10.740 -9.094  1.567   1.00 24.34 ? 69  SER A C     1 
ATOM   522 O  O     . SER A 1 69  ? -11.891 -9.420  1.855   1.00 28.57 ? 69  SER A O     1 
ATOM   523 C  CB    . SER A 1 69  ? -10.909 -10.001 -0.744  1.00 26.25 ? 69  SER A CB    1 
ATOM   524 O  OG    . SER A 1 69  ? -10.403 -11.253 -0.324  1.00 32.08 ? 69  SER A OG    1 
ATOM   525 N  N     . GLY A 1 70  ? -9.796  -8.894  2.477   1.00 24.77 ? 70  GLY A N     1 
ATOM   526 C  CA    . GLY A 1 70  ? -10.074 -9.095  3.887   1.00 25.24 ? 70  GLY A CA    1 
ATOM   527 C  C     . GLY A 1 70  ? -9.089  -10.122 4.407   1.00 20.16 ? 70  GLY A C     1 
ATOM   528 O  O     . GLY A 1 70  ? -8.313  -10.682 3.638   1.00 31.52 ? 70  GLY A O     1 
ATOM   529 N  N     . GLY A 1 71  ? -9.111  -10.384 5.706   1.00 28.10 ? 71  GLY A N     1 
ATOM   530 C  CA    . GLY A 1 71  ? -8.170  -11.346 6.244   1.00 27.34 ? 71  GLY A CA    1 
ATOM   531 C  C     . GLY A 1 71  ? -6.853  -10.648 6.517   1.00 20.96 ? 71  GLY A C     1 
ATOM   532 O  O     . GLY A 1 71  ? -6.802  -9.422  6.559   1.00 20.35 ? 71  GLY A O     1 
ATOM   533 N  N     . SER A 1 72  ? -5.784  -11.418 6.684   1.00 20.91 ? 72  SER A N     1 
ATOM   534 C  CA    . SER A 1 72  ? -4.481  -10.838 6.983   1.00 18.76 ? 72  SER A CA    1 
ATOM   535 C  C     . SER A 1 72  ? -3.935  -9.991  5.842   1.00 16.97 ? 72  SER A C     1 
ATOM   536 O  O     . SER A 1 72  ? -3.822  -10.459 4.710   1.00 19.32 ? 72  SER A O     1 
ATOM   537 C  CB    . SER A 1 72  ? -3.472  -11.933 7.324   1.00 19.48 ? 72  SER A CB    1 
ATOM   538 O  OG    . SER A 1 72  ? -2.213  -11.360 7.639   1.00 28.14 ? 72  SER A OG    1 
ATOM   539 N  N     . PRO A 1 73  ? -3.618  -8.715  6.124   1.00 16.87 ? 73  PRO A N     1 
ATOM   540 C  CA    . PRO A 1 73  ? -3.082  -7.795  5.118   1.00 16.56 ? 73  PRO A CA    1 
ATOM   541 C  C     . PRO A 1 73  ? -1.599  -8.001  4.835   1.00 16.42 ? 73  PRO A C     1 
ATOM   542 O  O     . PRO A 1 73  ? -1.064  -7.453  3.869   1.00 17.68 ? 73  PRO A O     1 
ATOM   543 C  CB    . PRO A 1 73  ? -3.349  -6.439  5.746   1.00 19.85 ? 73  PRO A CB    1 
ATOM   544 C  CG    . PRO A 1 73  ? -3.021  -6.729  7.186   1.00 18.30 ? 73  PRO A CG    1 
ATOM   545 C  CD    . PRO A 1 73  ? -3.843  -7.994  7.391   1.00 16.06 ? 73  PRO A CD    1 
ATOM   546 N  N     . GLY A 1 74  ? -0.927  -8.784  5.668   1.00 14.19 ? 74  GLY A N     1 
ATOM   547 C  CA    . GLY A 1 74  ? 0.492   -8.982  5.449   1.00 14.02 ? 74  GLY A CA    1 
ATOM   548 C  C     . GLY A 1 74  ? 1.233   -7.715  5.837   1.00 13.45 ? 74  GLY A C     1 
ATOM   549 O  O     . GLY A 1 74  ? 0.674   -6.842  6.502   1.00 14.86 ? 74  GLY A O     1 
ATOM   550 N  N     . ALA A 1 75  ? 2.481   -7.593  5.402   1.00 14.68 ? 75  ALA A N     1 
ATOM   551 C  CA    . ALA A 1 75  ? 3.288   -6.441  5.779   1.00 13.49 ? 75  ALA A CA    1 
ATOM   552 C  C     . ALA A 1 75  ? 3.461   -5.337  4.745   1.00 13.23 ? 75  ALA A C     1 
ATOM   553 O  O     . ALA A 1 75  ? 3.944   -4.256  5.076   1.00 13.80 ? 75  ALA A O     1 
ATOM   554 C  CB    . ALA A 1 75  ? 4.667   -6.925  6.218   1.00 19.71 ? 75  ALA A CB    1 
ATOM   555 N  N     . ASP A 1 76  ? 3.049   -5.586  3.506   1.00 14.56 ? 76  ASP A N     1 
ATOM   556 C  CA    . ASP A 1 76  ? 3.267   -4.604  2.448   1.00 10.50 ? 76  ASP A CA    1 
ATOM   557 C  C     . ASP A 1 76  ? 2.054   -3.769  2.073   1.00 10.19 ? 76  ASP A C     1 
ATOM   558 O  O     . ASP A 1 76  ? 0.919   -4.253  2.095   1.00 11.77 ? 76  ASP A O     1 
ATOM   559 C  CB    . ASP A 1 76  ? 3.817   -5.305  1.201   1.00 10.75 ? 76  ASP A CB    1 
ATOM   560 C  CG    . ASP A 1 76  ? 4.922   -6.293  1.526   1.00 13.41 ? 76  ASP A CG    1 
ATOM   561 O  OD1   . ASP A 1 76  ? 5.694   -6.063  2.480   1.00 14.31 ? 76  ASP A OD1   1 
ATOM   562 O  OD2   . ASP A 1 76  ? 5.033   -7.299  0.806   1.00 12.67 ? 76  ASP A OD2   1 
ATOM   563 N  N     . ARG A 1 77  ? 2.306   -2.514  1.707   1.00 9.74  ? 77  ARG A N     1 
ATOM   564 C  CA    . ARG A 1 77  ? 1.228   -1.591  1.347   1.00 10.20 ? 77  ARG A CA    1 
ATOM   565 C  C     . ARG A 1 77  ? 1.570   -0.709  0.155   1.00 10.30 ? 77  ARG A C     1 
ATOM   566 O  O     . ARG A 1 77  ? 2.723   -0.330  -0.042  1.00 13.49 ? 77  ARG A O     1 
ATOM   567 C  CB    . ARG A 1 77  ? 0.940   -0.639  2.512   1.00 13.89 ? 77  ARG A CB    1 
ATOM   568 C  CG    . ARG A 1 77  ? 0.696   -1.278  3.858   1.00 13.50 ? 77  ARG A CG    1 
ATOM   569 C  CD    . ARG A 1 77  ? -0.707  -1.830  3.997   1.00 14.76 ? 77  ARG A CD    1 
ATOM   570 N  NE    . ARG A 1 77  ? -0.878  -2.391  5.333   1.00 14.82 ? 77  ARG A NE    1 
ATOM   571 C  CZ    . ARG A 1 77  ? -0.496  -3.612  5.692   1.00 14.33 ? 77  ARG A CZ    1 
ATOM   572 N  NH1   . ARG A 1 77  ? 0.078   -4.422  4.813   1.00 15.03 ? 77  ARG A NH1   1 
ATOM   573 N  NH2   . ARG A 1 77  ? -0.654  -4.006  6.943   1.00 17.15 ? 77  ARG A NH2   1 
ATOM   574 N  N     . VAL A 1 78  ? 0.555   -0.380  -0.636  1.00 12.39 ? 78  VAL A N     1 
ATOM   575 C  CA    . VAL A 1 78  ? 0.733   0.559   -1.731  1.00 12.06 ? 78  VAL A CA    1 
ATOM   576 C  C     . VAL A 1 78  ? 0.067   1.819   -1.184  1.00 13.93 ? 78  VAL A C     1 
ATOM   577 O  O     . VAL A 1 78  ? -0.962  1.745   -0.503  1.00 14.64 ? 78  VAL A O     1 
ATOM   578 C  CB    . VAL A 1 78  ? 0.024   0.110   -3.037  1.00 13.63 ? 78  VAL A CB    1 
ATOM   579 C  CG1   . VAL A 1 78  ? 0.701   -1.134  -3.587  1.00 17.33 ? 78  VAL A CG1   1 
ATOM   580 C  CG2   . VAL A 1 78  ? -1.449  -0.157  -2.779  1.00 17.51 ? 78  VAL A CG2   1 
ATOM   581 N  N     . VAL A 1 79  ? 0.667   2.972   -1.436  1.00 12.83 ? 79  VAL A N     1 
ATOM   582 C  CA    . VAL A 1 79  ? 0.116   4.229   -0.954  1.00 14.85 ? 79  VAL A CA    1 
ATOM   583 C  C     . VAL A 1 79  ? -0.266  5.083   -2.152  1.00 17.97 ? 79  VAL A C     1 
ATOM   584 O  O     . VAL A 1 79  ? 0.552   5.308   -3.041  1.00 16.86 ? 79  VAL A O     1 
ATOM   585 C  CB    . VAL A 1 79  ? 1.150   5.003   -0.098  1.00 12.69 ? 79  VAL A CB    1 
ATOM   586 C  CG1   . VAL A 1 79  ? 0.542   6.307   0.415   1.00 16.04 ? 79  VAL A CG1   1 
ATOM   587 C  CG2   . VAL A 1 79  ? 1.613   4.134   1.068   1.00 20.35 ? 79  VAL A CG2   1 
ATOM   588 N  N     . PHE A 1 80  ? -1.508  5.554   -2.176  1.00 16.11 ? 80  PHE A N     1 
ATOM   589 C  CA    . PHE A 1 80  ? -1.984  6.384   -3.278  1.00 17.55 ? 80  PHE A CA    1 
ATOM   590 C  C     . PHE A 1 80  ? -2.732  7.599   -2.731  1.00 18.61 ? 80  PHE A C     1 
ATOM   591 O  O     . PHE A 1 80  ? -3.045  7.651   -1.539  1.00 16.74 ? 80  PHE A O     1 
ATOM   592 C  CB    . PHE A 1 80  ? -2.888  5.550   -4.198  1.00 17.24 ? 80  PHE A CB    1 
ATOM   593 C  CG    . PHE A 1 80  ? -4.111  4.992   -3.520  1.00 16.86 ? 80  PHE A CG    1 
ATOM   594 C  CD1   . PHE A 1 80  ? -5.239  5.783   -3.317  1.00 18.78 ? 80  PHE A CD1   1 
ATOM   595 C  CD2   . PHE A 1 80  ? -4.127  3.677   -3.064  1.00 19.91 ? 80  PHE A CD2   1 
ATOM   596 C  CE1   . PHE A 1 80  ? -6.365  5.272   -2.668  1.00 21.11 ? 80  PHE A CE1   1 
ATOM   597 C  CE2   . PHE A 1 80  ? -5.248  3.159   -2.412  1.00 21.43 ? 80  PHE A CE2   1 
ATOM   598 C  CZ    . PHE A 1 80  ? -6.369  3.959   -2.216  1.00 18.68 ? 80  PHE A CZ    1 
ATOM   599 N  N     . ASN A 1 81  ? -3.003  8.584   -3.583  1.00 16.43 ? 81  ASN A N     1 
ATOM   600 C  CA    . ASN A 1 81  ? -3.714  9.774   -3.117  1.00 17.33 ? 81  ASN A CA    1 
ATOM   601 C  C     . ASN A 1 81  ? -5.113  9.925   -3.709  1.00 17.96 ? 81  ASN A C     1 
ATOM   602 O  O     . ASN A 1 81  ? -5.599  9.044   -4.417  1.00 18.11 ? 81  ASN A O     1 
ATOM   603 C  CB    . ASN A 1 81  ? -2.900  11.053  -3.387  1.00 20.11 ? 81  ASN A CB    1 
ATOM   604 C  CG    . ASN A 1 81  ? -2.736  11.359  -4.867  1.00 17.64 ? 81  ASN A CG    1 
ATOM   605 O  OD1   . ASN A 1 81  ? -3.465  10.846  -5.712  1.00 21.91 ? 81  ASN A OD1   1 
ATOM   606 N  ND2   . ASN A 1 81  ? -1.788  12.234  -5.180  1.00 25.04 ? 81  ASN A ND2   1 
ATOM   607 N  N     . GLU A 1 82  ? -5.755  11.051  -3.406  1.00 19.51 ? 82  GLU A N     1 
ATOM   608 C  CA    . GLU A 1 82  ? -7.104  11.335  -3.888  1.00 21.14 ? 82  GLU A CA    1 
ATOM   609 C  C     . GLU A 1 82  ? -7.230  11.352  -5.412  1.00 22.03 ? 82  GLU A C     1 
ATOM   610 O  O     . GLU A 1 82  ? -8.308  11.105  -5.950  1.00 23.69 ? 82  GLU A O     1 
ATOM   611 C  CB    . GLU A 1 82  ? -7.582  12.670  -3.307  1.00 24.74 ? 82  GLU A CB    1 
ATOM   612 C  CG    . GLU A 1 82  ? -7.785  12.633  -1.801  1.00 31.12 ? 82  GLU A CG    1 
ATOM   613 C  CD    . GLU A 1 82  ? -9.079  11.942  -1.398  1.00 29.66 ? 82  GLU A CD    1 
ATOM   614 O  OE1   . GLU A 1 82  ? -9.524  11.026  -2.121  1.00 29.71 ? 82  GLU A OE1   1 
ATOM   615 O  OE2   . GLU A 1 82  ? -9.641  12.301  -0.344  1.00 37.43 ? 82  GLU A OE2   1 
ATOM   616 N  N     . ASN A 1 83  ? -6.131  11.636  -6.104  1.00 21.93 ? 83  ASN A N     1 
ATOM   617 C  CA    . ASN A 1 83  ? -6.141  11.677  -7.564  1.00 22.59 ? 83  ASN A CA    1 
ATOM   618 C  C     . ASN A 1 83  ? -5.793  10.326  -8.180  1.00 24.62 ? 83  ASN A C     1 
ATOM   619 O  O     . ASN A 1 83  ? -5.646  10.208  -9.395  1.00 26.08 ? 83  ASN A O     1 
ATOM   620 C  CB    . ASN A 1 83  ? -5.154  12.730  -8.071  1.00 25.16 ? 83  ASN A CB    1 
ATOM   621 C  CG    . ASN A 1 83  ? -5.509  14.119  -7.606  1.00 35.86 ? 83  ASN A CG    1 
ATOM   622 O  OD1   . ASN A 1 83  ? -6.627  14.583  -7.821  1.00 36.09 ? 83  ASN A OD1   1 
ATOM   623 N  ND2   . ASN A 1 83  ? -4.561  14.797  -6.968  1.00 38.20 ? 83  ASN A ND2   1 
ATOM   624 N  N     . ASN A 1 84  ? -5.667  9.310   -7.334  1.00 24.50 ? 84  ASN A N     1 
ATOM   625 C  CA    . ASN A 1 84  ? -5.329  7.968   -7.785  1.00 26.49 ? 84  ASN A CA    1 
ATOM   626 C  C     . ASN A 1 84  ? -3.902  7.953   -8.328  1.00 22.46 ? 84  ASN A C     1 
ATOM   627 O  O     . ASN A 1 84  ? -3.603  7.272   -9.310  1.00 27.65 ? 84  ASN A O     1 
ATOM   628 C  CB    . ASN A 1 84  ? -6.300  7.495   -8.873  1.00 26.30 ? 84  ASN A CB    1 
ATOM   629 C  CG    . ASN A 1 84  ? -6.180  6.008   -9.154  1.00 31.81 ? 84  ASN A CG    1 
ATOM   630 O  OD1   . ASN A 1 84  ? -6.751  5.500   -10.118 1.00 38.97 ? 84  ASN A OD1   1 
ATOM   631 N  ND2   . ASN A 1 84  ? -5.449  5.300   -8.299  1.00 24.65 ? 84  ASN A ND2   1 
ATOM   632 N  N     . GLN A 1 85  ? -3.033  8.730   -7.693  1.00 19.51 ? 85  GLN A N     1 
ATOM   633 C  CA    . GLN A 1 85  ? -1.627  8.787   -8.070  1.00 19.75 ? 85  GLN A CA    1 
ATOM   634 C  C     . GLN A 1 85  ? -0.836  7.961   -7.062  1.00 20.32 ? 85  GLN A C     1 
ATOM   635 O  O     . GLN A 1 85  ? -1.081  8.038   -5.858  1.00 23.17 ? 85  GLN A O     1 
ATOM   636 C  CB    . GLN A 1 85  ? -1.122  10.232  -8.055  1.00 22.58 ? 85  GLN A CB    1 
ATOM   637 C  CG    . GLN A 1 85  ? -1.775  11.130  -9.085  1.00 24.46 ? 85  GLN A CG    1 
ATOM   638 C  CD    . GLN A 1 85  ? -1.286  12.557  -8.988  1.00 28.00 ? 85  GLN A CD    1 
ATOM   639 O  OE1   . GLN A 1 85  ? -1.466  13.220  -7.967  1.00 28.24 ? 85  GLN A OE1   1 
ATOM   640 N  NE2   . GLN A 1 85  ? -0.664  13.040  -10.054 1.00 35.75 ? 85  GLN A NE2   1 
ATOM   641 N  N     . LEU A 1 86  ? 0.099   7.161   -7.557  1.00 19.09 ? 86  LEU A N     1 
ATOM   642 C  CA    . LEU A 1 86  ? 0.927   6.328   -6.693  1.00 17.49 ? 86  LEU A CA    1 
ATOM   643 C  C     . LEU A 1 86  ? 1.927   7.187   -5.920  1.00 19.05 ? 86  LEU A C     1 
ATOM   644 O  O     . LEU A 1 86  ? 2.670   7.975   -6.511  1.00 23.68 ? 86  LEU A O     1 
ATOM   645 C  CB    . LEU A 1 86  ? 1.682   5.293   -7.527  1.00 18.79 ? 86  LEU A CB    1 
ATOM   646 C  CG    . LEU A 1 86  ? 2.634   4.368   -6.760  1.00 22.34 ? 86  LEU A CG    1 
ATOM   647 C  CD1   . LEU A 1 86  ? 1.836   3.456   -5.831  1.00 19.52 ? 86  LEU A CD1   1 
ATOM   648 C  CD2   . LEU A 1 86  ? 3.439   3.538   -7.744  1.00 22.08 ? 86  LEU A CD2   1 
ATOM   649 N  N     . ALA A 1 87  ? 1.939   7.038   -4.600  1.00 18.25 ? 87  ALA A N     1 
ATOM   650 C  CA    . ALA A 1 87  ? 2.866   7.785   -3.758  1.00 20.58 ? 87  ALA A CA    1 
ATOM   651 C  C     . ALA A 1 87  ? 4.096   6.918   -3.510  1.00 22.61 ? 87  ALA A C     1 
ATOM   652 O  O     . ALA A 1 87  ? 5.227   7.397   -3.549  1.00 20.29 ? 87  ALA A O     1 
ATOM   653 C  CB    . ALA A 1 87  ? 2.203   8.155   -2.438  1.00 23.62 ? 87  ALA A CB    1 
ATOM   654 N  N     . GLY A 1 88  ? 3.864   5.633   -3.266  1.00 18.59 ? 88  GLY A N     1 
ATOM   655 C  CA    . GLY A 1 88  ? 4.966   4.721   -3.032  1.00 16.23 ? 88  GLY A CA    1 
ATOM   656 C  C     . GLY A 1 88  ? 4.508   3.362   -2.548  1.00 16.81 ? 88  GLY A C     1 
ATOM   657 O  O     . GLY A 1 88  ? 3.312   3.109   -2.409  1.00 17.25 ? 88  GLY A O     1 
ATOM   658 N  N     . VAL A 1 89  ? 5.477   2.485   -2.310  1.00 14.15 ? 89  VAL A N     1 
ATOM   659 C  CA    . VAL A 1 89  ? 5.222   1.135   -1.821  1.00 11.90 ? 89  VAL A CA    1 
ATOM   660 C  C     . VAL A 1 89  ? 6.045   1.007   -0.543  1.00 15.14 ? 89  VAL A C     1 
ATOM   661 O  O     . VAL A 1 89  ? 7.259   1.219   -0.555  1.00 15.00 ? 89  VAL A O     1 
ATOM   662 C  CB    . VAL A 1 89  ? 5.659   0.076   -2.852  1.00 13.17 ? 89  VAL A CB    1 
ATOM   663 C  CG1   . VAL A 1 89  ? 5.371   -1.324  -2.324  1.00 15.13 ? 89  VAL A CG1   1 
ATOM   664 C  CG2   . VAL A 1 89  ? 4.911   0.301   -4.164  1.00 17.55 ? 89  VAL A CG2   1 
ATOM   665 N  N     . ILE A 1 90  ? 5.376   0.666   0.555   1.00 12.90 ? 90  ILE A N     1 
ATOM   666 C  CA    . ILE A 1 90  ? 6.038   0.565   1.852   1.00 9.95  ? 90  ILE A CA    1 
ATOM   667 C  C     . ILE A 1 90  ? 5.780   -0.766  2.550   1.00 12.60 ? 90  ILE A C     1 
ATOM   668 O  O     . ILE A 1 90  ? 4.888   -1.521  2.164   1.00 13.51 ? 90  ILE A O     1 
ATOM   669 C  CB    . ILE A 1 90  ? 5.582   1.719   2.769   1.00 13.13 ? 90  ILE A CB    1 
ATOM   670 C  CG1   . ILE A 1 90  ? 4.075   1.623   3.014   1.00 14.49 ? 90  ILE A CG1   1 
ATOM   671 C  CG2   . ILE A 1 90  ? 5.913   3.059   2.109   1.00 14.93 ? 90  ILE A CG2   1 
ATOM   672 C  CD1   . ILE A 1 90  ? 3.535   2.681   3.954   1.00 20.40 ? 90  ILE A CD1   1 
ATOM   673 N  N     . THR A 1 91  ? 6.560   -1.042  3.590   1.00 12.15 ? 91  THR A N     1 
ATOM   674 C  CA    . THR A 1 91  ? 6.438   -2.307  4.299   1.00 13.90 ? 91  THR A CA    1 
ATOM   675 C  C     . THR A 1 91  ? 6.842   -2.227  5.767   1.00 12.44 ? 91  THR A C     1 
ATOM   676 O  O     . THR A 1 91  ? 7.663   -1.392  6.151   1.00 13.21 ? 91  THR A O     1 
ATOM   677 C  CB    . THR A 1 91  ? 7.323   -3.385  3.604   1.00 9.76  ? 91  THR A CB    1 
ATOM   678 O  OG1   . THR A 1 91  ? 7.151   -4.652  4.249   1.00 11.95 ? 91  THR A OG1   1 
ATOM   679 C  CG2   . THR A 1 91  ? 8.798   -2.986  3.665   1.00 13.37 ? 91  THR A CG2   1 
ATOM   680 N  N     . HIS A 1 92  ? 6.242   -3.089  6.586   1.00 11.56 ? 92  HIS A N     1 
ATOM   681 C  CA    . HIS A 1 92  ? 6.586   -3.175  8.004   1.00 12.45 ? 92  HIS A CA    1 
ATOM   682 C  C     . HIS A 1 92  ? 7.839   -4.036  8.151   1.00 12.09 ? 92  HIS A C     1 
ATOM   683 O  O     . HIS A 1 92  ? 8.512   -3.997  9.178   1.00 15.62 ? 92  HIS A O     1 
ATOM   684 C  CB    . HIS A 1 92  ? 5.470   -3.844  8.808   1.00 13.51 ? 92  HIS A CB    1 
ATOM   685 C  CG    . HIS A 1 92  ? 4.294   -2.963  9.075   1.00 13.31 ? 92  HIS A CG    1 
ATOM   686 N  ND1   . HIS A 1 92  ? 4.402   -1.764  9.742   1.00 14.45 ? 92  HIS A ND1   1 
ATOM   687 C  CD2   . HIS A 1 92  ? 2.976   -3.146  8.835   1.00 16.21 ? 92  HIS A CD2   1 
ATOM   688 C  CE1   . HIS A 1 92  ? 3.198   -1.244  9.905   1.00 14.92 ? 92  HIS A CE1   1 
ATOM   689 N  NE2   . HIS A 1 92  ? 2.314   -2.065  9.362   1.00 13.90 ? 92  HIS A NE2   1 
ATOM   690 N  N     . THR A 1 93  ? 8.145   -4.819  7.121   1.00 11.56 ? 93  THR A N     1 
ATOM   691 C  CA    . THR A 1 93  ? 9.312   -5.698  7.153   1.00 12.58 ? 93  THR A CA    1 
ATOM   692 C  C     . THR A 1 93  ? 10.598  -4.878  7.228   1.00 12.50 ? 93  THR A C     1 
ATOM   693 O  O     . THR A 1 93  ? 10.832  -4.003  6.401   1.00 14.66 ? 93  THR A O     1 
ATOM   694 C  CB    . THR A 1 93  ? 9.344   -6.608  5.904   1.00 12.61 ? 93  THR A CB    1 
ATOM   695 O  OG1   . THR A 1 93  ? 8.130   -7.366  5.838   1.00 16.45 ? 93  THR A OG1   1 
ATOM   696 C  CG2   . THR A 1 93  ? 10.516  -7.575  5.965   1.00 14.25 ? 93  THR A CG2   1 
ATOM   697 N  N     . GLY A 1 94  ? 11.424  -5.160  8.232   1.00 14.18 ? 94  GLY A N     1 
ATOM   698 C  CA    . GLY A 1 94  ? 12.672  -4.430  8.387   1.00 14.88 ? 94  GLY A CA    1 
ATOM   699 C  C     . GLY A 1 94  ? 12.488  -3.078  9.048   1.00 16.88 ? 94  GLY A C     1 
ATOM   700 O  O     . GLY A 1 94  ? 13.410  -2.258  9.074   1.00 16.61 ? 94  GLY A O     1 
ATOM   701 N  N     . ALA A 1 95  ? 11.288  -2.841  9.572   1.00 15.18 ? 95  ALA A N     1 
ATOM   702 C  CA    . ALA A 1 95  ? 10.972  -1.589  10.249  1.00 13.60 ? 95  ALA A CA    1 
ATOM   703 C  C     . ALA A 1 95  ? 10.682  -1.853  11.723  1.00 14.04 ? 95  ALA A C     1 
ATOM   704 O  O     . ALA A 1 95  ? 10.108  -2.882  12.076  1.00 15.04 ? 95  ALA A O     1 
ATOM   705 C  CB    . ALA A 1 95  ? 9.767   -0.932  9.593   1.00 17.09 ? 95  ALA A CB    1 
ATOM   706 N  N     . SER A 1 96  ? 11.075  -0.916  12.577  1.00 17.97 ? 96  SER A N     1 
ATOM   707 C  CA    . SER A 1 96  ? 10.866  -1.048  14.013  1.00 22.22 ? 96  SER A CA    1 
ATOM   708 C  C     . SER A 1 96  ? 9.414   -0.826  14.434  1.00 20.43 ? 96  SER A C     1 
ATOM   709 O  O     . SER A 1 96  ? 8.696   -0.029  13.835  1.00 19.17 ? 96  SER A O     1 
ATOM   710 C  CB    . SER A 1 96  ? 11.763  -0.055  14.760  1.00 25.80 ? 96  SER A CB    1 
ATOM   711 O  OG    . SER A 1 96  ? 11.585  -0.167  16.161  1.00 45.09 ? 96  SER A OG    1 
ATOM   712 N  N     . GLY A 1 97  ? 8.989   -1.542  15.471  1.00 20.88 ? 97  GLY A N     1 
ATOM   713 C  CA    . GLY A 1 97  ? 7.632   -1.395  15.972  1.00 18.11 ? 97  GLY A CA    1 
ATOM   714 C  C     . GLY A 1 97  ? 6.564   -1.505  14.903  1.00 19.09 ? 97  GLY A C     1 
ATOM   715 O  O     . GLY A 1 97  ? 6.542   -2.468  14.138  1.00 23.01 ? 97  GLY A O     1 
ATOM   716 N  N     . ASN A 1 98  ? 5.672   -0.519  14.853  1.00 22.60 ? 98  ASN A N     1 
ATOM   717 C  CA    . ASN A 1 98  ? 4.600   -0.513  13.864  1.00 19.69 ? 98  ASN A CA    1 
ATOM   718 C  C     . ASN A 1 98  ? 4.930   0.479   12.751  1.00 16.51 ? 98  ASN A C     1 
ATOM   719 O  O     . ASN A 1 98  ? 4.048   0.918   12.011  1.00 17.87 ? 98  ASN A O     1 
ATOM   720 C  CB    . ASN A 1 98  ? 3.267   -0.120  14.509  1.00 21.96 ? 98  ASN A CB    1 
ATOM   721 C  CG    . ASN A 1 98  ? 2.944   -0.952  15.736  1.00 38.13 ? 98  ASN A CG    1 
ATOM   722 O  OD1   . ASN A 1 98  ? 3.194   -0.535  16.868  1.00 43.58 ? 98  ASN A OD1   1 
ATOM   723 N  ND2   . ASN A 1 98  ? 2.410   -2.147  15.515  1.00 36.32 ? 98  ASN A ND2   1 
ATOM   724 N  N     . ASN A 1 99  ? 6.206   0.829   12.637  1.00 13.89 ? 99  ASN A N     1 
ATOM   725 C  CA    . ASN A 1 99  ? 6.634   1.767   11.609  1.00 13.43 ? 99  ASN A CA    1 
ATOM   726 C  C     . ASN A 1 99  ? 6.740   1.080   10.254  1.00 14.52 ? 99  ASN A C     1 
ATOM   727 O  O     . ASN A 1 99  ? 6.600   -0.140  10.145  1.00 15.10 ? 99  ASN A O     1 
ATOM   728 C  CB    . ASN A 1 99  ? 7.993   2.376   11.970  1.00 18.05 ? 99  ASN A CB    1 
ATOM   729 C  CG    . ASN A 1 99  ? 7.947   3.184   13.250  1.00 26.98 ? 99  ASN A CG    1 
ATOM   730 O  OD1   . ASN A 1 99  ? 7.156   4.114   13.376  1.00 32.78 ? 99  ASN A OD1   1 
ATOM   731 N  ND2   . ASN A 1 99  ? 8.803   2.834   14.203  1.00 32.49 ? 99  ASN A ND2   1 
ATOM   732 N  N     . PHE A 1 100 ? 6.974   1.891   9.228   1.00 11.83 ? 100 PHE A N     1 
ATOM   733 C  CA    . PHE A 1 100 ? 7.135   1.426   7.850   1.00 14.06 ? 100 PHE A CA    1 
ATOM   734 C  C     . PHE A 1 100 ? 8.473   1.907   7.303   1.00 16.32 ? 100 PHE A C     1 
ATOM   735 O  O     . PHE A 1 100 ? 9.053   2.877   7.796   1.00 15.46 ? 100 PHE A O     1 
ATOM   736 C  CB    . PHE A 1 100 ? 6.057   2.024   6.937   1.00 14.81 ? 100 PHE A CB    1 
ATOM   737 C  CG    . PHE A 1 100 ? 4.693   1.415   7.088   1.00 12.61 ? 100 PHE A CG    1 
ATOM   738 C  CD1   . PHE A 1 100 ? 4.405   0.179   6.526   1.00 16.30 ? 100 PHE A CD1   1 
ATOM   739 C  CD2   . PHE A 1 100 ? 3.685   2.102   7.751   1.00 13.69 ? 100 PHE A CD2   1 
ATOM   740 C  CE1   . PHE A 1 100 ? 3.128   -0.367  6.619   1.00 15.53 ? 100 PHE A CE1   1 
ATOM   741 C  CE2   . PHE A 1 100 ? 2.400   1.563   7.852   1.00 16.48 ? 100 PHE A CE2   1 
ATOM   742 C  CZ    . PHE A 1 100 ? 2.123   0.329   7.283   1.00 17.63 ? 100 PHE A CZ    1 
ATOM   743 N  N     . VAL A 1 101 ? 8.954   1.210   6.282   1.00 13.29 ? 101 VAL A N     1 
ATOM   744 C  CA    . VAL A 1 101 ? 10.166  1.598   5.571   1.00 13.78 ? 101 VAL A CA    1 
ATOM   745 C  C     . VAL A 1 101 ? 9.750   1.447   4.119   1.00 19.40 ? 101 VAL A C     1 
ATOM   746 O  O     . VAL A 1 101 ? 8.809   0.709   3.817   1.00 15.07 ? 101 VAL A O     1 
ATOM   747 C  CB    . VAL A 1 101 ? 11.395  0.682   5.860   1.00 15.99 ? 101 VAL A CB    1 
ATOM   748 C  CG1   . VAL A 1 101 ? 11.867  0.882   7.294   1.00 16.70 ? 101 VAL A CG1   1 
ATOM   749 C  CG2   . VAL A 1 101 ? 11.046  -0.774  5.601   1.00 18.44 ? 101 VAL A CG2   1 
ATOM   750 N  N     . GLU A 1 102 ? 10.404  2.167   3.221   1.00 13.96 ? 102 GLU A N     1 
ATOM   751 C  CA    . GLU A 1 102 ? 10.058  2.064   1.815   1.00 15.59 ? 102 GLU A CA    1 
ATOM   752 C  C     . GLU A 1 102 ? 10.642  0.810   1.196   1.00 16.34 ? 102 GLU A C     1 
ATOM   753 O  O     . GLU A 1 102 ? 11.713  0.340   1.599   1.00 18.83 ? 102 GLU A O     1 
ATOM   754 C  CB    . GLU A 1 102 ? 10.568  3.273   1.026   1.00 20.49 ? 102 GLU A CB    1 
ATOM   755 C  CG    . GLU A 1 102 ? 9.965   4.600   1.436   1.00 26.69 ? 102 GLU A CG    1 
ATOM   756 C  CD    . GLU A 1 102 ? 10.241  5.693   0.423   1.00 37.77 ? 102 GLU A CD    1 
ATOM   757 O  OE1   . GLU A 1 102 ? 9.741   5.579   -0.717  1.00 42.11 ? 102 GLU A OE1   1 
ATOM   758 O  OE2   . GLU A 1 102 ? 10.961  6.656   0.759   1.00 40.94 ? 102 GLU A OE2   1 
ATOM   759 N  N     . CYS A 1 103 ? 9.925   0.253   0.226   1.00 15.17 ? 103 CYS A N     1 
ATOM   760 C  CA    . CYS A 1 103 ? 10.437  -0.910  -0.471  1.00 16.08 ? 103 CYS A CA    1 
ATOM   761 C  C     . CYS A 1 103 ? 11.378  -0.341  -1.518  1.00 22.19 ? 103 CYS A C     1 
ATOM   762 O  O     . CYS A 1 103 ? 11.101  0.700   -2.109  1.00 28.54 ? 103 CYS A O     1 
ATOM   763 C  CB    . CYS A 1 103 ? 9.306   -1.704  -1.122  1.00 17.22 ? 103 CYS A CB    1 
ATOM   764 S  SG    . CYS A 1 103 ? 8.091   -2.281  0.100   1.00 14.65 ? 103 CYS A SG    1 
ATOM   765 N  N     . THR A 1 104 ? 12.494  -1.021  -1.734  1.00 21.17 ? 104 THR A N     1 
ATOM   766 C  CA    . THR A 1 104 ? 13.502  -0.561  -2.679  1.00 26.35 ? 104 THR A CA    1 
ATOM   767 C  C     . THR A 1 104 ? 13.317  -1.056  -4.109  1.00 28.63 ? 104 THR A C     1 
ATOM   768 O  O     . THR A 1 104 ? 13.548  -0.249  -5.034  1.00 33.76 ? 104 THR A O     1 
ATOM   769 C  CB    . THR A 1 104 ? 14.905  -0.937  -2.180  1.00 29.86 ? 104 THR A CB    1 
ATOM   770 O  OG1   . THR A 1 104 ? 14.960  -2.343  -1.922  1.00 30.03 ? 104 THR A OG1   1 
ATOM   771 C  CG2   . THR A 1 104 ? 15.228  -0.182  -0.897  1.00 35.25 ? 104 THR A CG2   1 
ATOM   772 O  OXT   . THR A 1 104 ? 12.971  -2.242  -4.297  1.00 26.84 ? 104 THR A OXT   1 
HETATM 773 CA CA    . CA  B 2 .   ? 3.859   -10.572 -9.367  1.00 21.86 ? 105 CA  A CA    1 
HETATM 774 P  P     . 3GP C 3 .   ? -0.713  -1.543  11.094  1.00 43.89 ? 106 3GP A P     1 
HETATM 775 O  O1P   . 3GP C 3 .   ? -1.692  -2.620  11.337  1.00 43.97 ? 106 3GP A O1P   1 
HETATM 776 O  O2P   . 3GP C 3 .   ? -0.276  -1.449  9.680   1.00 36.61 ? 106 3GP A O2P   1 
HETATM 777 O  O3P   . 3GP C 3 .   ? 0.363   -1.437  12.114  1.00 41.90 ? 106 3GP A O3P   1 
HETATM 778 O  "O5'" . 3GP C 3 .   ? -0.125  2.635   14.618  1.00 51.13 ? 106 3GP A "O5'" 1 
HETATM 779 C  "C5'" . 3GP C 3 .   ? -0.016  1.820   13.444  1.00 46.89 ? 106 3GP A "C5'" 1 
HETATM 780 C  "C4'" . 3GP C 3 .   ? -1.294  1.819   12.588  1.00 40.74 ? 106 3GP A "C4'" 1 
HETATM 781 O  "O4'" . 3GP C 3 .   ? -1.644  3.166   12.260  1.00 37.52 ? 106 3GP A "O4'" 1 
HETATM 782 C  "C3'" . 3GP C 3 .   ? -1.037  1.114   11.256  1.00 39.82 ? 106 3GP A "C3'" 1 
HETATM 783 O  "O3'" . 3GP C 3 .   ? -1.588  -0.208  11.333  1.00 43.08 ? 106 3GP A "O3'" 1 
HETATM 784 C  "C2'" . 3GP C 3 .   ? -1.675  1.970   10.139  1.00 34.32 ? 106 3GP A "C2'" 1 
HETATM 785 O  "O2'" . 3GP C 3 .   ? -2.933  1.484   9.645   1.00 41.67 ? 106 3GP A "O2'" 1 
HETATM 786 C  "C1'" . 3GP C 3 .   ? -1.985  3.284   10.872  1.00 29.36 ? 106 3GP A "C1'" 1 
HETATM 787 N  N9    . 3GP C 3 .   ? -1.247  4.467   10.321  1.00 23.28 ? 106 3GP A N9    1 
HETATM 788 C  C8    . 3GP C 3 .   ? -1.841  5.570   9.750   1.00 24.12 ? 106 3GP A C8    1 
HETATM 789 N  N7    . 3GP C 3 .   ? -1.001  6.451   9.296   1.00 19.82 ? 106 3GP A N7    1 
HETATM 790 C  C5    . 3GP C 3 .   ? 0.248   5.899   9.587   1.00 15.13 ? 106 3GP A C5    1 
HETATM 791 C  C6    . 3GP C 3 .   ? 1.539   6.379   9.320   1.00 17.69 ? 106 3GP A C6    1 
HETATM 792 O  O6    . 3GP C 3 .   ? 1.802   7.415   8.753   1.00 20.30 ? 106 3GP A O6    1 
HETATM 793 N  N1    . 3GP C 3 .   ? 2.541   5.539   9.754   1.00 16.58 ? 106 3GP A N1    1 
HETATM 794 C  C2    . 3GP C 3 .   ? 2.343   4.349   10.391  1.00 16.85 ? 106 3GP A C2    1 
HETATM 795 N  N2    . 3GP C 3 .   ? 3.427   3.662   10.758  1.00 17.83 ? 106 3GP A N2    1 
HETATM 796 N  N3    . 3GP C 3 .   ? 1.124   3.884   10.644  1.00 16.66 ? 106 3GP A N3    1 
HETATM 797 C  C4    . 3GP C 3 .   ? 0.124   4.702   10.215  1.00 17.95 ? 106 3GP A C4    1 
HETATM 798 O  O     . HOH D 4 .   ? 1.803   -10.469 1.487   1.00 24.64 ? 201 HOH A O     1 
HETATM 799 O  O     . HOH D 4 .   ? 12.388  -4.371  4.099   1.00 25.49 ? 202 HOH A O     1 
HETATM 800 O  O     . HOH D 4 .   ? -1.498  -0.490  7.624   1.00 33.23 ? 203 HOH A O     1 
HETATM 801 O  O     . HOH D 4 .   ? 0.023   -5.963  9.619   1.00 38.80 ? 204 HOH A O     1 
HETATM 802 O  O     . HOH D 4 .   ? 15.634  -10.057 -14.291 1.00 28.20 ? 205 HOH A O     1 
HETATM 803 O  O     . HOH D 4 .   ? 15.667  -8.000  -8.198  1.00 22.63 ? 206 HOH A O     1 
HETATM 804 O  O     . HOH D 4 .   ? 15.168  -7.742  -5.330  1.00 25.11 ? 207 HOH A O     1 
HETATM 805 O  O     . HOH D 4 .   ? 13.610  -3.758  -6.322  1.00 26.09 ? 208 HOH A O     1 
HETATM 806 O  O     . HOH D 4 .   ? 9.484   -6.391  -11.964 1.00 23.73 ? 209 HOH A O     1 
HETATM 807 O  O     . HOH D 4 .   ? 13.153  -7.534  -15.030 1.00 33.83 ? 210 HOH A O     1 
HETATM 808 O  O     . HOH D 4 .   ? 7.896   -3.811  -15.025 1.00 27.27 ? 211 HOH A O     1 
HETATM 809 O  O     . HOH D 4 .   ? -19.756 4.520   2.464   1.00 25.78 ? 212 HOH A O     1 
HETATM 810 O  O     . HOH D 4 .   ? -21.136 1.534   -1.812  1.00 37.84 ? 213 HOH A O     1 
HETATM 811 O  O     . HOH D 4 .   ? -13.106 3.740   1.984   1.00 26.11 ? 214 HOH A O     1 
HETATM 812 O  O     . HOH D 4 .   ? -10.443 3.416   6.893   1.00 31.98 ? 215 HOH A O     1 
HETATM 813 O  O     . HOH D 4 .   ? 6.030   -10.649 -8.515  1.00 20.40 ? 216 HOH A O     1 
HETATM 814 O  O     . HOH D 4 .   ? 4.712   -12.624 -10.545 1.00 26.82 ? 217 HOH A O     1 
HETATM 815 O  O     . HOH D 4 .   ? 1.877   -11.655 -10.219 1.00 28.32 ? 218 HOH A O     1 
HETATM 816 O  O     . HOH D 4 .   ? 3.058   -10.535 -6.915  1.00 26.04 ? 219 HOH A O     1 
HETATM 817 O  O     . HOH D 4 .   ? 1.146   -8.843  -6.007  1.00 20.04 ? 220 HOH A O     1 
HETATM 818 O  O     . HOH D 4 .   ? -1.045  -7.098  -6.772  1.00 18.81 ? 221 HOH A O     1 
HETATM 819 O  O     . HOH D 4 .   ? 4.424   -9.733  -11.600 1.00 25.81 ? 222 HOH A O     1 
HETATM 820 O  O     . HOH D 4 .   ? 5.086   -4.785  -14.719 1.00 24.42 ? 223 HOH A O     1 
HETATM 821 O  O     . HOH D 4 .   ? 1.066   -8.373  -12.329 1.00 27.10 ? 224 HOH A O     1 
HETATM 822 O  O     . HOH D 4 .   ? -4.246  -5.852  -3.116  1.00 15.99 ? 225 HOH A O     1 
HETATM 823 O  O     . HOH D 4 .   ? -2.249  -7.467  -4.176  1.00 17.42 ? 226 HOH A O     1 
HETATM 824 O  O     . HOH D 4 .   ? 0.517   2.355   -10.440 1.00 37.91 ? 227 HOH A O     1 
HETATM 825 O  O     . HOH D 4 .   ? 5.411   1.508   -10.537 1.00 36.99 ? 228 HOH A O     1 
HETATM 826 O  O     . HOH D 4 .   ? 7.341   -1.264  -16.061 1.00 38.16 ? 229 HOH A O     1 
HETATM 827 O  O     . HOH D 4 .   ? 3.207   14.125  4.717   1.00 34.32 ? 230 HOH A O     1 
HETATM 828 O  O     . HOH D 4 .   ? 12.717  3.790   3.959   1.00 22.34 ? 231 HOH A O     1 
HETATM 829 O  O     . HOH D 4 .   ? 8.199   3.362   -3.005  1.00 33.71 ? 232 HOH A O     1 
HETATM 830 O  O     . HOH D 4 .   ? -7.389  -11.260 1.394   1.00 30.24 ? 233 HOH A O     1 
HETATM 831 O  O     . HOH D 4 .   ? -8.240  -8.460  8.857   1.00 24.57 ? 234 HOH A O     1 
HETATM 832 O  O     . HOH D 4 .   ? -2.749  11.618  4.510   1.00 27.88 ? 235 HOH A O     1 
HETATM 833 O  O     . HOH D 4 .   ? -8.686  5.363   7.859   1.00 31.52 ? 236 HOH A O     1 
HETATM 834 O  O     . HOH D 4 .   ? -10.683 5.199   1.886   1.00 30.38 ? 237 HOH A O     1 
HETATM 835 O  O     . HOH D 4 .   ? -6.141  -14.145 5.403   1.00 38.57 ? 238 HOH A O     1 
HETATM 836 O  O     . HOH D 4 .   ? 2.962   8.979   -9.085  1.00 40.47 ? 239 HOH A O     1 
HETATM 837 O  O     . HOH D 4 .   ? 12.199  1.626   11.321  1.00 32.02 ? 240 HOH A O     1 
HETATM 838 O  O     . HOH D 4 .   ? 7.489   -7.910  3.204   1.00 15.66 ? 241 HOH A O     1 
HETATM 839 O  O     . HOH D 4 .   ? -7.089  -5.548  8.084   1.00 29.95 ? 242 HOH A O     1 
HETATM 840 O  O     . HOH D 4 .   ? 1.263   -7.704  2.427   1.00 15.28 ? 243 HOH A O     1 
HETATM 841 O  O     . HOH D 4 .   ? -2.567  -3.943  13.383  1.00 28.52 ? 244 HOH A O     1 
HETATM 842 O  O     . HOH D 4 .   ? -13.396 -2.819  7.816   1.00 36.37 ? 245 HOH A O     1 
HETATM 843 O  O     . HOH D 4 .   ? -5.313  5.539   9.637   1.00 35.77 ? 246 HOH A O     1 
HETATM 844 O  O     . HOH D 4 .   ? -5.371  -6.300  10.153  1.00 35.06 ? 247 HOH A O     1 
HETATM 845 O  O     . HOH D 4 .   ? -1.146  -3.295  16.487  1.00 34.87 ? 248 HOH A O     1 
HETATM 846 O  O     . HOH D 4 .   ? 5.368   11.074  -9.691  1.00 50.21 ? 249 HOH A O     1 
HETATM 847 O  O     . HOH D 4 .   ? 5.878   9.878   -4.664  1.00 33.20 ? 250 HOH A O     1 
HETATM 848 O  O     . HOH D 4 .   ? -0.365  15.467  -6.573  1.00 41.98 ? 251 HOH A O     1 
HETATM 849 O  O     . HOH D 4 .   ? 0.187   6.585   -10.709 1.00 45.93 ? 252 HOH A O     1 
HETATM 850 O  O     . HOH D 4 .   ? 12.781  -2.215  2.304   1.00 34.53 ? 253 HOH A O     1 
HETATM 851 O  O     . HOH D 4 .   ? 10.477  1.142   -9.277  1.00 44.03 ? 254 HOH A O     1 
HETATM 852 O  O     . HOH D 4 .   ? -5.268  -11.709 2.764   1.00 31.36 ? 255 HOH A O     1 
HETATM 853 O  O     . HOH D 4 .   ? -13.845 -7.464  5.835   1.00 41.13 ? 256 HOH A O     1 
HETATM 854 O  O     . HOH D 4 .   ? -1.099  -8.998  -8.761  1.00 38.89 ? 257 HOH A O     1 
HETATM 855 O  O     . HOH D 4 .   ? -2.918  13.525  8.503   1.00 43.83 ? 258 HOH A O     1 
HETATM 856 O  O     . HOH D 4 .   ? 2.766   0.916   -10.860 1.00 33.02 ? 259 HOH A O     1 
HETATM 857 O  O     . HOH D 4 .   ? -13.377 4.824   4.852   1.00 37.86 ? 260 HOH A O     1 
HETATM 858 O  O     . HOH D 4 .   ? 5.308   -10.979 -4.914  1.00 37.93 ? 261 HOH A O     1 
HETATM 859 O  O     . HOH D 4 .   ? -7.377  -4.297  -10.026 1.00 43.93 ? 262 HOH A O     1 
HETATM 860 O  O     . HOH D 4 .   ? -4.702  13.595  -2.834  1.00 45.02 ? 263 HOH A O     1 
HETATM 861 O  O     . HOH D 4 .   ? 14.545  0.006   9.913   1.00 33.16 ? 264 HOH A O     1 
HETATM 862 O  O     . HOH D 4 .   ? -16.200 -1.657  8.819   1.00 32.83 ? 265 HOH A O     1 
HETATM 863 O  O     . HOH D 4 .   ? 9.701   14.626  5.659   1.00 32.68 ? 266 HOH A O     1 
HETATM 864 O  O     . HOH D 4 .   ? -1.653  -7.925  -12.122 1.00 35.23 ? 267 HOH A O     1 
HETATM 865 O  O     . HOH D 4 .   ? -9.916  1.765   -9.919  1.00 44.13 ? 268 HOH A O     1 
HETATM 866 O  O     . HOH D 4 .   ? -2.653  3.559   6.999   1.00 35.19 ? 269 HOH A O     1 
HETATM 867 O  O     . HOH D 4 .   ? -4.076  1.759   -10.761 1.00 44.40 ? 270 HOH A O     1 
HETATM 868 O  O     . HOH D 4 .   ? -15.551 -3.342  6.640   1.00 43.91 ? 271 HOH A O     1 
# 
